data_8VTB
#
_entry.id   8VTB
#
_cell.length_a   1.00
_cell.length_b   1.00
_cell.length_c   1.00
_cell.angle_alpha   90.00
_cell.angle_beta   90.00
_cell.angle_gamma   90.00
#
_symmetry.space_group_name_H-M   'P 1'
#
loop_
_entity.id
_entity.type
_entity.pdbx_description
1 polymer 'Transcriptional regulator, Crp/Fnr family'
2 non-polymer "ADENOSINE-3',5'-CYCLIC-MONOPHOSPHATE"
3 non-polymer 1,2-DIOLEOYL-SN-GLYCERO-3-PHOSPHOCHOLINE
#
_entity_poly.entity_id   1
_entity_poly.type   'polypeptide(L)'
_entity_poly.pdbx_seq_one_letter_code
;MAKDIGINSDPNSSSVMKSSGVSNPTYTLVWKVWILAVTLYYAIRIPLTLVFPSLFSPLLPLDILASLALIADIPLDLAF
ESRRTSGRKPTLLAPSRLPDLLAALPLDLLVFALHLPSPLSLLSLVRLLKLISVQASATAILSYRINPALLRLLSLVGFI
LLAAHGIACGWMSLQPPSENPAGTRYLSAFYWTITTLTTIGYGDITPSTPTQTVYTIVIELLGAAMYGLVIGNIASLVSK
LDAAKLLHRERVERVTAFLSYKRISPELQRRIIEYFDYLWETRRGYEEREVLKELPHPLRLAVAMEIHGDVIEKVPLFKG
AGEEFIRDIILHLEPVIYGPGEYIIRAGEMGSDVYFINRGSVEVLSADEKTRYAILSEGQFFGEMALILRAPRTATVRAR
AFCDLYRLDKETFDRILSRYPEIAAQIQELAVRRKELESSGLVPRGSVKHHHH
;
_entity_poly.pdbx_strand_id   A,B,C,D
#
# COMPACT_ATOMS: atom_id res chain seq x y z
N THR A 26 -36.45 8.40 -9.07
CA THR A 26 -36.41 8.98 -10.40
C THR A 26 -36.58 7.89 -11.46
N TYR A 27 -37.46 8.14 -12.43
CA TYR A 27 -37.83 7.10 -13.40
C TYR A 27 -36.69 6.78 -14.37
N THR A 28 -35.72 7.68 -14.53
CA THR A 28 -34.60 7.41 -15.42
C THR A 28 -33.78 6.23 -14.93
N LEU A 29 -33.58 6.12 -13.62
CA LEU A 29 -32.89 4.96 -13.06
C LEU A 29 -33.68 3.68 -13.31
N VAL A 30 -35.01 3.76 -13.24
CA VAL A 30 -35.83 2.59 -13.57
C VAL A 30 -35.67 2.23 -15.04
N TRP A 31 -35.53 3.23 -15.92
CA TRP A 31 -35.27 2.95 -17.33
C TRP A 31 -33.94 2.24 -17.51
N LYS A 32 -32.91 2.68 -16.77
CA LYS A 32 -31.61 2.01 -16.86
C LYS A 32 -31.69 0.59 -16.35
N VAL A 33 -32.47 0.34 -15.29
CA VAL A 33 -32.65 -1.03 -14.81
C VAL A 33 -33.39 -1.87 -15.84
N TRP A 34 -34.38 -1.28 -16.50
CA TRP A 34 -35.08 -1.98 -17.58
C TRP A 34 -34.13 -2.36 -18.69
N ILE A 35 -33.22 -1.47 -19.05
CA ILE A 35 -32.27 -1.76 -20.12
C ILE A 35 -31.23 -2.79 -19.64
N LEU A 36 -30.90 -2.78 -18.35
CA LEU A 36 -30.14 -3.90 -17.78
C LEU A 36 -30.85 -5.21 -18.05
N ALA A 37 -32.15 -5.27 -17.78
CA ALA A 37 -32.92 -6.48 -18.03
C ALA A 37 -32.92 -6.85 -19.51
N VAL A 38 -33.03 -5.86 -20.39
CA VAL A 38 -33.07 -6.13 -21.83
C VAL A 38 -31.73 -6.68 -22.31
N THR A 39 -30.62 -6.08 -21.87
CA THR A 39 -29.31 -6.55 -22.31
C THR A 39 -29.01 -7.93 -21.73
N LEU A 40 -29.48 -8.23 -20.52
CA LEU A 40 -29.33 -9.59 -20.00
C LEU A 40 -30.17 -10.57 -20.81
N TYR A 41 -31.38 -10.16 -21.20
CA TYR A 41 -32.22 -10.97 -22.07
C TYR A 41 -31.49 -11.31 -23.37
N TYR A 42 -30.87 -10.31 -23.99
CA TYR A 42 -30.16 -10.57 -25.24
C TYR A 42 -28.92 -11.43 -25.02
N ALA A 43 -28.15 -11.14 -23.97
CA ALA A 43 -26.95 -11.93 -23.70
C ALA A 43 -27.29 -13.40 -23.45
N ILE A 44 -28.48 -13.67 -22.91
CA ILE A 44 -28.93 -15.06 -22.77
C ILE A 44 -29.40 -15.62 -24.11
N ARG A 45 -30.25 -14.87 -24.82
CA ARG A 45 -30.99 -15.45 -25.93
C ARG A 45 -30.13 -15.62 -27.18
N ILE A 46 -29.27 -14.65 -27.48
CA ILE A 46 -28.61 -14.61 -28.79
C ILE A 46 -27.79 -15.87 -29.05
N PRO A 47 -26.85 -16.27 -28.19
CA PRO A 47 -26.15 -17.55 -28.45
C PRO A 47 -27.06 -18.76 -28.36
N LEU A 48 -28.05 -18.73 -27.45
CA LEU A 48 -28.97 -19.85 -27.31
C LEU A 48 -29.86 -19.98 -28.55
N THR A 49 -30.16 -18.86 -29.22
CA THR A 49 -30.83 -18.94 -30.52
C THR A 49 -29.87 -19.35 -31.63
N LEU A 50 -28.60 -18.95 -31.53
CA LEU A 50 -27.60 -19.37 -32.52
C LEU A 50 -27.43 -20.89 -32.51
N VAL A 51 -27.61 -21.52 -31.35
CA VAL A 51 -27.51 -22.97 -31.29
C VAL A 51 -28.87 -23.64 -31.50
N PHE A 52 -29.96 -22.96 -31.15
CA PHE A 52 -31.32 -23.48 -31.33
C PHE A 52 -32.13 -22.46 -32.14
N PRO A 53 -32.05 -22.52 -33.47
CA PRO A 53 -32.80 -21.56 -34.29
C PRO A 53 -34.30 -21.59 -34.03
N SER A 54 -34.86 -22.74 -33.68
CA SER A 54 -36.30 -22.85 -33.44
C SER A 54 -36.76 -21.97 -32.29
N LEU A 55 -35.85 -21.52 -31.43
CA LEU A 55 -36.19 -20.62 -30.34
C LEU A 55 -36.48 -19.21 -30.82
N PHE A 56 -36.17 -18.88 -32.06
CA PHE A 56 -36.32 -17.51 -32.55
C PHE A 56 -37.77 -17.03 -32.48
N SER A 57 -38.64 -17.67 -33.27
CA SER A 57 -40.00 -17.17 -33.44
C SER A 57 -40.84 -17.14 -32.16
N PRO A 58 -40.75 -18.14 -31.26
CA PRO A 58 -41.56 -18.05 -30.02
C PRO A 58 -41.26 -16.81 -29.19
N LEU A 59 -40.02 -16.33 -29.20
CA LEU A 59 -39.64 -15.14 -28.44
C LEU A 59 -39.57 -13.89 -29.29
N LEU A 60 -39.97 -13.97 -30.56
CA LEU A 60 -39.97 -12.81 -31.43
C LEU A 60 -40.75 -11.62 -30.86
N PRO A 61 -41.96 -11.76 -30.32
CA PRO A 61 -42.66 -10.59 -29.78
C PRO A 61 -41.92 -9.89 -28.66
N LEU A 62 -41.05 -10.60 -27.92
CA LEU A 62 -40.19 -9.92 -26.97
C LEU A 62 -39.03 -9.23 -27.68
N ASP A 63 -38.49 -9.85 -28.73
CA ASP A 63 -37.32 -9.31 -29.41
C ASP A 63 -37.62 -7.93 -29.97
N ILE A 64 -38.71 -7.80 -30.74
CA ILE A 64 -39.12 -6.49 -31.25
C ILE A 64 -39.39 -5.55 -30.09
N LEU A 65 -39.93 -6.07 -28.98
CA LEU A 65 -40.12 -5.24 -27.80
C LEU A 65 -38.78 -4.79 -27.23
N ALA A 66 -37.81 -5.69 -27.18
CA ALA A 66 -36.52 -5.34 -26.59
C ALA A 66 -35.72 -4.41 -27.49
N SER A 67 -35.65 -4.73 -28.78
CA SER A 67 -34.86 -3.91 -29.70
C SER A 67 -35.39 -2.49 -29.77
N LEU A 68 -36.72 -2.34 -29.75
CA LEU A 68 -37.31 -1.00 -29.69
C LEU A 68 -36.77 -0.23 -28.50
N ALA A 69 -36.73 -0.89 -27.34
CA ALA A 69 -36.19 -0.21 -26.15
C ALA A 69 -34.77 0.26 -26.42
N LEU A 70 -33.97 -0.56 -27.10
CA LEU A 70 -32.60 -0.17 -27.39
C LEU A 70 -32.58 1.05 -28.31
N ILE A 71 -33.42 1.06 -29.35
CA ILE A 71 -33.39 2.22 -30.24
C ILE A 71 -33.98 3.42 -29.51
N ALA A 72 -34.72 3.19 -28.43
CA ALA A 72 -35.20 4.30 -27.60
C ALA A 72 -34.08 4.91 -26.77
N ASP A 73 -32.98 4.20 -26.54
CA ASP A 73 -31.99 4.69 -25.58
C ASP A 73 -30.97 5.63 -26.18
N ILE A 74 -30.50 5.37 -27.41
CA ILE A 74 -29.35 6.11 -27.93
C ILE A 74 -29.63 7.60 -28.10
N PRO A 75 -30.87 8.07 -28.28
CA PRO A 75 -31.10 9.53 -28.19
C PRO A 75 -31.38 10.03 -26.79
N LEU A 76 -31.71 9.14 -25.85
CA LEU A 76 -32.18 9.57 -24.53
C LEU A 76 -31.04 10.13 -23.68
N ASP A 77 -29.95 9.38 -23.55
CA ASP A 77 -28.88 9.78 -22.63
C ASP A 77 -28.12 11.02 -23.08
N LEU A 78 -28.33 11.48 -24.33
CA LEU A 78 -27.76 12.75 -24.75
C LEU A 78 -28.27 13.91 -23.91
N ALA A 79 -29.45 13.78 -23.32
CA ALA A 79 -30.00 14.80 -22.44
C ALA A 79 -29.49 14.69 -21.01
N PHE A 80 -28.66 13.69 -20.72
CA PHE A 80 -28.16 13.46 -19.36
C PHE A 80 -26.64 13.39 -19.27
N GLU A 81 -25.91 13.35 -20.37
CA GLU A 81 -24.46 13.16 -20.32
C GLU A 81 -23.73 14.28 -19.59
N SER A 82 -24.33 15.45 -19.44
CA SER A 82 -23.71 16.55 -18.69
C SER A 82 -24.69 17.21 -17.72
N ARG A 83 -25.80 16.55 -17.42
CA ARG A 83 -26.81 17.12 -16.53
C ARG A 83 -26.34 17.07 -15.08
N PRO A 90 -23.99 14.56 -27.21
CA PRO A 90 -24.10 14.64 -28.67
C PRO A 90 -22.78 14.41 -29.39
N THR A 91 -21.79 13.87 -28.67
CA THR A 91 -20.51 13.56 -29.26
C THR A 91 -20.55 12.20 -29.94
N LEU A 92 -21.43 12.07 -30.96
CA LEU A 92 -21.63 10.79 -31.61
C LEU A 92 -20.38 10.30 -32.34
N LEU A 93 -19.44 11.19 -32.64
CA LEU A 93 -18.22 10.81 -33.35
C LEU A 93 -17.14 10.29 -32.41
N ALA A 94 -17.38 10.28 -31.11
CA ALA A 94 -16.39 9.86 -30.12
C ALA A 94 -16.46 8.35 -29.90
N PRO A 95 -15.39 7.75 -29.37
CA PRO A 95 -15.47 6.33 -29.00
C PRO A 95 -16.54 6.04 -27.96
N SER A 96 -16.75 6.95 -27.02
CA SER A 96 -17.91 6.84 -26.15
C SER A 96 -19.18 6.99 -26.98
N ARG A 97 -20.23 6.26 -26.60
CA ARG A 97 -21.52 6.18 -27.27
C ARG A 97 -21.44 5.40 -28.58
N LEU A 98 -20.26 4.93 -28.96
CA LEU A 98 -20.10 4.08 -30.13
C LEU A 98 -20.65 2.67 -29.87
N PRO A 99 -20.40 2.05 -28.72
CA PRO A 99 -20.98 0.72 -28.50
C PRO A 99 -22.50 0.74 -28.39
N ASP A 100 -23.05 1.86 -27.90
CA ASP A 100 -24.52 2.00 -27.79
C ASP A 100 -25.14 1.92 -29.19
N LEU A 101 -24.69 2.81 -30.10
CA LEU A 101 -25.27 2.84 -31.47
C LEU A 101 -24.91 1.53 -32.21
N LEU A 102 -23.69 1.04 -32.04
CA LEU A 102 -23.25 -0.21 -32.74
C LEU A 102 -24.14 -1.36 -32.25
N ALA A 103 -24.63 -1.31 -31.00
CA ALA A 103 -25.44 -2.41 -30.45
C ALA A 103 -26.93 -2.11 -30.61
N ALA A 104 -27.27 -1.02 -31.31
CA ALA A 104 -28.69 -0.64 -31.50
C ALA A 104 -29.16 -1.12 -32.88
N LEU A 105 -28.21 -1.56 -33.72
CA LEU A 105 -28.56 -2.03 -35.09
C LEU A 105 -29.36 -3.34 -34.98
N PRO A 106 -30.45 -3.52 -35.76
CA PRO A 106 -31.25 -4.73 -35.69
C PRO A 106 -30.61 -5.89 -36.44
N LEU A 107 -29.31 -6.11 -36.21
CA LEU A 107 -28.57 -7.19 -36.93
C LEU A 107 -29.13 -8.56 -36.52
N ASP A 108 -29.41 -8.76 -35.23
CA ASP A 108 -29.89 -10.08 -34.74
C ASP A 108 -31.15 -10.49 -35.52
N LEU A 109 -32.13 -9.59 -35.62
CA LEU A 109 -33.41 -9.93 -36.31
C LEU A 109 -33.09 -10.40 -37.73
N LEU A 110 -32.29 -9.63 -38.46
CA LEU A 110 -31.98 -9.99 -39.87
C LEU A 110 -31.27 -11.34 -39.91
N VAL A 111 -30.24 -11.53 -39.08
CA VAL A 111 -29.44 -12.80 -39.11
C VAL A 111 -30.38 -13.98 -38.87
N PHE A 112 -31.26 -13.89 -37.87
CA PHE A 112 -32.15 -15.04 -37.53
C PHE A 112 -33.18 -15.23 -38.65
N ALA A 113 -33.75 -14.13 -39.15
CA ALA A 113 -34.79 -14.23 -40.20
C ALA A 113 -34.18 -14.80 -41.50
N LEU A 114 -32.94 -14.40 -41.82
CA LEU A 114 -32.32 -14.85 -43.09
C LEU A 114 -31.78 -16.28 -42.94
N HIS A 115 -31.73 -16.80 -41.71
CA HIS A 115 -31.16 -18.16 -41.49
C HIS A 115 -29.85 -18.25 -42.29
N LEU A 116 -29.19 -17.12 -42.49
CA LEU A 116 -27.94 -17.07 -43.23
C LEU A 116 -26.85 -17.88 -42.52
N PRO A 117 -25.79 -18.26 -43.25
CA PRO A 117 -24.79 -19.19 -42.69
C PRO A 117 -24.13 -18.69 -41.41
N SER A 118 -23.75 -19.65 -40.56
CA SER A 118 -23.19 -19.38 -39.24
C SER A 118 -21.98 -18.43 -39.25
N PRO A 119 -20.99 -18.58 -40.13
CA PRO A 119 -19.85 -17.65 -40.07
C PRO A 119 -20.25 -16.18 -40.23
N LEU A 120 -21.32 -15.91 -40.98
CA LEU A 120 -21.89 -14.57 -41.01
C LEU A 120 -22.95 -14.38 -39.93
N SER A 121 -23.59 -15.47 -39.49
CA SER A 121 -24.58 -15.38 -38.42
C SER A 121 -23.96 -14.90 -37.12
N LEU A 122 -22.66 -15.13 -36.92
CA LEU A 122 -21.99 -14.69 -35.70
C LEU A 122 -22.09 -13.19 -35.48
N LEU A 123 -22.35 -12.41 -36.53
CA LEU A 123 -22.49 -10.97 -36.39
C LEU A 123 -23.70 -10.59 -35.55
N SER A 124 -24.62 -11.53 -35.31
CA SER A 124 -25.76 -11.27 -34.43
C SER A 124 -25.31 -10.85 -33.04
N LEU A 125 -24.11 -11.27 -32.63
CA LEU A 125 -23.59 -10.97 -31.31
C LEU A 125 -23.24 -9.50 -31.12
N VAL A 126 -23.26 -8.69 -32.19
CA VAL A 126 -22.85 -7.30 -32.09
C VAL A 126 -23.73 -6.54 -31.09
N ARG A 127 -24.95 -7.00 -30.87
CA ARG A 127 -25.84 -6.35 -29.92
C ARG A 127 -25.30 -6.42 -28.50
N LEU A 128 -24.46 -7.42 -28.21
CA LEU A 128 -23.95 -7.61 -26.87
C LEU A 128 -22.96 -6.53 -26.44
N LEU A 129 -22.55 -5.66 -27.36
CA LEU A 129 -21.69 -4.53 -26.99
C LEU A 129 -22.42 -3.55 -26.08
N LYS A 130 -23.74 -3.67 -25.96
CA LYS A 130 -24.47 -2.87 -24.98
C LYS A 130 -24.03 -3.20 -23.55
N LEU A 131 -23.39 -4.36 -23.37
CA LEU A 131 -23.02 -4.80 -22.03
C LEU A 131 -22.04 -3.84 -21.36
N ILE A 132 -21.05 -3.32 -22.10
CA ILE A 132 -20.08 -2.43 -21.47
C ILE A 132 -20.73 -1.11 -21.09
N SER A 133 -21.64 -0.59 -21.93
CA SER A 133 -22.33 0.64 -21.57
C SER A 133 -23.24 0.43 -20.37
N VAL A 134 -23.90 -0.72 -20.30
CA VAL A 134 -24.75 -1.02 -19.15
C VAL A 134 -23.91 -1.18 -17.89
N GLN A 135 -22.72 -1.77 -18.02
CA GLN A 135 -21.80 -1.87 -16.89
C GLN A 135 -21.36 -0.49 -16.43
N ALA A 136 -21.06 0.41 -17.35
CA ALA A 136 -20.69 1.77 -16.98
C ALA A 136 -21.84 2.47 -16.26
N SER A 137 -23.07 2.31 -16.77
CA SER A 137 -24.23 2.92 -16.14
C SER A 137 -24.44 2.37 -14.73
N ALA A 138 -24.37 1.05 -14.58
CA ALA A 138 -24.57 0.44 -13.27
C ALA A 138 -23.48 0.87 -12.30
N THR A 139 -22.23 0.99 -12.79
CA THR A 139 -21.15 1.48 -11.95
C THR A 139 -21.40 2.91 -11.52
N ALA A 140 -21.96 3.74 -12.40
CA ALA A 140 -22.20 5.14 -12.04
C ALA A 140 -23.39 5.29 -11.10
N ILE A 141 -24.40 4.44 -11.20
CA ILE A 141 -25.55 4.55 -10.30
C ILE A 141 -25.38 3.75 -9.01
N LEU A 142 -24.31 2.94 -8.91
CA LEU A 142 -23.96 2.28 -7.66
C LEU A 142 -22.56 2.64 -7.19
N SER A 143 -22.02 3.77 -7.65
CA SER A 143 -20.66 4.18 -7.28
C SER A 143 -20.56 4.73 -5.86
N TYR A 144 -21.67 4.95 -5.19
CA TYR A 144 -21.69 5.61 -3.89
C TYR A 144 -22.11 4.71 -2.75
N ARG A 145 -23.12 3.86 -2.97
CA ARG A 145 -23.59 2.96 -1.93
C ARG A 145 -22.72 1.72 -1.77
N ILE A 146 -21.86 1.43 -2.75
CA ILE A 146 -21.13 0.17 -2.80
C ILE A 146 -19.63 0.45 -2.93
N ASN A 147 -18.84 -0.34 -2.21
CA ASN A 147 -17.39 -0.24 -2.30
C ASN A 147 -16.95 -0.48 -3.75
N PRO A 148 -16.16 0.41 -4.35
CA PRO A 148 -15.76 0.24 -5.75
C PRO A 148 -15.09 -1.09 -6.05
N ALA A 149 -14.24 -1.59 -5.16
CA ALA A 149 -13.60 -2.89 -5.39
C ALA A 149 -14.63 -4.01 -5.43
N LEU A 150 -15.57 -3.99 -4.49
CA LEU A 150 -16.64 -4.98 -4.49
C LEU A 150 -17.53 -4.83 -5.71
N LEU A 151 -17.76 -3.59 -6.15
CA LEU A 151 -18.55 -3.37 -7.36
C LEU A 151 -17.88 -3.97 -8.58
N ARG A 152 -16.55 -3.77 -8.70
CA ARG A 152 -15.82 -4.35 -9.81
C ARG A 152 -15.85 -5.88 -9.75
N LEU A 153 -15.71 -6.44 -8.54
CA LEU A 153 -15.77 -7.88 -8.39
C LEU A 153 -17.12 -8.44 -8.82
N LEU A 154 -18.21 -7.78 -8.40
CA LEU A 154 -19.54 -8.25 -8.78
C LEU A 154 -19.77 -8.13 -10.28
N SER A 155 -19.31 -7.03 -10.89
CA SER A 155 -19.43 -6.88 -12.34
C SER A 155 -18.65 -7.97 -13.06
N LEU A 156 -17.45 -8.28 -12.58
CA LEU A 156 -16.65 -9.34 -13.17
C LEU A 156 -17.36 -10.69 -13.06
N VAL A 157 -17.97 -10.96 -11.91
CA VAL A 157 -18.67 -12.23 -11.71
C VAL A 157 -19.84 -12.34 -12.67
N GLY A 158 -20.62 -11.27 -12.82
CA GLY A 158 -21.72 -11.29 -13.77
C GLY A 158 -21.25 -11.48 -15.20
N PHE A 159 -20.19 -10.77 -15.58
CA PHE A 159 -19.62 -10.95 -16.91
C PHE A 159 -19.15 -12.38 -17.12
N ILE A 160 -18.55 -12.99 -16.08
CA ILE A 160 -18.07 -14.36 -16.21
C ILE A 160 -19.22 -15.33 -16.37
N LEU A 161 -20.34 -15.10 -15.66
CA LEU A 161 -21.48 -15.98 -15.85
C LEU A 161 -22.05 -15.87 -17.26
N LEU A 162 -22.14 -14.64 -17.78
CA LEU A 162 -22.64 -14.47 -19.15
C LEU A 162 -21.69 -15.10 -20.16
N ALA A 163 -20.39 -14.90 -19.96
CA ALA A 163 -19.39 -15.51 -20.84
C ALA A 163 -19.45 -17.02 -20.78
N ALA A 164 -19.68 -17.59 -19.59
CA ALA A 164 -19.85 -19.03 -19.45
C ALA A 164 -21.04 -19.52 -20.26
N HIS A 165 -22.15 -18.79 -20.21
CA HIS A 165 -23.30 -19.14 -21.04
C HIS A 165 -22.92 -19.13 -22.52
N GLY A 166 -22.24 -18.07 -22.97
CA GLY A 166 -21.85 -17.99 -24.37
C GLY A 166 -20.89 -19.10 -24.77
N ILE A 167 -19.93 -19.42 -23.91
CA ILE A 167 -18.95 -20.46 -24.21
C ILE A 167 -19.61 -21.84 -24.24
N ALA A 168 -20.59 -22.07 -23.36
CA ALA A 168 -21.35 -23.32 -23.42
C ALA A 168 -22.12 -23.41 -24.73
N CYS A 169 -22.68 -22.29 -25.18
CA CYS A 169 -23.37 -22.31 -26.47
C CYS A 169 -22.40 -22.61 -27.61
N GLY A 170 -21.20 -22.02 -27.57
CA GLY A 170 -20.21 -22.36 -28.59
C GLY A 170 -19.83 -23.83 -28.57
N TRP A 171 -19.65 -24.38 -27.35
CA TRP A 171 -19.32 -25.79 -27.21
C TRP A 171 -20.40 -26.67 -27.80
N MET A 172 -21.67 -26.34 -27.55
CA MET A 172 -22.76 -27.06 -28.19
C MET A 172 -22.70 -26.91 -29.71
N SER A 173 -22.33 -25.72 -30.18
CA SER A 173 -22.29 -25.48 -31.62
C SER A 173 -21.21 -26.33 -32.29
N LEU A 174 -20.14 -26.65 -31.57
CA LEU A 174 -19.12 -27.53 -32.13
C LEU A 174 -19.34 -29.01 -31.84
N GLN A 175 -20.38 -29.36 -31.09
CA GLN A 175 -20.62 -30.76 -30.77
C GLN A 175 -21.28 -31.49 -31.94
N PRO A 176 -20.99 -32.78 -32.11
CA PRO A 176 -21.65 -33.57 -33.15
C PRO A 176 -23.15 -33.64 -32.90
N PRO A 177 -23.95 -33.69 -33.97
CA PRO A 177 -25.40 -33.82 -33.79
C PRO A 177 -25.77 -35.08 -33.02
N SER A 178 -26.83 -34.98 -32.22
CA SER A 178 -27.29 -36.11 -31.43
C SER A 178 -28.76 -35.91 -31.10
N GLU A 179 -29.40 -36.99 -30.64
CA GLU A 179 -30.80 -36.96 -30.25
C GLU A 179 -31.00 -36.52 -28.81
N ASN A 180 -29.94 -36.15 -28.10
CA ASN A 180 -30.07 -35.76 -26.71
C ASN A 180 -30.97 -34.53 -26.57
N PRO A 181 -31.79 -34.46 -25.53
CA PRO A 181 -32.63 -33.28 -25.32
C PRO A 181 -31.78 -32.03 -25.16
N ALA A 182 -32.31 -30.90 -25.64
CA ALA A 182 -31.56 -29.64 -25.60
C ALA A 182 -31.16 -29.28 -24.18
N GLY A 183 -32.00 -29.59 -23.19
CA GLY A 183 -31.66 -29.27 -21.82
C GLY A 183 -30.44 -30.02 -21.32
N THR A 184 -30.35 -31.31 -21.63
CA THR A 184 -29.19 -32.09 -21.22
C THR A 184 -27.93 -31.65 -21.96
N ARG A 185 -28.08 -31.29 -23.23
CA ARG A 185 -26.95 -30.78 -24.01
C ARG A 185 -26.41 -29.48 -23.40
N TYR A 186 -27.31 -28.56 -23.08
CA TYR A 186 -26.89 -27.30 -22.45
C TYR A 186 -26.27 -27.57 -21.08
N LEU A 187 -26.84 -28.50 -20.32
CA LEU A 187 -26.28 -28.81 -19.01
C LEU A 187 -24.87 -29.36 -19.12
N SER A 188 -24.64 -30.27 -20.09
CA SER A 188 -23.31 -30.82 -20.27
C SER A 188 -22.32 -29.75 -20.73
N ALA A 189 -22.74 -28.87 -21.65
CA ALA A 189 -21.85 -27.82 -22.12
C ALA A 189 -21.52 -26.84 -21.00
N PHE A 190 -22.51 -26.47 -20.20
CA PHE A 190 -22.26 -25.55 -19.08
C PHE A 190 -21.38 -26.21 -18.03
N TYR A 191 -21.58 -27.50 -17.79
CA TYR A 191 -20.70 -28.24 -16.89
C TYR A 191 -19.26 -28.19 -17.38
N TRP A 192 -19.05 -28.44 -18.68
CA TRP A 192 -17.70 -28.37 -19.24
C TRP A 192 -17.10 -26.98 -19.08
N THR A 193 -17.86 -25.94 -19.43
CA THR A 193 -17.28 -24.60 -19.41
C THR A 193 -17.01 -24.12 -17.99
N ILE A 194 -17.85 -24.50 -17.03
CA ILE A 194 -17.57 -24.16 -15.64
C ILE A 194 -16.36 -24.94 -15.14
N THR A 195 -16.24 -26.21 -15.54
CA THR A 195 -15.09 -27.01 -15.15
C THR A 195 -13.79 -26.42 -15.69
N THR A 196 -13.85 -25.83 -16.89
CA THR A 196 -12.66 -25.25 -17.50
C THR A 196 -12.33 -23.87 -16.93
N LEU A 197 -13.33 -23.00 -16.80
CA LEU A 197 -13.09 -21.64 -16.34
C LEU A 197 -12.58 -21.62 -14.90
N THR A 198 -13.12 -22.49 -14.04
CA THR A 198 -12.65 -22.59 -12.67
C THR A 198 -11.32 -23.31 -12.57
N THR A 199 -10.78 -23.81 -13.68
CA THR A 199 -9.50 -24.50 -13.76
C THR A 199 -9.49 -25.81 -12.96
N ILE A 200 -10.67 -26.32 -12.60
CA ILE A 200 -10.72 -27.60 -11.90
C ILE A 200 -10.35 -28.74 -12.84
N GLY A 201 -10.96 -28.78 -14.02
CA GLY A 201 -10.52 -29.67 -15.07
C GLY A 201 -10.62 -31.16 -14.78
N TYR A 202 -11.83 -31.65 -14.47
CA TYR A 202 -12.01 -33.10 -14.30
C TYR A 202 -11.58 -33.88 -15.54
N GLY A 203 -11.84 -33.34 -16.73
CA GLY A 203 -11.47 -34.03 -17.95
C GLY A 203 -12.38 -35.17 -18.34
N ASP A 204 -13.56 -35.26 -17.72
CA ASP A 204 -14.54 -36.26 -18.17
C ASP A 204 -15.19 -35.85 -19.48
N ILE A 205 -15.25 -34.55 -19.76
CA ILE A 205 -15.65 -34.01 -21.06
C ILE A 205 -14.44 -33.32 -21.66
N THR A 206 -14.02 -33.76 -22.84
CA THR A 206 -12.81 -33.26 -23.48
C THR A 206 -13.07 -33.11 -24.97
N PRO A 207 -12.33 -32.24 -25.64
CA PRO A 207 -12.49 -32.10 -27.11
C PRO A 207 -12.08 -33.36 -27.83
N SER A 208 -12.88 -33.77 -28.81
CA SER A 208 -12.60 -34.96 -29.61
C SER A 208 -12.17 -34.65 -31.03
N THR A 209 -12.26 -33.40 -31.47
CA THR A 209 -11.97 -33.03 -32.85
C THR A 209 -11.02 -31.83 -32.84
N PRO A 210 -10.27 -31.63 -33.93
CA PRO A 210 -9.33 -30.50 -33.96
C PRO A 210 -9.97 -29.14 -33.73
N THR A 211 -11.16 -28.89 -34.30
CA THR A 211 -11.83 -27.62 -34.05
C THR A 211 -12.24 -27.50 -32.59
N GLN A 212 -12.73 -28.58 -31.99
CA GLN A 212 -13.01 -28.57 -30.56
C GLN A 212 -11.73 -28.39 -29.75
N THR A 213 -10.60 -28.89 -30.25
CA THR A 213 -9.35 -28.72 -29.53
C THR A 213 -8.90 -27.26 -29.55
N VAL A 214 -9.00 -26.61 -30.71
CA VAL A 214 -8.65 -25.19 -30.79
C VAL A 214 -9.58 -24.36 -29.91
N TYR A 215 -10.87 -24.65 -29.95
CA TYR A 215 -11.82 -23.96 -29.08
C TYR A 215 -11.48 -24.19 -27.62
N THR A 216 -11.11 -25.42 -27.27
CA THR A 216 -10.74 -25.73 -25.89
C THR A 216 -9.51 -24.94 -25.47
N ILE A 217 -8.52 -24.83 -26.35
CA ILE A 217 -7.32 -24.05 -26.02
C ILE A 217 -7.69 -22.59 -25.76
N VAL A 218 -8.52 -22.02 -26.63
CA VAL A 218 -8.92 -20.63 -26.47
C VAL A 218 -9.68 -20.45 -25.15
N ILE A 219 -10.62 -21.35 -24.87
CA ILE A 219 -11.41 -21.25 -23.65
C ILE A 219 -10.54 -21.50 -22.42
N GLU A 220 -9.52 -22.35 -22.52
CA GLU A 220 -8.62 -22.55 -21.40
C GLU A 220 -7.84 -21.28 -21.08
N LEU A 221 -7.33 -20.61 -22.11
CA LEU A 221 -6.64 -19.34 -21.88
C LEU A 221 -7.59 -18.30 -21.29
N LEU A 222 -8.81 -18.21 -21.84
CA LEU A 222 -9.78 -17.24 -21.34
C LEU A 222 -10.16 -17.54 -19.90
N GLY A 223 -10.36 -18.82 -19.56
CA GLY A 223 -10.71 -19.17 -18.20
C GLY A 223 -9.58 -18.91 -17.22
N ALA A 224 -8.33 -19.18 -17.63
CA ALA A 224 -7.20 -18.84 -16.79
C ALA A 224 -7.14 -17.35 -16.52
N ALA A 225 -7.35 -16.54 -17.57
CA ALA A 225 -7.34 -15.09 -17.39
C ALA A 225 -8.49 -14.64 -16.48
N MET A 226 -9.68 -15.19 -16.69
CA MET A 226 -10.84 -14.80 -15.88
C MET A 226 -10.64 -15.18 -14.41
N TYR A 227 -10.11 -16.37 -14.15
CA TYR A 227 -9.89 -16.79 -12.77
C TYR A 227 -8.77 -16.00 -12.12
N GLY A 228 -7.74 -15.63 -12.89
CA GLY A 228 -6.74 -14.73 -12.35
C GLY A 228 -7.31 -13.36 -12.02
N LEU A 229 -8.22 -12.87 -12.86
CA LEU A 229 -8.90 -11.62 -12.56
C LEU A 229 -9.72 -11.73 -11.28
N VAL A 230 -10.43 -12.85 -11.12
CA VAL A 230 -11.22 -13.06 -9.91
C VAL A 230 -10.32 -13.07 -8.68
N ILE A 231 -9.21 -13.80 -8.75
CA ILE A 231 -8.30 -13.89 -7.61
C ILE A 231 -7.71 -12.52 -7.29
N GLY A 232 -7.30 -11.77 -8.33
CA GLY A 232 -6.75 -10.44 -8.10
C GLY A 232 -7.75 -9.50 -7.48
N ASN A 233 -9.00 -9.53 -7.96
CA ASN A 233 -10.03 -8.67 -7.40
C ASN A 233 -10.33 -9.03 -5.95
N ILE A 234 -10.40 -10.33 -5.64
CA ILE A 234 -10.62 -10.75 -4.26
C ILE A 234 -9.45 -10.32 -3.37
N ALA A 235 -8.23 -10.49 -3.87
CA ALA A 235 -7.05 -10.10 -3.08
C ALA A 235 -7.06 -8.61 -2.80
N SER A 236 -7.34 -7.80 -3.82
CA SER A 236 -7.43 -6.35 -3.64
C SER A 236 -8.50 -5.99 -2.62
N LEU A 237 -9.68 -6.61 -2.75
CA LEU A 237 -10.78 -6.33 -1.82
C LEU A 237 -10.39 -6.66 -0.38
N VAL A 238 -9.83 -7.85 -0.15
CA VAL A 238 -9.55 -8.29 1.20
C VAL A 238 -8.32 -7.62 1.79
N SER A 239 -7.39 -7.13 0.96
CA SER A 239 -6.22 -6.44 1.49
C SER A 239 -6.53 -5.08 2.07
N LYS A 240 -7.73 -4.54 1.83
CA LYS A 240 -8.11 -3.21 2.26
C LYS A 240 -9.11 -3.21 3.42
N LEU A 241 -9.49 -4.40 3.91
CA LEU A 241 -10.59 -4.49 4.86
C LEU A 241 -10.25 -3.81 6.19
N ASP A 242 -9.10 -4.17 6.77
CA ASP A 242 -8.73 -3.72 8.11
C ASP A 242 -7.74 -2.55 8.10
N ALA A 243 -7.92 -1.61 7.17
CA ALA A 243 -6.95 -0.53 7.00
C ALA A 243 -6.73 0.24 8.30
N ALA A 244 -7.81 0.64 8.97
CA ALA A 244 -7.68 1.40 10.21
C ALA A 244 -7.02 0.57 11.30
N LYS A 245 -7.47 -0.68 11.45
CA LYS A 245 -6.91 -1.54 12.50
C LYS A 245 -5.44 -1.84 12.23
N LEU A 246 -5.08 -2.08 10.97
CA LEU A 246 -3.69 -2.35 10.65
C LEU A 246 -2.82 -1.12 10.83
N LEU A 247 -3.34 0.07 10.50
CA LEU A 247 -2.60 1.30 10.78
C LEU A 247 -2.38 1.48 12.27
N HIS A 248 -3.41 1.22 13.08
CA HIS A 248 -3.26 1.34 14.53
C HIS A 248 -2.24 0.34 15.04
N ARG A 249 -2.29 -0.89 14.54
CA ARG A 249 -1.33 -1.91 14.98
C ARG A 249 0.09 -1.54 14.60
N GLU A 250 0.31 -1.06 13.37
CA GLU A 250 1.66 -0.69 12.97
C GLU A 250 2.16 0.49 13.79
N ARG A 251 1.27 1.44 14.11
CA ARG A 251 1.64 2.55 14.99
C ARG A 251 2.07 2.05 16.36
N VAL A 252 1.27 1.15 16.95
CA VAL A 252 1.55 0.66 18.29
C VAL A 252 2.83 -0.16 18.33
N GLU A 253 3.03 -1.01 17.32
CA GLU A 253 4.28 -1.77 17.24
C GLU A 253 5.48 -0.86 17.08
N ARG A 254 5.39 0.15 16.22
CA ARG A 254 6.51 1.09 16.08
C ARG A 254 6.84 1.75 17.41
N VAL A 255 5.81 2.26 18.10
CA VAL A 255 6.04 2.96 19.36
C VAL A 255 6.61 2.00 20.41
N THR A 256 6.05 0.80 20.50
CA THR A 256 6.51 -0.16 21.50
C THR A 256 7.95 -0.60 21.24
N ALA A 257 8.29 -0.87 19.98
CA ALA A 257 9.66 -1.24 19.65
C ALA A 257 10.62 -0.10 20.00
N PHE A 258 10.26 1.13 19.64
CA PHE A 258 11.15 2.25 19.96
C PHE A 258 11.32 2.41 21.46
N LEU A 259 10.23 2.30 22.23
CA LEU A 259 10.34 2.41 23.67
C LEU A 259 11.14 1.27 24.27
N SER A 260 11.07 0.08 23.66
CA SER A 260 11.89 -1.03 24.11
C SER A 260 13.37 -0.75 23.87
N TYR A 261 13.70 -0.11 22.73
CA TYR A 261 15.08 0.30 22.50
C TYR A 261 15.54 1.30 23.55
N LYS A 262 14.70 2.27 23.90
CA LYS A 262 15.03 3.27 24.91
C LYS A 262 14.99 2.73 26.32
N ARG A 263 14.75 1.44 26.53
CA ARG A 263 14.75 0.81 27.86
C ARG A 263 13.72 1.45 28.78
N ILE A 264 12.57 1.82 28.22
CA ILE A 264 11.48 2.36 29.02
C ILE A 264 10.95 1.28 29.96
N SER A 265 10.60 1.68 31.18
CA SER A 265 10.10 0.73 32.17
C SER A 265 8.76 0.17 31.73
N PRO A 266 8.47 -1.09 32.08
CA PRO A 266 7.20 -1.71 31.65
C PRO A 266 5.94 -1.05 32.19
N GLU A 267 5.99 -0.33 33.31
CA GLU A 267 4.79 0.36 33.79
C GLU A 267 4.38 1.47 32.82
N LEU A 268 5.33 2.30 32.42
CA LEU A 268 5.03 3.37 31.45
C LEU A 268 4.60 2.77 30.12
N GLN A 269 5.24 1.67 29.71
CA GLN A 269 4.82 1.01 28.48
C GLN A 269 3.39 0.50 28.58
N ARG A 270 3.01 -0.03 29.75
CA ARG A 270 1.63 -0.47 29.95
C ARG A 270 0.67 0.71 29.88
N ARG A 271 1.04 1.84 30.48
CA ARG A 271 0.19 3.03 30.41
C ARG A 271 0.02 3.50 28.97
N ILE A 272 1.09 3.44 28.19
CA ILE A 272 1.00 3.86 26.79
C ILE A 272 0.15 2.89 25.98
N ILE A 273 0.28 1.59 26.26
CA ILE A 273 -0.52 0.58 25.58
C ILE A 273 -1.99 0.78 25.88
N GLU A 274 -2.32 1.03 27.15
CA GLU A 274 -3.73 1.25 27.49
C GLU A 274 -4.24 2.57 26.93
N TYR A 275 -3.35 3.57 26.77
CA TYR A 275 -3.76 4.78 26.06
C TYR A 275 -4.12 4.47 24.61
N PHE A 276 -3.31 3.68 23.92
CA PHE A 276 -3.65 3.33 22.55
C PHE A 276 -4.91 2.47 22.48
N ASP A 277 -5.13 1.61 23.48
CA ASP A 277 -6.37 0.85 23.56
C ASP A 277 -7.57 1.78 23.67
N TYR A 278 -7.46 2.79 24.53
CA TYR A 278 -8.52 3.79 24.64
C TYR A 278 -8.74 4.52 23.32
N LEU A 279 -7.64 4.91 22.66
CA LEU A 279 -7.77 5.65 21.41
C LEU A 279 -8.47 4.82 20.35
N TRP A 280 -8.13 3.53 20.26
CA TRP A 280 -8.80 2.65 19.32
C TRP A 280 -10.27 2.47 19.68
N GLU A 281 -10.57 2.13 20.93
CA GLU A 281 -11.94 1.81 21.29
C GLU A 281 -12.85 3.03 21.23
N THR A 282 -12.28 4.24 21.31
CA THR A 282 -13.13 5.42 21.23
C THR A 282 -13.23 5.94 19.80
N ARG A 283 -12.09 6.14 19.11
CA ARG A 283 -12.14 6.86 17.84
C ARG A 283 -11.27 6.21 16.77
N ARG A 284 -11.10 4.89 16.83
CA ARG A 284 -10.41 4.13 15.79
C ARG A 284 -8.97 4.60 15.57
N GLY A 285 -8.37 5.22 16.60
CA GLY A 285 -6.99 5.63 16.52
C GLY A 285 -6.73 6.89 15.72
N TYR A 286 -7.77 7.57 15.25
CA TYR A 286 -7.60 8.78 14.46
C TYR A 286 -7.21 9.97 15.34
N GLU A 287 -6.28 10.78 14.83
CA GLU A 287 -5.83 11.98 15.52
C GLU A 287 -6.76 13.14 15.19
N GLU A 288 -7.32 13.77 16.23
CA GLU A 288 -8.17 14.95 16.01
C GLU A 288 -7.43 16.03 15.24
N ARG A 289 -6.16 16.26 15.59
CA ARG A 289 -5.36 17.29 14.94
C ARG A 289 -5.25 17.04 13.44
N GLU A 290 -5.20 15.79 13.02
CA GLU A 290 -5.07 15.48 11.59
C GLU A 290 -6.42 15.37 10.90
N VAL A 291 -7.46 14.91 11.60
CA VAL A 291 -8.78 14.84 10.99
C VAL A 291 -9.31 16.24 10.71
N LEU A 292 -9.14 17.17 11.64
CA LEU A 292 -9.70 18.50 11.44
C LEU A 292 -8.99 19.28 10.33
N LYS A 293 -7.75 18.90 9.98
CA LYS A 293 -7.08 19.55 8.87
C LYS A 293 -7.66 19.16 7.51
N GLU A 294 -8.42 18.05 7.46
CA GLU A 294 -9.00 17.62 6.19
C GLU A 294 -10.29 18.35 5.85
N LEU A 295 -10.77 19.24 6.73
CA LEU A 295 -11.94 20.06 6.50
C LEU A 295 -11.55 21.47 6.11
N PRO A 296 -12.34 22.14 5.27
CA PRO A 296 -12.09 23.55 4.97
C PRO A 296 -12.45 24.42 6.16
N HIS A 297 -11.90 25.63 6.17
CA HIS A 297 -12.06 26.56 7.30
C HIS A 297 -13.51 26.79 7.73
N PRO A 298 -14.47 27.04 6.84
CA PRO A 298 -15.86 27.19 7.32
C PRO A 298 -16.40 25.93 7.98
N LEU A 299 -16.14 24.76 7.42
CA LEU A 299 -16.63 23.53 8.03
C LEU A 299 -15.86 23.20 9.30
N ARG A 300 -14.56 23.48 9.32
CA ARG A 300 -13.79 23.30 10.54
C ARG A 300 -14.31 24.19 11.66
N LEU A 301 -14.65 25.45 11.33
CA LEU A 301 -15.22 26.35 12.32
C LEU A 301 -16.58 25.87 12.79
N ALA A 302 -17.41 25.38 11.88
CA ALA A 302 -18.72 24.85 12.28
C ALA A 302 -18.56 23.66 13.23
N VAL A 303 -17.64 22.75 12.91
CA VAL A 303 -17.42 21.58 13.76
C VAL A 303 -16.89 22.00 15.13
N ALA A 304 -15.93 22.93 15.14
CA ALA A 304 -15.36 23.38 16.41
C ALA A 304 -16.39 24.09 17.26
N MET A 305 -17.26 24.90 16.64
CA MET A 305 -18.35 25.54 17.37
C MET A 305 -19.34 24.51 17.89
N GLU A 306 -19.56 23.44 17.14
CA GLU A 306 -20.48 22.39 17.57
C GLU A 306 -19.94 21.65 18.79
N ILE A 307 -18.67 21.25 18.73
CA ILE A 307 -18.06 20.48 19.82
C ILE A 307 -18.01 21.32 21.09
N HIS A 308 -17.46 22.53 20.98
CA HIS A 308 -17.38 23.44 22.13
C HIS A 308 -18.63 24.31 22.21
N GLY A 309 -19.76 23.64 22.38
CA GLY A 309 -21.05 24.31 22.44
C GLY A 309 -21.38 24.81 23.83
N ASP A 310 -21.29 26.13 24.02
CA ASP A 310 -21.58 26.88 25.23
C ASP A 310 -20.49 26.71 26.29
N VAL A 311 -19.51 25.83 26.08
CA VAL A 311 -18.48 25.60 27.09
C VAL A 311 -17.57 26.81 27.23
N ILE A 312 -17.31 27.50 26.11
CA ILE A 312 -16.48 28.72 26.14
C ILE A 312 -17.36 29.96 26.26
N GLU A 313 -18.64 29.87 25.94
CA GLU A 313 -19.58 30.96 26.12
C GLU A 313 -20.24 30.95 27.49
N LYS A 314 -19.84 30.04 28.38
CA LYS A 314 -20.27 30.07 29.77
C LYS A 314 -19.15 30.46 30.73
N VAL A 315 -17.96 30.73 30.23
CA VAL A 315 -16.84 31.05 31.11
C VAL A 315 -17.01 32.45 31.67
N PRO A 316 -16.92 32.65 32.99
CA PRO A 316 -17.09 34.00 33.55
C PRO A 316 -16.02 35.00 33.12
N LEU A 317 -14.87 34.52 32.66
CA LEU A 317 -13.79 35.43 32.27
C LEU A 317 -14.21 36.32 31.11
N PHE A 318 -14.94 35.74 30.14
CA PHE A 318 -15.33 36.49 28.93
C PHE A 318 -16.79 36.24 28.55
N LYS A 319 -17.68 36.16 29.55
CA LYS A 319 -19.11 36.06 29.29
C LYS A 319 -19.60 37.12 28.33
N GLY A 320 -19.14 38.37 28.49
CA GLY A 320 -19.60 39.49 27.71
C GLY A 320 -18.96 39.66 26.36
N ALA A 321 -18.06 38.75 25.98
CA ALA A 321 -17.30 38.91 24.75
C ALA A 321 -18.19 38.72 23.52
N GLY A 322 -17.79 39.36 22.43
CA GLY A 322 -18.49 39.21 21.17
C GLY A 322 -18.22 37.85 20.54
N GLU A 323 -19.11 37.45 19.65
CA GLU A 323 -19.00 36.16 18.98
C GLU A 323 -17.75 36.04 18.12
N GLU A 324 -17.19 37.17 17.66
CA GLU A 324 -15.95 37.12 16.90
C GLU A 324 -14.80 36.59 17.75
N PHE A 325 -14.66 37.13 18.97
CA PHE A 325 -13.65 36.64 19.89
C PHE A 325 -13.90 35.19 20.25
N ILE A 326 -15.17 34.81 20.42
CA ILE A 326 -15.51 33.42 20.72
C ILE A 326 -15.03 32.51 19.61
N ARG A 327 -15.30 32.88 18.35
CA ARG A 327 -14.87 32.07 17.22
C ARG A 327 -13.34 31.96 17.17
N ASP A 328 -12.65 33.08 17.39
CA ASP A 328 -11.19 33.06 17.34
C ASP A 328 -10.62 32.18 18.45
N ILE A 329 -11.21 32.22 19.64
CA ILE A 329 -10.80 31.35 20.74
C ILE A 329 -11.06 29.90 20.37
N ILE A 330 -12.25 29.62 19.84
CA ILE A 330 -12.67 28.25 19.55
C ILE A 330 -11.74 27.60 18.53
N LEU A 331 -11.27 28.37 17.55
CA LEU A 331 -10.42 27.78 16.53
C LEU A 331 -9.05 27.37 17.06
N HIS A 332 -8.62 27.90 18.20
CA HIS A 332 -7.27 27.65 18.71
C HIS A 332 -7.21 26.66 19.86
N LEU A 333 -8.31 26.04 20.26
CA LEU A 333 -8.28 25.05 21.32
C LEU A 333 -7.58 23.78 20.85
N GLU A 334 -6.61 23.29 21.65
CA GLU A 334 -5.83 22.12 21.26
C GLU A 334 -6.31 20.88 22.00
N PRO A 335 -6.68 19.81 21.31
CA PRO A 335 -7.13 18.60 22.02
C PRO A 335 -5.96 17.86 22.65
N VAL A 336 -6.20 17.32 23.85
CA VAL A 336 -5.22 16.52 24.56
C VAL A 336 -5.95 15.48 25.41
N ILE A 337 -5.40 14.27 25.47
CA ILE A 337 -5.99 13.17 26.23
C ILE A 337 -5.08 12.86 27.41
N TYR A 338 -5.67 12.86 28.60
CA TYR A 338 -4.95 12.48 29.83
C TYR A 338 -5.45 11.14 30.34
N GLY A 339 -4.51 10.28 30.72
CA GLY A 339 -4.86 8.97 31.22
C GLY A 339 -5.28 9.01 32.66
N PRO A 340 -5.79 7.87 33.14
CA PRO A 340 -6.24 7.79 34.54
C PRO A 340 -5.13 8.14 35.52
N GLY A 341 -5.45 9.03 36.46
CA GLY A 341 -4.51 9.41 37.50
C GLY A 341 -3.40 10.34 37.07
N GLU A 342 -3.35 10.75 35.80
CA GLU A 342 -2.32 11.66 35.34
C GLU A 342 -2.57 13.06 35.87
N TYR A 343 -1.50 13.75 36.26
CA TYR A 343 -1.60 15.11 36.79
C TYR A 343 -1.69 16.10 35.65
N ILE A 344 -2.81 16.81 35.57
CA ILE A 344 -2.94 17.89 34.59
C ILE A 344 -2.31 19.16 35.13
N ILE A 345 -2.58 19.46 36.40
CA ILE A 345 -2.05 20.64 37.07
C ILE A 345 -1.59 20.22 38.46
N ARG A 346 -0.41 20.68 38.86
CA ARG A 346 0.09 20.50 40.22
C ARG A 346 0.19 21.86 40.91
N ALA A 347 -0.20 21.89 42.18
CA ALA A 347 -0.20 23.13 42.94
C ALA A 347 1.20 23.72 43.02
N GLY A 348 1.28 25.05 42.95
CA GLY A 348 2.53 25.76 42.98
C GLY A 348 3.26 25.87 41.66
N GLU A 349 2.82 25.14 40.63
CA GLU A 349 3.43 25.27 39.32
C GLU A 349 3.14 26.63 38.71
N MET A 350 4.09 27.12 37.93
CA MET A 350 3.95 28.42 37.26
C MET A 350 3.15 28.24 35.97
N GLY A 351 1.92 27.74 36.12
CA GLY A 351 1.12 27.37 34.97
C GLY A 351 0.58 28.56 34.20
N SER A 352 0.13 28.27 32.97
CA SER A 352 -0.35 29.33 32.08
C SER A 352 -1.52 28.91 31.21
N ASP A 353 -2.08 27.70 31.38
CA ASP A 353 -3.07 27.17 30.47
C ASP A 353 -4.40 26.96 31.18
N VAL A 354 -5.49 27.20 30.47
CA VAL A 354 -6.85 26.86 30.91
C VAL A 354 -7.29 25.61 30.17
N TYR A 355 -8.06 24.76 30.84
CA TYR A 355 -8.46 23.47 30.30
C TYR A 355 -9.98 23.36 30.28
N PHE A 356 -10.51 22.81 29.18
CA PHE A 356 -11.93 22.54 29.05
C PHE A 356 -12.13 21.03 28.95
N ILE A 357 -13.04 20.50 29.77
CA ILE A 357 -13.30 19.06 29.82
C ILE A 357 -14.35 18.74 28.75
N ASN A 358 -13.93 18.05 27.70
CA ASN A 358 -14.87 17.58 26.69
C ASN A 358 -15.43 16.21 27.03
N ARG A 359 -14.64 15.35 27.65
CA ARG A 359 -15.14 14.07 28.15
C ARG A 359 -14.25 13.60 29.28
N GLY A 360 -14.81 12.73 30.11
CA GLY A 360 -14.14 12.29 31.32
C GLY A 360 -14.34 13.27 32.46
N SER A 361 -13.63 13.03 33.55
CA SER A 361 -13.76 13.87 34.73
C SER A 361 -12.43 13.95 35.46
N VAL A 362 -12.24 15.06 36.17
CA VAL A 362 -11.01 15.34 36.90
C VAL A 362 -11.36 15.68 38.33
N GLU A 363 -10.39 15.49 39.23
CA GLU A 363 -10.52 15.88 40.62
C GLU A 363 -9.56 17.03 40.91
N VAL A 364 -10.08 18.06 41.58
CA VAL A 364 -9.29 19.17 42.07
C VAL A 364 -8.97 18.88 43.53
N LEU A 365 -7.67 18.85 43.84
CA LEU A 365 -7.12 18.35 45.09
C LEU A 365 -6.24 19.42 45.73
N SER A 366 -6.10 19.34 47.05
CA SER A 366 -5.23 20.24 47.79
C SER A 366 -3.78 20.11 47.33
N ALA A 367 -2.96 21.05 47.80
CA ALA A 367 -1.53 21.03 47.44
C ALA A 367 -0.82 19.79 47.94
N ASP A 368 -1.29 19.19 49.03
CA ASP A 368 -0.74 17.94 49.53
C ASP A 368 -1.51 16.72 49.05
N GLU A 369 -2.58 16.92 48.27
CA GLU A 369 -3.41 15.88 47.69
C GLU A 369 -4.11 15.02 48.74
N LYS A 370 -4.06 15.40 50.02
CA LYS A 370 -4.71 14.63 51.07
C LYS A 370 -6.20 14.89 51.17
N THR A 371 -6.72 15.93 50.49
CA THR A 371 -8.14 16.17 50.47
C THR A 371 -8.54 16.61 49.07
N ARG A 372 -9.79 16.36 48.71
CA ARG A 372 -10.30 16.64 47.37
C ARG A 372 -11.23 17.84 47.45
N TYR A 373 -10.82 18.94 46.82
CA TYR A 373 -11.67 20.12 46.82
C TYR A 373 -12.93 19.90 45.99
N ALA A 374 -12.79 19.29 44.81
CA ALA A 374 -13.95 19.20 43.93
C ALA A 374 -13.75 18.10 42.89
N ILE A 375 -14.84 17.73 42.24
CA ILE A 375 -14.80 16.92 41.03
C ILE A 375 -15.46 17.71 39.90
N LEU A 376 -14.78 17.82 38.77
CA LEU A 376 -15.31 18.49 37.59
C LEU A 376 -15.50 17.46 36.48
N SER A 377 -16.56 17.65 35.69
CA SER A 377 -16.97 16.64 34.72
C SER A 377 -17.15 17.30 33.35
N GLU A 378 -17.68 16.50 32.41
CA GLU A 378 -17.91 16.92 31.04
C GLU A 378 -18.63 18.24 30.96
N GLY A 379 -18.09 19.17 30.19
CA GLY A 379 -18.66 20.49 30.02
C GLY A 379 -18.17 21.55 30.98
N GLN A 380 -17.30 21.20 31.92
CA GLN A 380 -16.74 22.17 32.85
C GLN A 380 -15.31 22.52 32.47
N PHE A 381 -14.74 23.48 33.20
CA PHE A 381 -13.43 24.00 32.86
C PHE A 381 -12.68 24.38 34.14
N PHE A 382 -11.36 24.45 34.03
CA PHE A 382 -10.51 24.82 35.15
C PHE A 382 -9.24 25.44 34.61
N GLY A 383 -8.55 26.19 35.47
CA GLY A 383 -7.34 26.89 35.09
C GLY A 383 -7.55 28.27 34.51
N GLU A 384 -8.71 28.87 34.78
CA GLU A 384 -9.03 30.20 34.19
C GLU A 384 -8.12 31.29 34.78
N MET A 385 -7.67 31.11 36.01
CA MET A 385 -6.83 32.15 36.69
C MET A 385 -5.53 32.38 35.91
N ALA A 386 -4.97 31.31 35.33
CA ALA A 386 -3.67 31.42 34.63
C ALA A 386 -3.75 32.42 33.47
N LEU A 387 -4.94 32.57 32.86
CA LEU A 387 -5.06 33.46 31.67
C LEU A 387 -4.95 34.94 32.09
N ILE A 388 -5.56 35.33 33.21
CA ILE A 388 -5.55 36.73 33.63
C ILE A 388 -4.30 37.03 34.46
N LEU A 389 -4.05 36.23 35.49
CA LEU A 389 -2.91 36.45 36.37
C LEU A 389 -1.68 35.76 35.79
N ARG A 390 -0.60 35.75 36.57
CA ARG A 390 0.61 35.00 36.24
C ARG A 390 1.08 34.28 37.49
N ALA A 391 0.14 34.03 38.41
CA ALA A 391 0.35 33.50 39.74
C ALA A 391 0.52 31.98 39.71
N PRO A 392 1.07 31.39 40.78
CA PRO A 392 1.17 29.93 40.84
C PRO A 392 -0.21 29.27 40.91
N ARG A 393 -0.26 28.01 40.48
CA ARG A 393 -1.50 27.26 40.47
C ARG A 393 -2.04 27.06 41.88
N THR A 394 -3.34 27.31 42.06
CA THR A 394 -3.92 27.27 43.39
C THR A 394 -4.08 25.86 43.91
N ALA A 395 -4.36 24.89 43.04
CA ALA A 395 -4.65 23.54 43.50
C ALA A 395 -4.26 22.54 42.41
N THR A 396 -4.04 21.30 42.84
CA THR A 396 -3.68 20.22 41.92
C THR A 396 -4.91 19.73 41.17
N VAL A 397 -4.72 19.35 39.91
CA VAL A 397 -5.77 18.74 39.10
C VAL A 397 -5.29 17.41 38.59
N ARG A 398 -6.07 16.35 38.83
CA ARG A 398 -5.67 15.00 38.46
C ARG A 398 -6.84 14.29 37.78
N ALA A 399 -6.54 13.59 36.68
CA ALA A 399 -7.60 12.95 35.91
C ALA A 399 -8.17 11.76 36.66
N ARG A 400 -9.50 11.67 36.70
CA ARG A 400 -10.16 10.50 37.28
C ARG A 400 -10.02 9.29 36.37
N ALA A 401 -10.15 9.51 35.06
CA ALA A 401 -9.97 8.46 34.06
C ALA A 401 -9.47 9.12 32.78
N PHE A 402 -9.60 8.42 31.67
CA PHE A 402 -9.23 9.00 30.38
C PHE A 402 -10.09 10.22 30.09
N CYS A 403 -9.46 11.39 30.09
CA CYS A 403 -10.13 12.67 29.87
C CYS A 403 -9.74 13.24 28.52
N ASP A 404 -10.75 13.54 27.71
CA ASP A 404 -10.56 14.35 26.50
C ASP A 404 -10.73 15.80 26.90
N LEU A 405 -9.64 16.57 26.85
CA LEU A 405 -9.59 17.95 27.31
C LEU A 405 -9.14 18.85 26.17
N TYR A 406 -9.44 20.13 26.28
CA TYR A 406 -8.96 21.13 25.34
C TYR A 406 -8.14 22.17 26.09
N ARG A 407 -6.95 22.47 25.56
CA ARG A 407 -5.97 23.34 26.17
C ARG A 407 -5.90 24.65 25.40
N LEU A 408 -5.88 25.76 26.13
CA LEU A 408 -5.65 27.09 25.58
C LEU A 408 -4.47 27.71 26.31
N ASP A 409 -3.42 28.03 25.57
CA ASP A 409 -2.21 28.60 26.14
C ASP A 409 -2.35 30.12 26.26
N LYS A 410 -1.81 30.66 27.35
CA LYS A 410 -1.85 32.11 27.55
C LYS A 410 -1.13 32.86 26.44
N GLU A 411 -0.12 32.25 25.83
CA GLU A 411 0.55 32.89 24.71
C GLU A 411 -0.41 33.12 23.54
N THR A 412 -1.21 32.10 23.22
CA THR A 412 -2.20 32.21 22.17
C THR A 412 -3.38 33.08 22.61
N PHE A 413 -3.75 33.02 23.89
CA PHE A 413 -4.80 33.89 24.40
C PHE A 413 -4.39 35.36 24.28
N ASP A 414 -3.13 35.68 24.59
CA ASP A 414 -2.63 37.04 24.41
C ASP A 414 -2.59 37.41 22.94
N ARG A 415 -2.16 36.49 22.07
CA ARG A 415 -2.20 36.76 20.63
C ARG A 415 -3.61 37.13 20.19
N ILE A 416 -4.61 36.41 20.69
CA ILE A 416 -5.99 36.69 20.32
C ILE A 416 -6.46 38.02 20.91
N LEU A 417 -6.10 38.28 22.16
CA LEU A 417 -6.48 39.54 22.80
C LEU A 417 -5.86 40.74 22.08
N SER A 418 -4.72 40.54 21.41
CA SER A 418 -4.07 41.63 20.71
C SER A 418 -4.97 42.28 19.66
N ARG A 419 -5.94 41.54 19.12
CA ARG A 419 -6.84 42.07 18.10
C ARG A 419 -8.22 42.44 18.63
N TYR A 420 -8.46 42.27 19.93
CA TYR A 420 -9.72 42.69 20.56
C TYR A 420 -9.40 43.57 21.76
N PRO A 421 -9.09 44.85 21.52
CA PRO A 421 -8.75 45.75 22.64
C PRO A 421 -9.84 45.88 23.69
N GLU A 422 -11.12 45.85 23.29
CA GLU A 422 -12.19 45.96 24.26
C GLU A 422 -12.20 44.77 25.23
N ILE A 423 -11.99 43.57 24.70
CA ILE A 423 -11.97 42.38 25.56
C ILE A 423 -10.73 42.40 26.43
N ALA A 424 -9.61 42.88 25.90
CA ALA A 424 -8.40 43.01 26.71
C ALA A 424 -8.63 43.97 27.87
N ALA A 425 -9.30 45.10 27.62
CA ALA A 425 -9.63 46.03 28.69
C ALA A 425 -10.55 45.39 29.71
N GLN A 426 -11.55 44.64 29.24
CA GLN A 426 -12.47 43.95 30.16
C GLN A 426 -11.70 42.99 31.07
N ILE A 427 -10.85 42.15 30.48
CA ILE A 427 -10.13 41.15 31.27
C ILE A 427 -9.11 41.82 32.19
N GLN A 428 -8.52 42.94 31.77
CA GLN A 428 -7.61 43.66 32.67
C GLN A 428 -8.36 44.27 33.83
N GLU A 429 -9.57 44.78 33.59
CA GLU A 429 -10.39 45.29 34.68
C GLU A 429 -10.77 44.18 35.64
N LEU A 430 -11.07 43.00 35.12
CA LEU A 430 -11.32 41.85 35.99
C LEU A 430 -10.10 41.51 36.82
N ALA A 431 -8.91 41.55 36.22
CA ALA A 431 -7.67 41.29 36.94
C ALA A 431 -7.31 42.48 37.82
N THR B 26 -12.08 -15.35 33.23
CA THR B 26 -13.49 -15.02 33.33
C THR B 26 -14.34 -16.13 32.71
N TYR B 27 -15.37 -16.55 33.43
CA TYR B 27 -16.15 -17.72 33.02
C TYR B 27 -16.99 -17.45 31.77
N THR B 28 -17.28 -16.18 31.46
CA THR B 28 -18.06 -15.87 30.26
C THR B 28 -17.31 -16.29 29.00
N LEU B 29 -16.00 -16.10 28.96
CA LEU B 29 -15.21 -16.57 27.83
C LEU B 29 -15.27 -18.09 27.72
N VAL B 30 -15.26 -18.78 28.87
CA VAL B 30 -15.41 -20.23 28.84
C VAL B 30 -16.78 -20.62 28.30
N TRP B 31 -17.81 -19.84 28.62
CA TRP B 31 -19.13 -20.09 28.05
C TRP B 31 -19.12 -19.93 26.53
N LYS B 32 -18.44 -18.89 26.05
CA LYS B 32 -18.35 -18.68 24.61
C LYS B 32 -17.58 -19.82 23.94
N VAL B 33 -16.54 -20.33 24.59
CA VAL B 33 -15.81 -21.48 24.03
C VAL B 33 -16.71 -22.72 24.02
N TRP B 34 -17.52 -22.90 25.07
CA TRP B 34 -18.46 -24.01 25.10
C TRP B 34 -19.46 -23.91 23.95
N ILE B 35 -19.93 -22.69 23.66
CA ILE B 35 -20.88 -22.53 22.56
C ILE B 35 -20.19 -22.69 21.21
N LEU B 36 -18.91 -22.34 21.12
CA LEU B 36 -18.10 -22.74 19.97
C LEU B 36 -18.15 -24.24 19.76
N ALA B 37 -17.94 -25.00 20.85
CA ALA B 37 -18.00 -26.46 20.75
C ALA B 37 -19.38 -26.93 20.33
N VAL B 38 -20.43 -26.31 20.86
CA VAL B 38 -21.80 -26.73 20.54
C VAL B 38 -22.11 -26.46 19.07
N THR B 39 -21.74 -25.28 18.56
CA THR B 39 -22.02 -24.97 17.16
C THR B 39 -21.19 -25.83 16.22
N LEU B 40 -19.96 -26.19 16.61
CA LEU B 40 -19.20 -27.15 15.80
C LEU B 40 -19.86 -28.52 15.83
N TYR B 41 -20.36 -28.94 16.99
CA TYR B 41 -21.11 -30.19 17.10
C TYR B 41 -22.28 -30.21 16.13
N TYR B 42 -23.06 -29.12 16.09
CA TYR B 42 -24.20 -29.08 15.19
C TYR B 42 -23.77 -29.02 13.73
N ALA B 43 -22.76 -28.21 13.40
CA ALA B 43 -22.30 -28.14 12.02
C ALA B 43 -21.80 -29.48 11.52
N ILE B 44 -21.28 -30.33 12.42
CA ILE B 44 -20.90 -31.68 12.02
C ILE B 44 -22.14 -32.57 11.90
N ARG B 45 -23.00 -32.54 12.91
CA ARG B 45 -24.03 -33.58 13.03
C ARG B 45 -25.18 -33.37 12.06
N ILE B 46 -25.62 -32.13 11.86
CA ILE B 46 -26.88 -31.88 11.16
C ILE B 46 -26.86 -32.47 9.75
N PRO B 47 -25.91 -32.14 8.87
CA PRO B 47 -25.90 -32.80 7.56
C PRO B 47 -25.63 -34.29 7.64
N LEU B 48 -24.79 -34.72 8.58
CA LEU B 48 -24.49 -36.15 8.73
C LEU B 48 -25.72 -36.92 9.21
N THR B 49 -26.59 -36.27 9.98
CA THR B 49 -27.89 -36.88 10.30
C THR B 49 -28.86 -36.79 9.13
N LEU B 50 -28.78 -35.72 8.33
CA LEU B 50 -29.62 -35.63 7.15
C LEU B 50 -29.33 -36.74 6.16
N VAL B 51 -28.09 -37.21 6.12
CA VAL B 51 -27.76 -38.32 5.23
C VAL B 51 -27.90 -39.67 5.94
N PHE B 52 -27.73 -39.71 7.26
CA PHE B 52 -27.87 -40.93 8.06
C PHE B 52 -28.89 -40.67 9.17
N PRO B 53 -30.18 -40.84 8.88
CA PRO B 53 -31.20 -40.61 9.92
C PRO B 53 -31.01 -41.46 11.17
N SER B 54 -30.46 -42.67 11.03
CA SER B 54 -30.28 -43.55 12.17
C SER B 54 -29.34 -42.96 13.22
N LEU B 55 -28.53 -41.97 12.83
CA LEU B 55 -27.64 -41.30 13.76
C LEU B 55 -28.38 -40.38 14.73
N PHE B 56 -29.66 -40.10 14.49
CA PHE B 56 -30.38 -39.13 15.30
C PHE B 56 -30.48 -39.58 16.77
N SER B 57 -31.16 -40.68 17.01
CA SER B 57 -31.49 -41.09 18.39
C SER B 57 -30.27 -41.38 19.25
N PRO B 58 -29.20 -42.03 18.75
CA PRO B 58 -28.04 -42.27 19.63
C PRO B 58 -27.44 -41.00 20.21
N LEU B 59 -27.48 -39.89 19.46
CA LEU B 59 -26.92 -38.63 19.92
C LEU B 59 -27.99 -37.68 20.44
N LEU B 60 -29.24 -38.13 20.55
CA LEU B 60 -30.31 -37.29 21.08
C LEU B 60 -30.02 -36.71 22.45
N PRO B 61 -29.50 -37.46 23.44
CA PRO B 61 -29.21 -36.84 24.74
C PRO B 61 -28.19 -35.71 24.69
N LEU B 62 -27.32 -35.70 23.70
CA LEU B 62 -26.47 -34.52 23.49
C LEU B 62 -27.23 -33.40 22.84
N ASP B 63 -28.13 -33.73 21.91
CA ASP B 63 -28.86 -32.70 21.16
C ASP B 63 -29.67 -31.82 22.09
N ILE B 64 -30.49 -32.44 22.94
CA ILE B 64 -31.24 -31.68 23.93
C ILE B 64 -30.29 -30.92 24.85
N LEU B 65 -29.14 -31.52 25.15
CA LEU B 65 -28.13 -30.81 25.95
C LEU B 65 -27.61 -29.60 25.18
N ALA B 66 -27.35 -29.77 23.89
CA ALA B 66 -26.77 -28.67 23.11
C ALA B 66 -27.78 -27.58 22.86
N SER B 67 -29.00 -27.95 22.44
CA SER B 67 -30.01 -26.95 22.12
C SER B 67 -30.36 -26.12 23.35
N LEU B 68 -30.43 -26.76 24.52
CA LEU B 68 -30.65 -26.01 25.75
C LEU B 68 -29.59 -24.92 25.91
N ALA B 69 -28.32 -25.29 25.68
CA ALA B 69 -27.26 -24.29 25.79
C ALA B 69 -27.54 -23.12 24.85
N LEU B 70 -28.03 -23.41 23.64
CA LEU B 70 -28.33 -22.34 22.71
C LEU B 70 -29.45 -21.45 23.23
N ILE B 71 -30.52 -22.05 23.78
CA ILE B 71 -31.60 -21.22 24.28
C ILE B 71 -31.13 -20.49 25.54
N ALA B 72 -30.06 -20.97 26.17
CA ALA B 72 -29.47 -20.24 27.29
C ALA B 72 -28.72 -19.00 26.84
N ASP B 73 -28.31 -18.91 25.58
CA ASP B 73 -27.41 -17.84 25.17
C ASP B 73 -28.14 -16.56 24.79
N ILE B 74 -29.27 -16.65 24.09
CA ILE B 74 -29.86 -15.46 23.48
C ILE B 74 -30.31 -14.43 24.52
N PRO B 75 -30.64 -14.78 25.78
CA PRO B 75 -30.83 -13.73 26.79
C PRO B 75 -29.55 -13.31 27.49
N LEU B 76 -28.48 -14.11 27.40
CA LEU B 76 -27.29 -13.87 28.21
C LEU B 76 -26.49 -12.65 27.72
N ASP B 77 -26.18 -12.61 26.41
CA ASP B 77 -25.31 -11.56 25.90
C ASP B 77 -25.95 -10.18 25.91
N LEU B 78 -27.26 -10.09 26.17
CA LEU B 78 -27.88 -8.78 26.35
C LEU B 78 -27.31 -8.02 27.53
N ALA B 79 -26.75 -8.74 28.51
CA ALA B 79 -26.10 -8.12 29.66
C ALA B 79 -24.64 -7.74 29.38
N PHE B 80 -24.14 -8.03 28.18
CA PHE B 80 -22.76 -7.77 27.83
C PHE B 80 -22.56 -6.93 26.57
N GLU B 81 -23.62 -6.68 25.79
CA GLU B 81 -23.47 -6.00 24.51
C GLU B 81 -22.91 -4.58 24.64
N SER B 82 -23.02 -3.96 25.82
CA SER B 82 -22.45 -2.63 26.02
C SER B 82 -21.67 -2.53 27.33
N ARG B 83 -21.30 -3.67 27.92
CA ARG B 83 -20.57 -3.67 29.18
C ARG B 83 -19.12 -3.27 28.98
N PRO B 90 -30.47 -5.45 23.93
CA PRO B 90 -31.92 -5.64 23.87
C PRO B 90 -32.52 -5.15 22.55
N THR B 91 -31.68 -4.93 21.56
CA THR B 91 -32.14 -4.51 20.23
C THR B 91 -32.58 -5.73 19.42
N LEU B 92 -33.58 -6.45 19.92
CA LEU B 92 -34.00 -7.69 19.27
C LEU B 92 -34.56 -7.46 17.88
N LEU B 93 -34.99 -6.24 17.57
CA LEU B 93 -35.55 -5.92 16.26
C LEU B 93 -34.49 -5.61 15.22
N ALA B 94 -33.22 -5.59 15.60
CA ALA B 94 -32.12 -5.24 14.70
C ALA B 94 -31.64 -6.47 13.94
N PRO B 95 -30.96 -6.28 12.79
CA PRO B 95 -30.35 -7.43 12.12
C PRO B 95 -29.31 -8.15 12.97
N SER B 96 -28.57 -7.42 13.79
CA SER B 96 -27.75 -8.07 14.80
C SER B 96 -28.65 -8.77 15.81
N ARG B 97 -28.19 -9.92 16.31
CA ARG B 97 -28.88 -10.82 17.23
C ARG B 97 -30.01 -11.57 16.54
N LEU B 98 -30.26 -11.31 15.25
CA LEU B 98 -31.24 -12.05 14.48
C LEU B 98 -30.76 -13.46 14.18
N PRO B 99 -29.49 -13.68 13.79
CA PRO B 99 -29.06 -15.07 13.56
C PRO B 99 -29.02 -15.90 14.82
N ASP B 100 -28.77 -15.27 15.96
CA ASP B 100 -28.76 -15.98 17.27
C ASP B 100 -30.15 -16.57 17.53
N LEU B 101 -31.18 -15.72 17.52
CA LEU B 101 -32.56 -16.19 17.81
C LEU B 101 -33.02 -17.14 16.70
N LEU B 102 -32.71 -16.81 15.44
CA LEU B 102 -33.15 -17.66 14.29
C LEU B 102 -32.51 -19.04 14.44
N ALA B 103 -31.32 -19.11 15.04
CA ALA B 103 -30.61 -20.40 15.17
C ALA B 103 -30.88 -21.04 16.53
N ALA B 104 -31.78 -20.45 17.32
CA ALA B 104 -32.11 -20.98 18.66
C ALA B 104 -33.39 -21.81 18.58
N LEU B 105 -34.10 -21.72 17.45
CA LEU B 105 -35.36 -22.47 17.27
C LEU B 105 -35.06 -23.98 17.20
N PRO B 106 -35.84 -24.85 17.88
CA PRO B 106 -35.59 -26.29 17.88
C PRO B 106 -36.09 -26.94 16.60
N LEU B 107 -35.76 -26.35 15.44
CA LEU B 107 -36.24 -26.88 14.13
C LEU B 107 -35.61 -28.26 13.89
N ASP B 108 -34.32 -28.42 14.18
CA ASP B 108 -33.62 -29.70 13.90
C ASP B 108 -34.35 -30.86 14.59
N LEU B 109 -34.66 -30.70 15.88
CA LEU B 109 -35.33 -31.80 16.64
C LEU B 109 -36.62 -32.18 15.92
N LEU B 110 -37.46 -31.18 15.59
CA LEU B 110 -38.77 -31.46 14.93
C LEU B 110 -38.52 -32.17 13.59
N VAL B 111 -37.63 -31.61 12.76
CA VAL B 111 -37.38 -32.19 11.40
C VAL B 111 -36.98 -33.65 11.54
N PHE B 112 -36.04 -33.96 12.45
CA PHE B 112 -35.55 -35.36 12.59
C PHE B 112 -36.66 -36.24 13.16
N ALA B 113 -37.37 -35.75 14.17
CA ALA B 113 -38.44 -36.55 14.81
C ALA B 113 -39.57 -36.83 13.81
N LEU B 114 -39.91 -35.83 12.98
CA LEU B 114 -41.05 -35.99 12.03
C LEU B 114 -40.62 -36.82 10.82
N HIS B 115 -39.31 -37.07 10.65
CA HIS B 115 -38.81 -37.79 9.46
C HIS B 115 -39.53 -37.23 8.24
N LEU B 116 -39.90 -35.96 8.29
CA LEU B 116 -40.58 -35.29 7.19
C LEU B 116 -39.69 -35.22 5.95
N PRO B 117 -40.29 -35.01 4.77
CA PRO B 117 -39.52 -35.13 3.52
C PRO B 117 -38.34 -34.18 3.43
N SER B 118 -37.31 -34.63 2.71
CA SER B 118 -36.04 -33.92 2.59
C SER B 118 -36.15 -32.47 2.13
N PRO B 119 -36.95 -32.12 1.12
CA PRO B 119 -37.02 -30.70 0.72
C PRO B 119 -37.45 -29.78 1.83
N LEU B 120 -38.28 -30.25 2.76
CA LEU B 120 -38.60 -29.51 3.97
C LEU B 120 -37.62 -29.83 5.10
N SER B 121 -37.02 -31.02 5.08
CA SER B 121 -36.02 -31.38 6.08
C SER B 121 -34.80 -30.48 6.03
N LEU B 122 -34.52 -29.89 4.86
CA LEU B 122 -33.36 -29.00 4.74
C LEU B 122 -33.42 -27.82 5.69
N LEU B 123 -34.61 -27.48 6.19
CA LEU B 123 -34.75 -26.37 7.13
C LEU B 123 -34.04 -26.66 8.45
N SER B 124 -33.67 -27.91 8.70
CA SER B 124 -32.91 -28.25 9.91
C SER B 124 -31.59 -27.48 9.97
N LEU B 125 -31.07 -27.07 8.82
CA LEU B 125 -29.79 -26.37 8.74
C LEU B 125 -29.86 -24.95 9.31
N VAL B 126 -31.07 -24.45 9.62
CA VAL B 126 -31.20 -23.07 10.09
C VAL B 126 -30.41 -22.84 11.36
N ARG B 127 -30.16 -23.90 12.15
CA ARG B 127 -29.38 -23.75 13.37
C ARG B 127 -27.95 -23.32 13.08
N LEU B 128 -27.44 -23.62 11.88
CA LEU B 128 -26.06 -23.31 11.55
C LEU B 128 -25.80 -21.81 11.41
N LEU B 129 -26.86 -20.98 11.43
CA LEU B 129 -26.66 -19.54 11.41
C LEU B 129 -25.98 -19.04 12.68
N LYS B 130 -25.89 -19.88 13.72
CA LYS B 130 -25.10 -19.53 14.89
C LYS B 130 -23.63 -19.38 14.55
N LEU B 131 -23.20 -19.92 13.41
CA LEU B 131 -21.79 -19.90 13.05
C LEU B 131 -21.26 -18.48 12.87
N ILE B 132 -22.04 -17.58 12.25
CA ILE B 132 -21.54 -16.23 12.05
C ILE B 132 -21.44 -15.48 13.37
N SER B 133 -22.40 -15.68 14.28
CA SER B 133 -22.30 -15.05 15.59
C SER B 133 -21.13 -15.59 16.39
N VAL B 134 -20.87 -16.89 16.29
CA VAL B 134 -19.73 -17.47 16.99
C VAL B 134 -18.43 -16.97 16.38
N GLN B 135 -18.41 -16.77 15.06
CA GLN B 135 -17.23 -16.18 14.41
C GLN B 135 -17.00 -14.76 14.89
N ALA B 136 -18.08 -13.97 15.02
CA ALA B 136 -17.93 -12.62 15.54
C ALA B 136 -17.41 -12.63 16.97
N SER B 137 -17.93 -13.53 17.80
CA SER B 137 -17.47 -13.62 19.18
C SER B 137 -16.00 -14.01 19.25
N ALA B 138 -15.61 -15.01 18.47
CA ALA B 138 -14.22 -15.46 18.47
C ALA B 138 -13.30 -14.36 17.96
N THR B 139 -13.74 -13.61 16.95
CA THR B 139 -12.95 -12.48 16.46
C THR B 139 -12.81 -11.41 17.53
N ALA B 140 -13.85 -11.18 18.32
CA ALA B 140 -13.77 -10.14 19.34
C ALA B 140 -12.92 -10.58 20.53
N ILE B 141 -12.90 -11.87 20.87
CA ILE B 141 -12.09 -12.34 22.00
C ILE B 141 -10.68 -12.72 21.59
N LEU B 142 -10.37 -12.75 20.29
CA LEU B 142 -9.01 -12.92 19.79
C LEU B 142 -8.56 -11.77 18.92
N SER B 143 -9.19 -10.59 19.05
CA SER B 143 -8.85 -9.45 18.23
C SER B 143 -7.55 -8.77 18.64
N TYR B 144 -6.98 -9.15 19.78
CA TYR B 144 -5.83 -8.45 20.34
C TYR B 144 -4.56 -9.29 20.34
N ARG B 145 -4.66 -10.58 20.66
CA ARG B 145 -3.49 -11.45 20.69
C ARG B 145 -3.07 -11.93 19.31
N ILE B 146 -3.94 -11.78 18.30
CA ILE B 146 -3.74 -12.39 16.99
C ILE B 146 -3.84 -11.33 15.91
N ASN B 147 -2.96 -11.41 14.92
CA ASN B 147 -3.00 -10.51 13.78
C ASN B 147 -4.36 -10.64 13.09
N PRO B 148 -5.07 -9.53 12.86
CA PRO B 148 -6.40 -9.62 12.23
C PRO B 148 -6.42 -10.34 10.90
N ALA B 149 -5.41 -10.15 10.05
CA ALA B 149 -5.39 -10.86 8.77
C ALA B 149 -5.27 -12.36 8.98
N LEU B 150 -4.38 -12.77 9.89
CA LEU B 150 -4.24 -14.19 10.21
C LEU B 150 -5.51 -14.73 10.84
N LEU B 151 -6.18 -13.91 11.67
CA LEU B 151 -7.44 -14.34 12.26
C LEU B 151 -8.51 -14.58 11.20
N ARG B 152 -8.60 -13.68 10.22
CA ARG B 152 -9.56 -13.87 9.14
C ARG B 152 -9.21 -15.11 8.32
N LEU B 153 -7.92 -15.33 8.07
CA LEU B 153 -7.51 -16.51 7.31
C LEU B 153 -7.89 -17.79 8.05
N LEU B 154 -7.65 -17.84 9.36
CA LEU B 154 -8.00 -19.02 10.14
C LEU B 154 -9.50 -19.25 10.19
N SER B 155 -10.28 -18.17 10.34
CA SER B 155 -11.73 -18.30 10.32
C SER B 155 -12.21 -18.83 8.97
N LEU B 156 -11.62 -18.32 7.88
CA LEU B 156 -11.97 -18.79 6.55
C LEU B 156 -11.65 -20.27 6.39
N VAL B 157 -10.49 -20.70 6.90
CA VAL B 157 -10.10 -22.11 6.79
C VAL B 157 -11.08 -22.99 7.55
N GLY B 158 -11.45 -22.59 8.77
CA GLY B 158 -12.44 -23.37 9.51
C GLY B 158 -13.78 -23.44 8.83
N PHE B 159 -14.25 -22.29 8.30
CA PHE B 159 -15.49 -22.27 7.54
C PHE B 159 -15.40 -23.18 6.33
N ILE B 160 -14.26 -23.21 5.65
CA ILE B 160 -14.10 -24.04 4.47
C ILE B 160 -14.13 -25.51 4.84
N LEU B 161 -13.53 -25.89 5.98
CA LEU B 161 -13.60 -27.28 6.41
C LEU B 161 -15.03 -27.68 6.73
N LEU B 162 -15.78 -26.82 7.41
CA LEU B 162 -17.17 -27.13 7.72
C LEU B 162 -18.01 -27.21 6.46
N ALA B 163 -17.80 -26.28 5.53
CA ALA B 163 -18.50 -26.31 4.25
C ALA B 163 -18.17 -27.57 3.46
N ALA B 164 -16.91 -28.01 3.51
CA ALA B 164 -16.52 -29.25 2.86
C ALA B 164 -17.27 -30.43 3.44
N HIS B 165 -17.39 -30.48 4.76
CA HIS B 165 -18.21 -31.52 5.38
C HIS B 165 -19.64 -31.48 4.87
N GLY B 166 -20.24 -30.29 4.85
CA GLY B 166 -21.62 -30.18 4.37
C GLY B 166 -21.78 -30.57 2.92
N ILE B 167 -20.81 -30.17 2.08
CA ILE B 167 -20.88 -30.49 0.65
C ILE B 167 -20.69 -31.98 0.42
N ALA B 168 -19.82 -32.62 1.20
CA ALA B 168 -19.69 -34.07 1.12
C ALA B 168 -20.99 -34.76 1.51
N CYS B 169 -21.67 -34.24 2.53
CA CYS B 169 -22.96 -34.80 2.91
C CYS B 169 -23.98 -34.63 1.79
N GLY B 170 -24.00 -33.47 1.14
CA GLY B 170 -24.89 -33.28 0.00
C GLY B 170 -24.58 -34.25 -1.14
N TRP B 171 -23.29 -34.44 -1.41
CA TRP B 171 -22.87 -35.37 -2.46
C TRP B 171 -23.34 -36.79 -2.15
N MET B 172 -23.20 -37.23 -0.90
CA MET B 172 -23.76 -38.51 -0.50
C MET B 172 -25.27 -38.54 -0.68
N SER B 173 -25.93 -37.43 -0.37
CA SER B 173 -27.39 -37.38 -0.49
C SER B 173 -27.85 -37.54 -1.93
N LEU B 174 -27.04 -37.10 -2.89
CA LEU B 174 -27.37 -37.28 -4.29
C LEU B 174 -26.83 -38.58 -4.89
N GLN B 175 -26.08 -39.37 -4.13
CA GLN B 175 -25.51 -40.58 -4.67
C GLN B 175 -26.56 -41.70 -4.72
N PRO B 176 -26.48 -42.59 -5.71
CA PRO B 176 -27.38 -43.75 -5.75
C PRO B 176 -27.20 -44.63 -4.53
N PRO B 177 -28.26 -45.28 -4.06
CA PRO B 177 -28.14 -46.19 -2.91
C PRO B 177 -27.17 -47.32 -3.21
N SER B 178 -26.44 -47.75 -2.18
CA SER B 178 -25.47 -48.83 -2.32
C SER B 178 -25.26 -49.48 -0.96
N GLU B 179 -24.63 -50.66 -0.98
CA GLU B 179 -24.32 -51.40 0.24
C GLU B 179 -23.00 -50.98 0.86
N ASN B 180 -22.33 -49.97 0.30
CA ASN B 180 -21.03 -49.56 0.81
C ASN B 180 -21.17 -49.07 2.25
N PRO B 181 -20.19 -49.35 3.11
CA PRO B 181 -20.24 -48.85 4.49
C PRO B 181 -20.28 -47.33 4.51
N ALA B 182 -20.97 -46.79 5.51
CA ALA B 182 -21.12 -45.34 5.62
C ALA B 182 -19.79 -44.63 5.68
N GLY B 183 -18.80 -45.26 6.34
CA GLY B 183 -17.49 -44.62 6.43
C GLY B 183 -16.81 -44.46 5.09
N THR B 184 -16.88 -45.50 4.25
CA THR B 184 -16.27 -45.40 2.92
C THR B 184 -17.03 -44.42 2.04
N ARG B 185 -18.35 -44.37 2.18
CA ARG B 185 -19.15 -43.40 1.44
C ARG B 185 -18.76 -41.97 1.80
N TYR B 186 -18.67 -41.70 3.11
CA TYR B 186 -18.26 -40.37 3.54
C TYR B 186 -16.84 -40.05 3.08
N LEU B 187 -15.94 -41.04 3.14
CA LEU B 187 -14.57 -40.80 2.70
C LEU B 187 -14.52 -40.46 1.22
N SER B 188 -15.29 -41.17 0.39
CA SER B 188 -15.32 -40.88 -1.04
C SER B 188 -15.92 -39.50 -1.30
N ALA B 189 -16.99 -39.15 -0.60
CA ALA B 189 -17.61 -37.84 -0.81
C ALA B 189 -16.69 -36.71 -0.38
N PHE B 190 -16.00 -36.89 0.76
CA PHE B 190 -15.07 -35.88 1.23
C PHE B 190 -13.87 -35.76 0.28
N TYR B 191 -13.41 -36.89 -0.24
CA TYR B 191 -12.35 -36.87 -1.24
C TYR B 191 -12.78 -36.05 -2.46
N TRP B 192 -14.00 -36.30 -2.95
CA TRP B 192 -14.50 -35.55 -4.09
C TRP B 192 -14.57 -34.06 -3.79
N THR B 193 -15.14 -33.69 -2.63
CA THR B 193 -15.34 -32.28 -2.35
C THR B 193 -14.02 -31.55 -2.11
N ILE B 194 -13.05 -32.22 -1.49
CA ILE B 194 -11.72 -31.61 -1.34
C ILE B 194 -11.05 -31.47 -2.70
N THR B 195 -11.20 -32.49 -3.56
CA THR B 195 -10.60 -32.43 -4.89
C THR B 195 -11.20 -31.27 -5.69
N THR B 196 -12.48 -30.98 -5.50
CA THR B 196 -13.14 -29.90 -6.22
C THR B 196 -12.81 -28.53 -5.64
N LEU B 197 -12.89 -28.38 -4.32
CA LEU B 197 -12.67 -27.08 -3.69
C LEU B 197 -11.24 -26.59 -3.90
N THR B 198 -10.27 -27.50 -3.82
CA THR B 198 -8.89 -27.14 -4.06
C THR B 198 -8.59 -26.95 -5.54
N THR B 199 -9.57 -27.17 -6.41
CA THR B 199 -9.46 -27.01 -7.86
C THR B 199 -8.44 -27.96 -8.48
N ILE B 200 -8.04 -29.01 -7.76
CA ILE B 200 -7.12 -29.98 -8.32
C ILE B 200 -7.81 -30.81 -9.40
N GLY B 201 -9.00 -31.33 -9.09
CA GLY B 201 -9.84 -31.94 -10.11
C GLY B 201 -9.29 -33.17 -10.81
N TYR B 202 -8.96 -34.22 -10.06
CA TYR B 202 -8.54 -35.47 -10.69
C TYR B 202 -9.58 -36.00 -11.65
N GLY B 203 -10.86 -35.86 -11.31
CA GLY B 203 -11.92 -36.37 -12.17
C GLY B 203 -12.13 -37.86 -12.12
N ASP B 204 -11.56 -38.55 -11.12
CA ASP B 204 -11.87 -39.96 -10.95
C ASP B 204 -13.26 -40.16 -10.37
N ILE B 205 -13.77 -39.18 -9.63
CA ILE B 205 -15.16 -39.15 -9.19
C ILE B 205 -15.82 -37.96 -9.87
N THR B 206 -16.89 -38.23 -10.63
CA THR B 206 -17.54 -37.20 -11.42
C THR B 206 -19.05 -37.42 -11.33
N PRO B 207 -19.85 -36.37 -11.56
CA PRO B 207 -21.31 -36.54 -11.54
C PRO B 207 -21.78 -37.40 -12.70
N SER B 208 -22.70 -38.33 -12.41
CA SER B 208 -23.24 -39.23 -13.42
C SER B 208 -24.69 -38.90 -13.80
N THR B 209 -25.35 -38.00 -13.09
CA THR B 209 -26.75 -37.70 -13.30
C THR B 209 -26.93 -36.19 -13.41
N PRO B 210 -28.00 -35.74 -14.06
CA PRO B 210 -28.19 -34.27 -14.20
C PRO B 210 -28.24 -33.52 -12.88
N THR B 211 -28.90 -34.07 -11.86
CA THR B 211 -28.92 -33.40 -10.57
C THR B 211 -27.52 -33.35 -9.95
N GLN B 212 -26.76 -34.44 -10.07
CA GLN B 212 -25.37 -34.41 -9.64
C GLN B 212 -24.55 -33.43 -10.47
N THR B 213 -24.90 -33.25 -11.75
CA THR B 213 -24.16 -32.29 -12.57
C THR B 213 -24.44 -30.86 -12.13
N VAL B 214 -25.70 -30.53 -11.84
CA VAL B 214 -26.03 -29.20 -11.34
C VAL B 214 -25.35 -28.94 -10.00
N TYR B 215 -25.40 -29.94 -9.11
CA TYR B 215 -24.72 -29.81 -7.82
C TYR B 215 -23.22 -29.62 -8.01
N THR B 216 -22.63 -30.36 -8.96
CA THR B 216 -21.21 -30.24 -9.24
C THR B 216 -20.88 -28.84 -9.75
N ILE B 217 -21.72 -28.28 -10.61
CA ILE B 217 -21.49 -26.92 -11.11
C ILE B 217 -21.51 -25.93 -9.96
N VAL B 218 -22.52 -26.05 -9.08
CA VAL B 218 -22.62 -25.13 -7.96
C VAL B 218 -21.40 -25.26 -7.05
N ILE B 219 -21.00 -26.49 -6.75
CA ILE B 219 -19.85 -26.71 -5.88
C ILE B 219 -18.56 -26.26 -6.55
N GLU B 220 -18.46 -26.37 -7.87
CA GLU B 220 -17.28 -25.88 -8.56
C GLU B 220 -17.17 -24.37 -8.44
N LEU B 221 -18.28 -23.65 -8.63
CA LEU B 221 -18.24 -22.21 -8.45
C LEU B 221 -17.91 -21.84 -7.00
N LEU B 222 -18.52 -22.54 -6.04
CA LEU B 222 -18.25 -22.25 -4.63
C LEU B 222 -16.79 -22.53 -4.27
N GLY B 223 -16.24 -23.63 -4.78
CA GLY B 223 -14.85 -23.95 -4.52
C GLY B 223 -13.89 -22.97 -5.16
N ALA B 224 -14.19 -22.52 -6.38
CA ALA B 224 -13.37 -21.49 -7.00
C ALA B 224 -13.38 -20.21 -6.17
N ALA B 225 -14.56 -19.80 -5.70
CA ALA B 225 -14.66 -18.61 -4.86
C ALA B 225 -13.90 -18.79 -3.55
N MET B 226 -14.06 -19.95 -2.91
CA MET B 226 -13.37 -20.21 -1.63
C MET B 226 -11.86 -20.21 -1.80
N TYR B 227 -11.36 -20.84 -2.87
CA TYR B 227 -9.93 -20.89 -3.08
C TYR B 227 -9.38 -19.52 -3.46
N GLY B 228 -10.15 -18.72 -4.20
CA GLY B 228 -9.75 -17.34 -4.45
C GLY B 228 -9.69 -16.53 -3.17
N LEU B 229 -10.65 -16.76 -2.27
CA LEU B 229 -10.61 -16.10 -0.96
C LEU B 229 -9.38 -16.50 -0.17
N VAL B 230 -9.04 -17.80 -0.20
CA VAL B 230 -7.85 -18.27 0.49
C VAL B 230 -6.61 -17.60 -0.07
N ILE B 231 -6.50 -17.56 -1.40
CA ILE B 231 -5.31 -16.97 -2.02
C ILE B 231 -5.23 -15.49 -1.70
N GLY B 232 -6.36 -14.78 -1.75
CA GLY B 232 -6.35 -13.36 -1.44
C GLY B 232 -5.97 -13.09 0.00
N ASN B 233 -6.48 -13.90 0.93
CA ASN B 233 -6.14 -13.73 2.33
C ASN B 233 -4.65 -14.00 2.58
N ILE B 234 -4.12 -15.05 1.95
CA ILE B 234 -2.70 -15.36 2.10
C ILE B 234 -1.86 -14.23 1.51
N ALA B 235 -2.25 -13.72 0.34
CA ALA B 235 -1.51 -12.63 -0.29
C ALA B 235 -1.50 -11.39 0.60
N SER B 236 -2.67 -11.03 1.13
CA SER B 236 -2.76 -9.88 2.04
C SER B 236 -1.87 -10.09 3.25
N LEU B 237 -1.93 -11.28 3.86
CA LEU B 237 -1.12 -11.56 5.04
C LEU B 237 0.37 -11.43 4.75
N VAL B 238 0.83 -12.05 3.65
CA VAL B 238 2.27 -12.06 3.37
C VAL B 238 2.77 -10.74 2.82
N SER B 239 1.90 -9.91 2.23
CA SER B 239 2.35 -8.63 1.73
C SER B 239 2.66 -7.63 2.83
N LYS B 240 2.27 -7.91 4.07
CA LYS B 240 2.44 -7.00 5.19
C LYS B 240 3.53 -7.44 6.16
N LEU B 241 4.21 -8.56 5.88
CA LEU B 241 5.11 -9.14 6.87
C LEU B 241 6.31 -8.23 7.15
N ASP B 242 6.99 -7.78 6.10
CA ASP B 242 8.25 -7.04 6.23
C ASP B 242 8.06 -5.54 6.09
N ALA B 243 6.97 -4.98 6.62
CA ALA B 243 6.65 -3.58 6.41
C ALA B 243 7.79 -2.66 6.84
N ALA B 244 8.32 -2.89 8.04
CA ALA B 244 9.41 -2.03 8.54
C ALA B 244 10.67 -2.19 7.69
N LYS B 245 11.03 -3.44 7.37
CA LYS B 245 12.24 -3.68 6.60
C LYS B 245 12.09 -3.13 5.18
N LEU B 246 10.92 -3.26 4.58
CA LEU B 246 10.72 -2.72 3.24
C LEU B 246 10.70 -1.19 3.26
N LEU B 247 10.14 -0.58 4.30
CA LEU B 247 10.21 0.87 4.41
C LEU B 247 11.67 1.33 4.55
N HIS B 248 12.46 0.63 5.36
CA HIS B 248 13.86 0.99 5.51
C HIS B 248 14.59 0.84 4.19
N ARG B 249 14.33 -0.25 3.46
CA ARG B 249 14.98 -0.46 2.18
C ARG B 249 14.61 0.60 1.15
N GLU B 250 13.32 0.96 1.09
CA GLU B 250 12.93 1.99 0.13
C GLU B 250 13.54 3.34 0.50
N ARG B 251 13.63 3.64 1.80
CA ARG B 251 14.31 4.85 2.24
C ARG B 251 15.78 4.86 1.81
N VAL B 252 16.48 3.75 2.04
CA VAL B 252 17.90 3.69 1.74
C VAL B 252 18.14 3.76 0.23
N GLU B 253 17.32 3.07 -0.55
CA GLU B 253 17.44 3.15 -2.01
C GLU B 253 17.17 4.57 -2.51
N ARG B 254 16.13 5.23 -1.99
CA ARG B 254 15.87 6.61 -2.39
C ARG B 254 17.07 7.50 -2.10
N VAL B 255 17.61 7.41 -0.88
CA VAL B 255 18.73 8.26 -0.50
C VAL B 255 19.95 7.94 -1.35
N THR B 256 20.25 6.66 -1.56
CA THR B 256 21.42 6.27 -2.33
C THR B 256 21.31 6.71 -3.78
N ALA B 257 20.13 6.53 -4.39
CA ALA B 257 19.94 6.99 -5.76
C ALA B 257 20.12 8.50 -5.87
N PHE B 258 19.53 9.25 -4.93
CA PHE B 258 19.68 10.70 -4.98
C PHE B 258 21.13 11.12 -4.82
N LEU B 259 21.85 10.49 -3.89
CA LEU B 259 23.26 10.83 -3.71
C LEU B 259 24.09 10.44 -4.92
N SER B 260 23.71 9.36 -5.60
CA SER B 260 24.38 8.99 -6.85
C SER B 260 24.16 10.04 -7.92
N TYR B 261 22.94 10.60 -7.99
CA TYR B 261 22.70 11.70 -8.92
C TYR B 261 23.56 12.91 -8.60
N LYS B 262 23.69 13.25 -7.31
CA LYS B 262 24.52 14.38 -6.88
C LYS B 262 26.01 14.10 -6.95
N ARG B 263 26.42 12.94 -7.45
CA ARG B 263 27.84 12.60 -7.62
C ARG B 263 28.59 12.64 -6.28
N ILE B 264 27.93 12.20 -5.22
CA ILE B 264 28.57 12.11 -3.90
C ILE B 264 29.66 11.04 -3.95
N SER B 265 30.77 11.32 -3.27
CA SER B 265 31.89 10.40 -3.26
C SER B 265 31.51 9.11 -2.53
N PRO B 266 32.08 7.97 -2.96
CA PRO B 266 31.69 6.69 -2.33
C PRO B 266 32.05 6.56 -0.85
N GLU B 267 33.02 7.32 -0.33
CA GLU B 267 33.32 7.24 1.10
C GLU B 267 32.15 7.78 1.93
N LEU B 268 31.63 8.95 1.55
CA LEU B 268 30.49 9.51 2.26
C LEU B 268 29.26 8.63 2.09
N GLN B 269 29.09 8.05 0.90
CA GLN B 269 27.99 7.11 0.69
C GLN B 269 28.12 5.90 1.60
N ARG B 270 29.34 5.39 1.77
CA ARG B 270 29.56 4.27 2.68
C ARG B 270 29.23 4.66 4.12
N ARG B 271 29.63 5.86 4.53
CA ARG B 271 29.31 6.32 5.88
C ARG B 271 27.80 6.44 6.08
N ILE B 272 27.08 6.90 5.06
CA ILE B 272 25.63 7.02 5.18
C ILE B 272 24.98 5.64 5.21
N ILE B 273 25.50 4.70 4.41
CA ILE B 273 24.99 3.33 4.40
C ILE B 273 25.17 2.68 5.76
N GLU B 274 26.36 2.86 6.35
CA GLU B 274 26.59 2.27 7.67
C GLU B 274 25.77 2.98 8.75
N TYR B 275 25.47 4.27 8.56
CA TYR B 275 24.53 4.93 9.46
C TYR B 275 23.15 4.29 9.40
N PHE B 276 22.66 4.03 8.19
CA PHE B 276 21.35 3.38 8.07
C PHE B 276 21.39 1.95 8.61
N ASP B 277 22.52 1.27 8.45
CA ASP B 277 22.67 -0.06 9.04
C ASP B 277 22.57 0.01 10.56
N TYR B 278 23.24 1.00 11.16
CA TYR B 278 23.12 1.21 12.61
C TYR B 278 21.67 1.51 13.00
N LEU B 279 21.01 2.38 12.24
CA LEU B 279 19.64 2.75 12.58
C LEU B 279 18.71 1.54 12.52
N TRP B 280 18.88 0.68 11.52
CA TRP B 280 18.09 -0.54 11.44
C TRP B 280 18.40 -1.49 12.59
N GLU B 281 19.69 -1.77 12.82
CA GLU B 281 20.03 -2.78 13.81
C GLU B 281 19.70 -2.32 15.23
N THR B 282 19.60 -1.01 15.46
CA THR B 282 19.26 -0.56 16.79
C THR B 282 17.76 -0.36 16.98
N ARG B 283 17.10 0.36 16.06
CA ARG B 283 15.72 0.76 16.32
C ARG B 283 14.81 0.60 15.10
N ARG B 284 15.12 -0.36 14.22
CA ARG B 284 14.27 -0.71 13.08
C ARG B 284 14.05 0.48 12.14
N GLY B 285 14.96 1.44 12.14
CA GLY B 285 14.87 2.57 11.23
C GLY B 285 13.87 3.63 11.61
N TYR B 286 13.23 3.53 12.78
CA TYR B 286 12.24 4.51 13.20
C TYR B 286 12.91 5.80 13.67
N GLU B 287 12.30 6.93 13.30
CA GLU B 287 12.78 8.24 13.70
C GLU B 287 12.20 8.61 15.07
N GLU B 288 13.07 8.92 16.02
CA GLU B 288 12.62 9.35 17.34
C GLU B 288 11.68 10.56 17.23
N ARG B 289 12.05 11.52 16.38
CA ARG B 289 11.25 12.73 16.20
C ARG B 289 9.83 12.41 15.76
N GLU B 290 9.64 11.37 14.96
CA GLU B 290 8.31 11.02 14.49
C GLU B 290 7.59 10.07 15.43
N VAL B 291 8.32 9.18 16.11
CA VAL B 291 7.68 8.29 17.07
C VAL B 291 7.11 9.08 18.24
N LEU B 292 7.87 10.04 18.76
CA LEU B 292 7.40 10.78 19.93
C LEU B 292 6.21 11.68 19.62
N LYS B 293 5.98 12.03 18.36
CA LYS B 293 4.79 12.81 18.01
C LYS B 293 3.52 11.99 18.08
N GLU B 294 3.63 10.66 18.07
CA GLU B 294 2.45 9.81 18.13
C GLU B 294 1.91 9.62 19.54
N LEU B 295 2.59 10.16 20.55
CA LEU B 295 2.17 10.12 21.94
C LEU B 295 1.54 11.45 22.35
N PRO B 296 0.56 11.43 23.26
CA PRO B 296 0.02 12.67 23.80
C PRO B 296 1.02 13.32 24.75
N HIS B 297 0.82 14.62 24.97
CA HIS B 297 1.75 15.41 25.78
C HIS B 297 2.07 14.83 27.15
N PRO B 298 1.11 14.35 27.96
CA PRO B 298 1.50 13.74 29.24
C PRO B 298 2.35 12.49 29.08
N LEU B 299 2.02 11.62 28.13
CA LEU B 299 2.83 10.43 27.92
C LEU B 299 4.17 10.76 27.30
N ARG B 300 4.19 11.75 26.39
CA ARG B 300 5.46 12.19 25.83
C ARG B 300 6.37 12.75 26.92
N LEU B 301 5.80 13.53 27.84
CA LEU B 301 6.58 14.05 28.96
C LEU B 301 7.08 12.94 29.86
N ALA B 302 6.23 11.95 30.14
CA ALA B 302 6.66 10.82 30.97
C ALA B 302 7.82 10.08 30.30
N VAL B 303 7.72 9.82 29.01
CA VAL B 303 8.78 9.11 28.29
C VAL B 303 10.06 9.92 28.30
N ALA B 304 9.95 11.23 28.02
CA ALA B 304 11.14 12.09 27.98
C ALA B 304 11.81 12.17 29.35
N MET B 305 11.01 12.25 30.42
CA MET B 305 11.56 12.23 31.77
C MET B 305 12.21 10.89 32.09
N GLU B 306 11.66 9.80 31.55
CA GLU B 306 12.24 8.48 31.78
C GLU B 306 13.59 8.34 31.09
N ILE B 307 13.66 8.74 29.81
CA ILE B 307 14.89 8.61 29.06
C ILE B 307 15.99 9.48 29.66
N HIS B 308 15.69 10.76 29.88
CA HIS B 308 16.65 11.68 30.46
C HIS B 308 16.52 11.67 31.99
N GLY B 309 16.76 10.50 32.56
CA GLY B 309 16.64 10.31 34.00
C GLY B 309 17.90 10.70 34.75
N ASP B 310 17.85 11.84 35.45
CA ASP B 310 18.88 12.44 36.28
C ASP B 310 20.01 13.04 35.44
N VAL B 311 20.00 12.88 34.11
CA VAL B 311 21.08 13.41 33.29
C VAL B 311 21.03 14.93 33.24
N ILE B 312 19.83 15.50 33.25
CA ILE B 312 19.67 16.96 33.27
C ILE B 312 19.53 17.48 34.69
N GLU B 313 19.16 16.62 35.64
CA GLU B 313 19.11 16.99 37.05
C GLU B 313 20.43 16.77 37.77
N LYS B 314 21.49 16.38 37.06
CA LYS B 314 22.82 16.33 37.63
C LYS B 314 23.74 17.40 37.07
N VAL B 315 23.25 18.25 36.18
CA VAL B 315 24.11 19.27 35.56
C VAL B 315 24.39 20.36 36.57
N PRO B 316 25.66 20.75 36.79
CA PRO B 316 25.95 21.81 37.77
C PRO B 316 25.39 23.17 37.39
N LEU B 317 25.08 23.40 36.10
CA LEU B 317 24.58 24.70 35.69
C LEU B 317 23.26 25.04 36.36
N PHE B 318 22.37 24.04 36.50
CA PHE B 318 21.04 24.25 37.06
C PHE B 318 20.64 23.17 38.07
N LYS B 319 21.60 22.71 38.89
CA LYS B 319 21.30 21.77 39.97
C LYS B 319 20.14 22.23 40.83
N GLY B 320 20.10 23.52 41.17
CA GLY B 320 19.10 24.07 42.06
C GLY B 320 17.77 24.41 41.44
N ALA B 321 17.60 24.14 40.15
CA ALA B 321 16.39 24.55 39.44
C ALA B 321 15.19 23.74 39.89
N GLY B 322 14.02 24.36 39.77
CA GLY B 322 12.78 23.67 40.07
C GLY B 322 12.42 22.65 39.00
N GLU B 323 11.57 21.69 39.39
CA GLU B 323 11.17 20.63 38.47
C GLU B 323 10.40 21.15 37.27
N GLU B 324 9.76 22.33 37.38
CA GLU B 324 9.07 22.91 36.22
C GLU B 324 10.07 23.25 35.11
N PHE B 325 11.17 23.92 35.47
CA PHE B 325 12.21 24.22 34.50
C PHE B 325 12.82 22.94 33.95
N ILE B 326 13.00 21.93 34.79
CA ILE B 326 13.53 20.65 34.34
C ILE B 326 12.62 20.05 33.28
N ARG B 327 11.30 20.04 33.53
CA ARG B 327 10.37 19.49 32.57
C ARG B 327 10.41 20.27 31.25
N ASP B 328 10.45 21.60 31.34
CA ASP B 328 10.48 22.42 30.13
C ASP B 328 11.74 22.18 29.32
N ILE B 329 12.88 22.02 30.01
CA ILE B 329 14.13 21.69 29.32
C ILE B 329 14.03 20.32 28.68
N ILE B 330 13.51 19.34 29.42
CA ILE B 330 13.45 17.96 28.96
C ILE B 330 12.61 17.84 27.70
N LEU B 331 11.52 18.61 27.60
CA LEU B 331 10.67 18.50 26.43
C LEU B 331 11.32 19.02 25.16
N HIS B 332 12.38 19.83 25.26
CA HIS B 332 12.98 20.48 24.11
C HIS B 332 14.29 19.85 23.65
N LEU B 333 14.74 18.76 24.27
CA LEU B 333 15.98 18.12 23.83
C LEU B 333 15.77 17.43 22.48
N GLU B 334 16.69 17.70 21.53
CA GLU B 334 16.56 17.15 20.18
C GLU B 334 17.49 15.97 19.99
N PRO B 335 16.99 14.80 19.58
CA PRO B 335 17.89 13.66 19.38
C PRO B 335 18.70 13.80 18.10
N VAL B 336 19.96 13.38 18.17
CA VAL B 336 20.85 13.39 17.01
C VAL B 336 21.83 12.23 17.15
N ILE B 337 22.14 11.59 16.04
CA ILE B 337 23.06 10.45 16.01
C ILE B 337 24.33 10.87 15.27
N TYR B 338 25.47 10.68 15.91
CA TYR B 338 26.77 10.94 15.29
C TYR B 338 27.49 9.63 15.01
N GLY B 339 28.07 9.52 13.83
CA GLY B 339 28.78 8.32 13.44
C GLY B 339 30.19 8.29 14.01
N PRO B 340 30.84 7.14 13.85
CA PRO B 340 32.21 6.99 14.38
C PRO B 340 33.16 8.04 13.81
N GLY B 341 33.89 8.69 14.70
CA GLY B 341 34.89 9.66 14.28
C GLY B 341 34.34 11.00 13.85
N GLU B 342 33.03 11.19 13.85
CA GLU B 342 32.46 12.47 13.45
C GLU B 342 32.70 13.53 14.52
N TYR B 343 33.01 14.74 14.08
CA TYR B 343 33.28 15.85 15.00
C TYR B 343 31.97 16.46 15.46
N ILE B 344 31.71 16.38 16.77
CA ILE B 344 30.55 17.06 17.33
C ILE B 344 30.88 18.52 17.62
N ILE B 345 32.06 18.76 18.18
CA ILE B 345 32.53 20.10 18.50
C ILE B 345 33.99 20.21 18.08
N ARG B 346 34.35 21.31 17.44
CA ARG B 346 35.74 21.62 17.12
C ARG B 346 36.16 22.86 17.90
N ALA B 347 37.39 22.81 18.41
CA ALA B 347 37.92 23.92 19.21
C ALA B 347 37.95 25.20 18.41
N GLY B 348 37.64 26.32 19.08
CA GLY B 348 37.60 27.61 18.46
C GLY B 348 36.31 27.95 17.75
N GLU B 349 35.41 26.99 17.55
CA GLU B 349 34.12 27.28 16.93
C GLU B 349 33.26 28.13 17.85
N MET B 350 32.45 28.99 17.25
CA MET B 350 31.55 29.87 17.98
C MET B 350 30.27 29.11 18.36
N GLY B 351 30.45 28.02 19.10
CA GLY B 351 29.36 27.10 19.39
C GLY B 351 28.37 27.66 20.39
N SER B 352 27.20 27.02 20.41
CA SER B 352 26.11 27.49 21.27
C SER B 352 25.27 26.36 21.87
N ASP B 353 25.64 25.09 21.68
CA ASP B 353 24.80 23.97 22.06
C ASP B 353 25.48 23.12 23.13
N VAL B 354 24.68 22.59 24.06
CA VAL B 354 25.12 21.60 25.03
C VAL B 354 24.60 20.25 24.59
N TYR B 355 25.38 19.20 24.84
CA TYR B 355 25.07 17.86 24.37
C TYR B 355 25.00 16.89 25.54
N PHE B 356 24.01 16.01 25.52
CA PHE B 356 23.86 14.95 26.49
C PHE B 356 24.03 13.60 25.82
N ILE B 357 24.89 12.75 26.37
CA ILE B 357 25.19 11.46 25.78
C ILE B 357 24.16 10.45 26.30
N ASN B 358 23.27 10.00 25.43
CA ASN B 358 22.32 8.96 25.79
C ASN B 358 22.88 7.57 25.53
N ARG B 359 23.68 7.41 24.49
CA ARG B 359 24.38 6.15 24.26
C ARG B 359 25.62 6.42 23.42
N GLY B 360 26.57 5.49 23.51
CA GLY B 360 27.86 5.69 22.89
C GLY B 360 28.80 6.50 23.77
N SER B 361 29.95 6.86 23.20
CA SER B 361 30.95 7.60 23.95
C SER B 361 31.70 8.52 23.01
N VAL B 362 32.20 9.62 23.57
CA VAL B 362 32.93 10.64 22.83
C VAL B 362 34.25 10.89 23.51
N GLU B 363 35.22 11.41 22.74
CA GLU B 363 36.50 11.83 23.26
C GLU B 363 36.63 13.34 23.16
N VAL B 364 37.05 13.95 24.26
CA VAL B 364 37.38 15.38 24.30
C VAL B 364 38.89 15.51 24.08
N LEU B 365 39.25 16.26 23.05
CA LEU B 365 40.59 16.33 22.49
C LEU B 365 41.06 17.78 22.47
N SER B 366 42.38 17.97 22.49
CA SER B 366 42.99 19.29 22.39
C SER B 366 42.62 19.95 21.06
N ALA B 367 42.94 21.25 20.98
CA ALA B 367 42.66 22.01 19.77
C ALA B 367 43.41 21.49 18.55
N ASP B 368 44.56 20.87 18.76
CA ASP B 368 45.32 20.23 17.69
C ASP B 368 45.03 18.74 17.57
N GLU B 369 44.18 18.19 18.44
CA GLU B 369 43.77 16.80 18.45
C GLU B 369 44.92 15.83 18.68
N LYS B 370 46.11 16.33 19.04
CA LYS B 370 47.26 15.46 19.29
C LYS B 370 47.23 14.82 20.67
N THR B 371 46.36 15.29 21.57
CA THR B 371 46.22 14.66 22.88
C THR B 371 44.75 14.62 23.24
N ARG B 372 44.39 13.63 24.07
CA ARG B 372 43.01 13.40 24.46
C ARG B 372 42.81 13.85 25.90
N TYR B 373 42.02 14.90 26.09
CA TYR B 373 41.76 15.37 27.45
C TYR B 373 40.93 14.35 28.23
N ALA B 374 39.89 13.80 27.61
CA ALA B 374 38.99 12.95 28.38
C ALA B 374 38.19 12.05 27.46
N ILE B 375 37.56 11.03 28.04
CA ILE B 375 36.53 10.25 27.40
C ILE B 375 35.25 10.37 28.22
N LEU B 376 34.15 10.70 27.56
CA LEU B 376 32.84 10.80 28.20
C LEU B 376 31.93 9.71 27.63
N SER B 377 31.07 9.16 28.49
CA SER B 377 30.28 8.00 28.12
C SER B 377 28.81 8.25 28.44
N GLU B 378 28.02 7.19 28.29
CA GLU B 378 26.58 7.21 28.52
C GLU B 378 26.23 7.86 29.84
N GLY B 379 25.32 8.83 29.80
CA GLY B 379 24.88 9.54 30.98
C GLY B 379 25.66 10.80 31.31
N GLN B 380 26.69 11.14 30.55
CA GLN B 380 27.45 12.35 30.77
C GLN B 380 27.07 13.42 29.73
N PHE B 381 27.64 14.60 29.91
CA PHE B 381 27.27 15.75 29.08
C PHE B 381 28.49 16.64 28.87
N PHE B 382 28.42 17.44 27.81
CA PHE B 382 29.49 18.38 27.48
C PHE B 382 28.90 19.54 26.71
N GLY B 383 29.65 20.65 26.69
CA GLY B 383 29.20 21.86 26.04
C GLY B 383 28.38 22.79 26.90
N GLU B 384 28.46 22.63 28.23
CA GLU B 384 27.63 23.45 29.15
C GLU B 384 28.05 24.92 29.09
N MET B 385 29.32 25.21 28.80
CA MET B 385 29.82 26.61 28.80
C MET B 385 29.08 27.44 27.75
N ALA B 386 28.72 26.84 26.61
CA ALA B 386 28.07 27.58 25.51
C ALA B 386 26.75 28.20 25.98
N LEU B 387 26.07 27.57 26.94
CA LEU B 387 24.74 28.06 27.38
C LEU B 387 24.89 29.37 28.17
N ILE B 388 25.89 29.47 29.04
CA ILE B 388 26.03 30.67 29.87
C ILE B 388 26.86 31.73 29.15
N LEU B 389 28.02 31.36 28.64
CA LEU B 389 28.90 32.30 27.95
C LEU B 389 28.51 32.37 26.49
N ARG B 390 29.32 33.08 25.71
CA ARG B 390 29.19 33.14 24.25
C ARG B 390 30.58 32.98 23.64
N ALA B 391 31.48 32.35 24.40
CA ALA B 391 32.89 32.21 24.12
C ALA B 391 33.15 31.08 23.12
N PRO B 392 34.33 31.05 22.49
CA PRO B 392 34.67 29.93 21.61
C PRO B 392 34.79 28.62 22.38
N ARG B 393 34.60 27.52 21.64
CA ARG B 393 34.67 26.20 22.24
C ARG B 393 36.07 25.90 22.76
N THR B 394 36.14 25.37 23.99
CA THR B 394 37.43 25.18 24.64
C THR B 394 38.20 24.00 24.05
N ALA B 395 37.51 22.95 23.61
CA ALA B 395 38.19 21.75 23.15
C ALA B 395 37.32 21.04 22.13
N THR B 396 37.98 20.20 21.32
CA THR B 396 37.29 19.44 20.29
C THR B 396 36.59 18.24 20.91
N VAL B 397 35.43 17.87 20.36
CA VAL B 397 34.71 16.68 20.78
C VAL B 397 34.47 15.81 19.55
N ARG B 398 34.86 14.54 19.63
CA ARG B 398 34.76 13.63 18.50
C ARG B 398 34.17 12.30 18.95
N ALA B 399 33.23 11.77 18.18
CA ALA B 399 32.54 10.55 18.56
C ALA B 399 33.47 9.35 18.47
N ARG B 400 33.46 8.52 19.52
CA ARG B 400 34.22 7.27 19.47
C ARG B 400 33.55 6.26 18.56
N ALA B 401 32.23 6.19 18.60
CA ALA B 401 31.44 5.32 17.73
C ALA B 401 30.09 5.99 17.51
N PHE B 402 29.12 5.20 17.06
CA PHE B 402 27.76 5.74 16.90
C PHE B 402 27.22 6.19 18.25
N CYS B 403 27.04 7.50 18.39
CA CYS B 403 26.55 8.11 19.63
C CYS B 403 25.14 8.63 19.43
N ASP B 404 24.24 8.20 20.31
CA ASP B 404 22.92 8.81 20.43
C ASP B 404 23.03 9.93 21.45
N LEU B 405 22.89 11.17 20.98
CA LEU B 405 23.09 12.37 21.77
C LEU B 405 21.83 13.22 21.75
N TYR B 406 21.69 14.09 22.74
CA TYR B 406 20.61 15.06 22.76
C TYR B 406 21.19 16.47 22.78
N ARG B 407 20.66 17.32 21.91
CA ARG B 407 21.15 18.66 21.68
C ARG B 407 20.16 19.67 22.24
N LEU B 408 20.68 20.66 22.95
CA LEU B 408 19.89 21.81 23.43
C LEU B 408 20.56 23.08 22.91
N ASP B 409 19.82 23.86 22.14
CA ASP B 409 20.32 25.09 21.55
C ASP B 409 20.15 26.25 22.52
N LYS B 410 21.15 27.13 22.54
CA LYS B 410 21.09 28.30 23.42
C LYS B 410 19.89 29.19 23.09
N GLU B 411 19.44 29.20 21.84
CA GLU B 411 18.25 29.96 21.49
C GLU B 411 17.03 29.44 22.24
N THR B 412 16.86 28.12 22.27
CA THR B 412 15.76 27.51 23.00
C THR B 412 15.98 27.59 24.51
N PHE B 413 17.24 27.49 24.95
CA PHE B 413 17.54 27.65 26.37
C PHE B 413 17.17 29.05 26.85
N ASP B 414 17.47 30.08 26.05
CA ASP B 414 17.06 31.44 26.37
C ASP B 414 15.54 31.59 26.33
N ARG B 415 14.88 30.98 25.35
CA ARG B 415 13.43 30.99 25.32
C ARG B 415 12.85 30.43 26.62
N ILE B 416 13.43 29.33 27.10
CA ILE B 416 12.96 28.71 28.34
C ILE B 416 13.27 29.59 29.54
N LEU B 417 14.47 30.17 29.59
CA LEU B 417 14.84 31.06 30.68
C LEU B 417 13.95 32.29 30.75
N SER B 418 13.38 32.69 29.61
CA SER B 418 12.52 33.86 29.58
C SER B 418 11.33 33.74 30.53
N ARG B 419 10.90 32.52 30.85
CA ARG B 419 9.75 32.30 31.73
C ARG B 419 10.14 31.87 33.14
N TYR B 420 11.44 31.76 33.43
CA TYR B 420 11.94 31.45 34.77
C TYR B 420 12.96 32.50 35.18
N PRO B 421 12.50 33.69 35.60
CA PRO B 421 13.45 34.74 35.98
C PRO B 421 14.41 34.34 37.10
N GLU B 422 13.97 33.55 38.06
CA GLU B 422 14.86 33.13 39.15
C GLU B 422 16.02 32.29 38.62
N ILE B 423 15.73 31.37 37.71
CA ILE B 423 16.79 30.54 37.15
C ILE B 423 17.71 31.36 36.26
N ALA B 424 17.14 32.34 35.54
CA ALA B 424 17.97 33.24 34.75
C ALA B 424 18.92 34.03 35.63
N ALA B 425 18.44 34.52 36.78
CA ALA B 425 19.31 35.22 37.71
C ALA B 425 20.39 34.30 38.26
N GLN B 426 20.02 33.05 38.58
CA GLN B 426 20.99 32.08 39.08
C GLN B 426 22.10 31.86 38.04
N ILE B 427 21.72 31.60 36.79
CA ILE B 427 22.71 31.32 35.76
C ILE B 427 23.54 32.55 35.43
N GLN B 428 22.94 33.74 35.51
CA GLN B 428 23.73 34.97 35.30
C GLN B 428 24.73 35.18 36.42
N GLU B 429 24.35 34.85 37.66
CA GLU B 429 25.29 34.93 38.77
C GLU B 429 26.43 33.93 38.59
N LEU B 430 26.11 32.73 38.10
CA LEU B 430 27.16 31.77 37.79
C LEU B 430 28.11 32.31 36.72
N ALA B 431 27.56 32.95 35.69
CA ALA B 431 28.36 33.54 34.63
C ALA B 431 29.02 34.82 35.13
N THR C 26 34.78 -15.22 6.19
CA THR C 26 34.75 -15.75 7.56
C THR C 26 34.29 -17.21 7.54
N TYR C 27 35.04 -18.07 8.25
CA TYR C 27 34.80 -19.50 8.18
C TYR C 27 33.50 -19.92 8.84
N THR C 28 32.95 -19.10 9.73
CA THR C 28 31.68 -19.45 10.36
C THR C 28 30.55 -19.51 9.34
N LEU C 29 30.54 -18.61 8.37
CA LEU C 29 29.56 -18.68 7.30
C LEU C 29 29.73 -19.96 6.48
N VAL C 30 30.98 -20.37 6.25
CA VAL C 30 31.21 -21.64 5.57
C VAL C 30 30.69 -22.81 6.40
N TRP C 31 30.81 -22.73 7.73
CA TRP C 31 30.23 -23.76 8.59
C TRP C 31 28.71 -23.81 8.45
N LYS C 32 28.08 -22.63 8.39
CA LYS C 32 26.63 -22.59 8.22
C LYS C 32 26.22 -23.16 6.86
N VAL C 33 27.00 -22.90 5.82
CA VAL C 33 26.71 -23.49 4.51
C VAL C 33 26.89 -25.01 4.55
N TRP C 34 27.91 -25.48 5.26
CA TRP C 34 28.09 -26.91 5.43
C TRP C 34 26.90 -27.54 6.14
N ILE C 35 26.37 -26.87 7.15
CA ILE C 35 25.21 -27.41 7.86
C ILE C 35 23.95 -27.32 7.00
N LEU C 36 23.86 -26.31 6.14
CA LEU C 36 22.84 -26.31 5.09
C LEU C 36 22.92 -27.59 4.27
N ALA C 37 24.13 -27.95 3.83
CA ALA C 37 24.30 -29.17 3.06
C ALA C 37 23.91 -30.40 3.86
N VAL C 38 24.26 -30.43 5.15
CA VAL C 38 23.95 -31.59 5.98
C VAL C 38 22.45 -31.74 6.18
N THR C 39 21.75 -30.64 6.45
CA THR C 39 20.31 -30.72 6.66
C THR C 39 19.59 -31.06 5.35
N LEU C 40 20.09 -30.60 4.20
CA LEU C 40 19.52 -31.04 2.94
C LEU C 40 19.76 -32.53 2.72
N TYR C 41 20.96 -33.01 3.06
CA TYR C 41 21.25 -34.43 3.00
C TYR C 41 20.25 -35.24 3.81
N TYR C 42 19.99 -34.80 5.04
CA TYR C 42 19.03 -35.54 5.88
C TYR C 42 17.61 -35.44 5.35
N ALA C 43 17.19 -34.24 4.91
CA ALA C 43 15.84 -34.08 4.38
C ALA C 43 15.62 -34.96 3.15
N ILE C 44 16.68 -35.22 2.38
CA ILE C 44 16.56 -36.16 1.26
C ILE C 44 16.55 -37.60 1.76
N ARG C 45 17.50 -37.95 2.63
CA ARG C 45 17.76 -39.35 2.91
C ARG C 45 16.71 -39.97 3.83
N ILE C 46 16.26 -39.25 4.85
CA ILE C 46 15.47 -39.85 5.92
C ILE C 46 14.19 -40.50 5.38
N PRO C 47 13.32 -39.79 4.65
CA PRO C 47 12.15 -40.49 4.09
C PRO C 47 12.52 -41.54 3.05
N LEU C 48 13.57 -41.28 2.26
CA LEU C 48 13.98 -42.24 1.25
C LEU C 48 14.54 -43.51 1.89
N THR C 49 15.14 -43.39 3.08
CA THR C 49 15.50 -44.58 3.84
C THR C 49 14.29 -45.22 4.52
N LEU C 50 13.31 -44.40 4.93
CA LEU C 50 12.10 -44.95 5.51
C LEU C 50 11.34 -45.81 4.51
N VAL C 51 11.45 -45.49 3.21
CA VAL C 51 10.80 -46.31 2.21
C VAL C 51 11.73 -47.40 1.66
N PHE C 52 13.05 -47.17 1.71
CA PHE C 52 14.05 -48.14 1.25
C PHE C 52 15.04 -48.38 2.39
N PRO C 53 14.73 -49.29 3.31
CA PRO C 53 15.65 -49.55 4.43
C PRO C 53 17.05 -49.97 3.98
N SER C 54 17.16 -50.67 2.84
CA SER C 54 18.45 -51.12 2.37
C SER C 54 19.42 -49.98 2.07
N LEU C 55 18.90 -48.76 1.92
CA LEU C 55 19.73 -47.60 1.69
C LEU C 55 20.48 -47.15 2.94
N PHE C 56 20.12 -47.69 4.11
CA PHE C 56 20.71 -47.21 5.37
C PHE C 56 22.21 -47.45 5.41
N SER C 57 22.64 -48.71 5.39
CA SER C 57 24.04 -49.06 5.63
C SER C 57 25.01 -48.49 4.58
N PRO C 58 24.68 -48.45 3.28
CA PRO C 58 25.65 -47.88 2.34
C PRO C 58 26.00 -46.43 2.63
N LEU C 59 25.07 -45.65 3.16
CA LEU C 59 25.31 -44.25 3.48
C LEU C 59 25.59 -44.03 4.96
N LEU C 60 25.72 -45.10 5.74
CA LEU C 60 26.04 -44.97 7.16
C LEU C 60 27.30 -44.15 7.44
N PRO C 61 28.43 -44.34 6.75
CA PRO C 61 29.61 -43.51 7.05
C PRO C 61 29.38 -42.02 6.84
N LEU C 62 28.45 -41.63 5.97
CA LEU C 62 28.09 -40.22 5.91
C LEU C 62 27.19 -39.82 7.07
N ASP C 63 26.29 -40.72 7.48
CA ASP C 63 25.33 -40.40 8.54
C ASP C 63 26.06 -40.03 9.83
N ILE C 64 26.96 -40.90 10.27
CA ILE C 64 27.75 -40.59 11.46
C ILE C 64 28.56 -39.32 11.23
N LEU C 65 29.03 -39.10 9.99
CA LEU C 65 29.72 -37.86 9.69
C LEU C 65 28.77 -36.67 9.82
N ALA C 66 27.54 -36.81 9.33
CA ALA C 66 26.61 -35.69 9.35
C ALA C 66 26.11 -35.42 10.75
N SER C 67 25.71 -36.47 11.48
CA SER C 67 25.16 -36.28 12.82
C SER C 67 26.19 -35.65 13.75
N LEU C 68 27.45 -36.06 13.62
CA LEU C 68 28.51 -35.42 14.38
C LEU C 68 28.53 -33.93 14.15
N ALA C 69 28.42 -33.52 12.88
CA ALA C 69 28.39 -32.09 12.58
C ALA C 69 27.25 -31.42 13.33
N LEU C 70 26.09 -32.09 13.38
CA LEU C 70 24.96 -31.50 14.09
C LEU C 70 25.25 -31.36 15.58
N ILE C 71 25.85 -32.39 16.19
CA ILE C 71 26.15 -32.28 17.61
C ILE C 71 27.26 -31.26 17.82
N ALA C 72 28.03 -30.95 16.76
CA ALA C 72 29.01 -29.89 16.85
C ALA C 72 28.38 -28.50 16.86
N ASP C 73 27.14 -28.36 16.39
CA ASP C 73 26.59 -27.02 16.20
C ASP C 73 25.94 -26.45 17.45
N ILE C 74 25.21 -27.25 18.21
CA ILE C 74 24.38 -26.71 19.28
C ILE C 74 25.18 -26.00 20.37
N PRO C 75 26.47 -26.32 20.61
CA PRO C 75 27.25 -25.45 21.51
C PRO C 75 27.92 -24.29 20.79
N LEU C 76 28.03 -24.33 19.46
CA LEU C 76 28.84 -23.35 18.75
C LEU C 76 28.16 -21.98 18.69
N ASP C 77 26.90 -21.93 18.27
CA ASP C 77 26.24 -20.64 18.07
C ASP C 77 25.97 -19.88 19.36
N LEU C 78 26.14 -20.52 20.52
CA LEU C 78 26.04 -19.81 21.79
C LEU C 78 27.10 -18.71 21.90
N ALA C 79 28.22 -18.85 21.20
CA ALA C 79 29.26 -17.83 21.17
C ALA C 79 28.99 -16.73 20.15
N PHE C 80 27.88 -16.82 19.40
CA PHE C 80 27.57 -15.87 18.35
C PHE C 80 26.18 -15.24 18.49
N GLU C 81 25.31 -15.73 19.38
CA GLU C 81 23.94 -15.25 19.44
C GLU C 81 23.83 -13.78 19.80
N SER C 82 24.87 -13.18 20.41
CA SER C 82 24.85 -11.75 20.71
C SER C 82 26.14 -11.06 20.31
N ARG C 83 26.95 -11.70 19.46
CA ARG C 83 28.23 -11.13 19.04
C ARG C 83 28.02 -9.99 18.06
N PRO C 90 22.93 -18.88 25.40
CA PRO C 90 22.83 -19.88 26.47
C PRO C 90 21.42 -20.00 27.05
N THR C 91 20.44 -19.45 26.34
CA THR C 91 19.05 -19.54 26.75
C THR C 91 18.45 -20.88 26.31
N LEU C 92 19.02 -21.98 26.80
CA LEU C 92 18.60 -23.31 26.37
C LEU C 92 17.16 -23.61 26.75
N LEU C 93 16.61 -22.91 27.73
CA LEU C 93 15.24 -23.14 28.18
C LEU C 93 14.21 -22.40 27.33
N ALA C 94 14.64 -21.62 26.36
CA ALA C 94 13.74 -20.82 25.53
C ALA C 94 13.25 -21.63 24.33
N PRO C 95 12.13 -21.23 23.73
CA PRO C 95 11.71 -21.89 22.48
C PRO C 95 12.72 -21.78 21.36
N SER C 96 13.44 -20.66 21.27
CA SER C 96 14.59 -20.58 20.39
C SER C 96 15.66 -21.55 20.88
N ARG C 97 16.38 -22.15 19.94
CA ARG C 97 17.42 -23.16 20.15
C ARG C 97 16.83 -24.51 20.56
N LEU C 98 15.51 -24.60 20.71
CA LEU C 98 14.84 -25.86 20.99
C LEU C 98 14.83 -26.77 19.76
N PRO C 99 14.55 -26.27 18.55
CA PRO C 99 14.60 -27.17 17.40
C PRO C 99 15.99 -27.68 17.09
N ASP C 100 17.00 -26.87 17.41
CA ASP C 100 18.42 -27.28 17.18
C ASP C 100 18.72 -28.52 18.03
N LEU C 101 18.51 -28.41 19.35
CA LEU C 101 18.82 -29.56 20.26
C LEU C 101 17.86 -30.73 19.94
N LEU C 102 16.59 -30.44 19.70
CA LEU C 102 15.60 -31.52 19.42
C LEU C 102 16.03 -32.25 18.14
N ALA C 103 16.69 -31.56 17.21
CA ALA C 103 17.10 -32.18 15.93
C ALA C 103 18.54 -32.69 16.00
N ALA C 104 19.15 -32.62 17.19
CA ALA C 104 20.55 -33.07 17.34
C ALA C 104 20.57 -34.49 17.93
N LEU C 105 19.40 -34.96 18.39
CA LEU C 105 19.31 -36.32 18.98
C LEU C 105 19.53 -37.37 17.88
N PRO C 106 20.33 -38.44 18.13
CA PRO C 106 20.59 -39.46 17.13
C PRO C 106 19.44 -40.44 17.00
N LEU C 107 18.21 -39.91 16.88
CA LEU C 107 17.01 -40.77 16.79
C LEU C 107 17.04 -41.58 15.48
N ASP C 108 17.44 -40.92 14.37
CA ASP C 108 17.42 -41.60 13.04
C ASP C 108 18.28 -42.87 13.10
N LEU C 109 19.51 -42.76 13.63
CA LEU C 109 20.41 -43.93 13.68
C LEU C 109 19.71 -45.08 14.43
N LEU C 110 19.18 -44.79 15.61
CA LEU C 110 18.52 -45.84 16.43
C LEU C 110 17.34 -46.44 15.64
N VAL C 111 16.47 -45.58 15.10
CA VAL C 111 15.25 -46.07 14.39
C VAL C 111 15.68 -47.02 13.25
N PHE C 112 16.66 -46.62 12.45
CA PHE C 112 17.09 -47.45 11.29
C PHE C 112 17.75 -48.73 11.79
N ALA C 113 18.62 -48.62 12.80
CA ALA C 113 19.36 -49.79 13.32
C ALA C 113 18.38 -50.79 13.95
N LEU C 114 17.36 -50.28 14.65
CA LEU C 114 16.40 -51.17 15.37
C LEU C 114 15.38 -51.75 14.37
N HIS C 115 15.33 -51.23 13.14
CA HIS C 115 14.32 -51.69 12.15
C HIS C 115 12.97 -51.79 12.88
N LEU C 116 12.78 -50.96 13.90
CA LEU C 116 11.54 -50.95 14.66
C LEU C 116 10.35 -50.54 13.80
N PRO C 117 9.13 -50.86 14.23
CA PRO C 117 7.96 -50.67 13.36
C PRO C 117 7.75 -49.22 12.90
N SER C 118 7.18 -49.11 11.71
CA SER C 118 6.98 -47.81 11.04
C SER C 118 6.26 -46.76 11.88
N PRO C 119 5.16 -47.06 12.58
CA PRO C 119 4.50 -46.00 13.36
C PRO C 119 5.42 -45.36 14.39
N LEU C 120 6.37 -46.11 14.94
CA LEU C 120 7.41 -45.53 15.78
C LEU C 120 8.61 -45.09 14.97
N SER C 121 8.85 -45.71 13.81
CA SER C 121 9.94 -45.31 12.94
C SER C 121 9.78 -43.89 12.44
N LEU C 122 8.55 -43.39 12.36
CA LEU C 122 8.32 -42.02 11.89
C LEU C 122 9.02 -40.99 12.74
N LEU C 123 9.39 -41.33 13.98
CA LEU C 123 10.10 -40.38 14.84
C LEU C 123 11.49 -40.05 14.30
N SER C 124 11.99 -40.83 13.33
CA SER C 124 13.27 -40.51 12.70
C SER C 124 13.25 -39.14 12.05
N LEU C 125 12.07 -38.64 11.68
CA LEU C 125 11.93 -37.35 11.02
C LEU C 125 12.21 -36.17 11.94
N VAL C 126 12.37 -36.41 13.25
CA VAL C 126 12.57 -35.32 14.20
C VAL C 126 13.82 -34.51 13.86
N ARG C 127 14.80 -35.13 13.19
CA ARG C 127 16.01 -34.42 12.81
C ARG C 127 15.71 -33.28 11.83
N LEU C 128 14.61 -33.38 11.08
CA LEU C 128 14.30 -32.38 10.07
C LEU C 128 13.90 -31.05 10.67
N LEU C 129 13.70 -30.97 11.99
CA LEU C 129 13.43 -29.68 12.63
C LEU C 129 14.62 -28.74 12.54
N LYS C 130 15.80 -29.25 12.14
CA LYS C 130 16.93 -28.37 11.87
C LYS C 130 16.63 -27.43 10.70
N LEU C 131 15.63 -27.77 9.88
CA LEU C 131 15.34 -26.98 8.68
C LEU C 131 14.94 -25.55 9.03
N ILE C 132 14.12 -25.36 10.06
CA ILE C 132 13.69 -24.00 10.38
C ILE C 132 14.86 -23.17 10.91
N SER C 133 15.74 -23.77 11.70
CA SER C 133 16.91 -23.04 12.17
C SER C 133 17.86 -22.70 11.02
N VAL C 134 18.00 -23.62 10.08
CA VAL C 134 18.86 -23.35 8.92
C VAL C 134 18.23 -22.28 8.04
N GLN C 135 16.91 -22.26 7.94
CA GLN C 135 16.22 -21.20 7.21
C GLN C 135 16.43 -19.86 7.88
N ALA C 136 16.36 -19.81 9.22
CA ALA C 136 16.62 -18.56 9.93
C ALA C 136 18.05 -18.09 9.71
N SER C 137 19.01 -19.02 9.75
CA SER C 137 20.42 -18.67 9.54
C SER C 137 20.62 -18.13 8.12
N ALA C 138 20.06 -18.82 7.13
CA ALA C 138 20.21 -18.38 5.74
C ALA C 138 19.55 -17.03 5.52
N THR C 139 18.40 -16.80 6.15
CA THR C 139 17.75 -15.50 6.07
C THR C 139 18.60 -14.41 6.69
N ALA C 140 19.29 -14.72 7.80
CA ALA C 140 20.11 -13.71 8.45
C ALA C 140 21.40 -13.43 7.69
N ILE C 141 21.97 -14.43 7.00
CA ILE C 141 23.20 -14.20 6.25
C ILE C 141 22.93 -13.75 4.82
N LEU C 142 21.68 -13.76 4.37
CA LEU C 142 21.29 -13.19 3.08
C LEU C 142 20.24 -12.10 3.22
N SER C 143 20.12 -11.49 4.41
CA SER C 143 19.12 -10.47 4.65
C SER C 143 19.46 -9.12 4.03
N TYR C 144 20.68 -8.96 3.51
CA TYR C 144 21.15 -7.67 3.03
C TYR C 144 21.37 -7.62 1.53
N ARG C 145 21.92 -8.69 0.94
CA ARG C 145 22.16 -8.71 -0.48
C ARG C 145 20.92 -9.04 -1.30
N ILE C 146 19.86 -9.54 -0.66
CA ILE C 146 18.70 -10.08 -1.36
C ILE C 146 17.44 -9.41 -0.83
N ASN C 147 16.52 -9.10 -1.75
CA ASN C 147 15.23 -8.54 -1.38
C ASN C 147 14.52 -9.50 -0.43
N PRO C 148 14.05 -9.05 0.73
CA PRO C 148 13.38 -9.95 1.68
C PRO C 148 12.20 -10.73 1.10
N ALA C 149 11.39 -10.09 0.26
CA ALA C 149 10.26 -10.81 -0.34
C ALA C 149 10.75 -11.93 -1.25
N LEU C 150 11.77 -11.65 -2.07
CA LEU C 150 12.35 -12.67 -2.92
C LEU C 150 13.02 -13.76 -2.08
N LEU C 151 13.63 -13.38 -0.97
CA LEU C 151 14.24 -14.38 -0.08
C LEU C 151 13.20 -15.31 0.49
N ARG C 152 12.06 -14.75 0.93
CA ARG C 152 10.99 -15.60 1.45
C ARG C 152 10.43 -16.50 0.37
N LEU C 153 10.27 -15.97 -0.85
CA LEU C 153 9.78 -16.79 -1.96
C LEU C 153 10.73 -17.95 -2.25
N LEU C 154 12.03 -17.68 -2.28
CA LEU C 154 13.00 -18.75 -2.54
C LEU C 154 13.01 -19.79 -1.43
N SER C 155 12.92 -19.34 -0.18
CA SER C 155 12.85 -20.28 0.94
C SER C 155 11.61 -21.15 0.85
N LEU C 156 10.47 -20.54 0.48
CA LEU C 156 9.24 -21.30 0.32
C LEU C 156 9.36 -22.32 -0.79
N VAL C 157 10.01 -21.94 -1.90
CA VAL C 157 10.18 -22.87 -3.02
C VAL C 157 11.04 -24.06 -2.61
N GLY C 158 12.15 -23.80 -1.89
CA GLY C 158 12.98 -24.90 -1.42
C GLY C 158 12.25 -25.81 -0.45
N PHE C 159 11.50 -25.21 0.49
CA PHE C 159 10.68 -26.00 1.41
C PHE C 159 9.67 -26.84 0.66
N ILE C 160 9.07 -26.29 -0.39
CA ILE C 160 8.07 -27.02 -1.16
C ILE C 160 8.71 -28.19 -1.90
N LEU C 161 9.91 -28.00 -2.43
CA LEU C 161 10.59 -29.12 -3.08
C LEU C 161 10.91 -30.23 -2.09
N LEU C 162 11.39 -29.86 -0.90
CA LEU C 162 11.69 -30.88 0.10
C LEU C 162 10.42 -31.58 0.58
N ALA C 163 9.34 -30.82 0.77
CA ALA C 163 8.06 -31.40 1.15
C ALA C 163 7.53 -32.33 0.06
N ALA C 164 7.73 -31.96 -1.20
CA ALA C 164 7.32 -32.82 -2.31
C ALA C 164 8.09 -34.14 -2.27
N HIS C 165 9.39 -34.08 -1.99
CA HIS C 165 10.16 -35.32 -1.82
C HIS C 165 9.57 -36.17 -0.70
N GLY C 166 9.29 -35.55 0.46
CA GLY C 166 8.74 -36.30 1.58
C GLY C 166 7.38 -36.90 1.27
N ILE C 167 6.53 -36.14 0.58
CA ILE C 167 5.18 -36.60 0.26
C ILE C 167 5.24 -37.73 -0.77
N ALA C 168 6.17 -37.65 -1.72
CA ALA C 168 6.36 -38.76 -2.64
C ALA C 168 6.81 -40.02 -1.90
N CYS C 169 7.69 -39.86 -0.91
CA CYS C 169 8.10 -41.00 -0.10
C CYS C 169 6.91 -41.59 0.66
N GLY C 170 6.06 -40.74 1.23
CA GLY C 170 4.86 -41.24 1.89
C GLY C 170 3.95 -41.99 0.94
N TRP C 171 3.77 -41.45 -0.27
CA TRP C 171 2.94 -42.09 -1.28
C TRP C 171 3.48 -43.47 -1.64
N MET C 172 4.80 -43.58 -1.81
CA MET C 172 5.40 -44.90 -2.01
C MET C 172 5.16 -45.81 -0.82
N SER C 173 5.22 -45.25 0.39
CA SER C 173 5.03 -46.05 1.59
C SER C 173 3.62 -46.62 1.67
N LEU C 174 2.64 -45.92 1.10
CA LEU C 174 1.27 -46.44 1.08
C LEU C 174 0.95 -47.26 -0.16
N GLN C 175 1.88 -47.36 -1.11
CA GLN C 175 1.60 -48.10 -2.34
C GLN C 175 1.72 -49.61 -2.10
N PRO C 176 0.92 -50.41 -2.80
CA PRO C 176 1.05 -51.86 -2.72
C PRO C 176 2.42 -52.32 -3.18
N PRO C 177 2.94 -53.40 -2.60
CA PRO C 177 4.24 -53.93 -3.04
C PRO C 177 4.20 -54.33 -4.51
N SER C 178 5.33 -54.13 -5.19
CA SER C 178 5.44 -54.47 -6.61
C SER C 178 6.91 -54.70 -6.94
N GLU C 179 7.14 -55.30 -8.11
CA GLU C 179 8.49 -55.57 -8.60
C GLU C 179 9.08 -54.39 -9.36
N ASN C 180 8.38 -53.26 -9.44
CA ASN C 180 8.86 -52.13 -10.20
C ASN C 180 10.18 -51.63 -9.60
N PRO C 181 11.13 -51.19 -10.43
CA PRO C 181 12.38 -50.64 -9.91
C PRO C 181 12.13 -49.42 -9.03
N ALA C 182 12.97 -49.25 -8.02
CA ALA C 182 12.80 -48.16 -7.07
C ALA C 182 12.80 -46.81 -7.77
N GLY C 183 13.60 -46.67 -8.82
CA GLY C 183 13.64 -45.39 -9.53
C GLY C 183 12.33 -45.04 -10.19
N THR C 184 11.69 -46.02 -10.84
CA THR C 184 10.40 -45.76 -11.47
C THR C 184 9.31 -45.51 -10.44
N ARG C 185 9.38 -46.21 -9.31
CA ARG C 185 8.43 -45.97 -8.22
C ARG C 185 8.55 -44.56 -7.69
N TYR C 186 9.78 -44.11 -7.43
CA TYR C 186 9.98 -42.74 -6.96
C TYR C 186 9.53 -41.74 -8.02
N LEU C 187 9.83 -42.02 -9.29
CA LEU C 187 9.41 -41.10 -10.35
C LEU C 187 7.89 -40.97 -10.40
N SER C 188 7.18 -42.09 -10.30
CA SER C 188 5.72 -42.05 -10.31
C SER C 188 5.18 -41.31 -9.09
N ALA C 189 5.75 -41.55 -7.91
CA ALA C 189 5.27 -40.87 -6.72
C ALA C 189 5.54 -39.37 -6.79
N PHE C 190 6.71 -38.98 -7.28
CA PHE C 190 7.03 -37.57 -7.41
C PHE C 190 6.14 -36.91 -8.47
N TYR C 191 5.85 -37.63 -9.55
CA TYR C 191 4.92 -37.13 -10.55
C TYR C 191 3.56 -36.87 -9.92
N TRP C 192 3.06 -37.82 -9.13
CA TRP C 192 1.77 -37.64 -8.47
C TRP C 192 1.78 -36.43 -7.53
N THR C 193 2.84 -36.32 -6.71
CA THR C 193 2.84 -35.25 -5.71
C THR C 193 3.00 -33.89 -6.35
N ILE C 194 3.78 -33.79 -7.44
CA ILE C 194 3.88 -32.52 -8.15
C ILE C 194 2.56 -32.20 -8.83
N THR C 195 1.89 -33.21 -9.40
CA THR C 195 0.60 -32.98 -10.04
C THR C 195 -0.43 -32.48 -9.03
N THR C 196 -0.35 -32.96 -7.78
CA THR C 196 -1.30 -32.55 -6.75
C THR C 196 -0.97 -31.18 -6.17
N LEU C 197 0.30 -30.94 -5.83
CA LEU C 197 0.69 -29.68 -5.20
C LEU C 197 0.47 -28.49 -6.13
N THR C 198 0.76 -28.67 -7.42
CA THR C 198 0.52 -27.61 -8.39
C THR C 198 -0.95 -27.47 -8.74
N THR C 199 -1.81 -28.33 -8.19
CA THR C 199 -3.26 -28.31 -8.40
C THR C 199 -3.64 -28.58 -9.85
N ILE C 200 -2.72 -29.11 -10.66
CA ILE C 200 -3.05 -29.44 -12.03
C ILE C 200 -3.99 -30.63 -12.08
N GLY C 201 -3.64 -31.70 -11.35
CA GLY C 201 -4.57 -32.81 -11.15
C GLY C 201 -5.00 -33.57 -12.38
N TYR C 202 -4.05 -34.14 -13.14
CA TYR C 202 -4.42 -34.99 -14.27
C TYR C 202 -5.33 -36.14 -13.84
N GLY C 203 -5.07 -36.72 -12.67
CA GLY C 203 -5.87 -37.84 -12.21
C GLY C 203 -5.56 -39.16 -12.86
N ASP C 204 -4.43 -39.27 -13.55
CA ASP C 204 -4.00 -40.57 -14.07
C ASP C 204 -3.47 -41.46 -12.96
N ILE C 205 -2.95 -40.86 -11.89
CA ILE C 205 -2.59 -41.57 -10.67
C ILE C 205 -3.51 -41.08 -9.56
N THR C 206 -4.25 -41.99 -8.95
CA THR C 206 -5.26 -41.64 -7.96
C THR C 206 -5.21 -42.67 -6.84
N PRO C 207 -5.66 -42.30 -5.64
CA PRO C 207 -5.69 -43.27 -4.53
C PRO C 207 -6.69 -44.39 -4.80
N SER C 208 -6.27 -45.62 -4.51
CA SER C 208 -7.11 -46.79 -4.71
C SER C 208 -7.62 -47.40 -3.41
N THR C 209 -7.12 -46.96 -2.26
CA THR C 209 -7.46 -47.55 -0.97
C THR C 209 -7.85 -46.43 0.00
N PRO C 210 -8.63 -46.76 1.04
CA PRO C 210 -9.04 -45.71 1.98
C PRO C 210 -7.90 -44.96 2.64
N THR C 211 -6.82 -45.65 3.01
CA THR C 211 -5.67 -44.96 3.59
C THR C 211 -5.02 -44.05 2.57
N GLN C 212 -4.91 -44.50 1.31
CA GLN C 212 -4.41 -43.63 0.26
C GLN C 212 -5.36 -42.48 0.01
N THR C 213 -6.66 -42.68 0.20
CA THR C 213 -7.61 -41.60 0.02
C THR C 213 -7.46 -40.53 1.11
N VAL C 214 -7.30 -40.96 2.36
CA VAL C 214 -7.07 -40.00 3.44
C VAL C 214 -5.77 -39.24 3.22
N TYR C 215 -4.71 -39.96 2.84
CA TYR C 215 -3.44 -39.30 2.54
C TYR C 215 -3.60 -38.32 1.39
N THR C 216 -4.36 -38.70 0.36
CA THR C 216 -4.59 -37.82 -0.77
C THR C 216 -5.33 -36.55 -0.33
N ILE C 217 -6.33 -36.70 0.53
CA ILE C 217 -7.05 -35.52 1.02
C ILE C 217 -6.11 -34.58 1.77
N VAL C 218 -5.27 -35.15 2.65
CA VAL C 218 -4.34 -34.33 3.42
C VAL C 218 -3.37 -33.61 2.47
N ILE C 219 -2.83 -34.35 1.50
CA ILE C 219 -1.88 -33.77 0.56
C ILE C 219 -2.55 -32.74 -0.34
N GLU C 220 -3.82 -32.94 -0.68
CA GLU C 220 -4.55 -31.96 -1.46
C GLU C 220 -4.69 -30.65 -0.71
N LEU C 221 -5.07 -30.73 0.58
CA LEU C 221 -5.15 -29.52 1.38
C LEU C 221 -3.79 -28.85 1.51
N LEU C 222 -2.74 -29.64 1.77
CA LEU C 222 -1.40 -29.08 1.91
C LEU C 222 -0.93 -28.43 0.61
N GLY C 223 -1.20 -29.07 -0.53
CA GLY C 223 -0.81 -28.50 -1.80
C GLY C 223 -1.56 -27.23 -2.14
N ALA C 224 -2.87 -27.19 -1.82
CA ALA C 224 -3.62 -25.96 -2.01
C ALA C 224 -3.05 -24.83 -1.17
N ALA C 225 -2.72 -25.12 0.10
CA ALA C 225 -2.12 -24.10 0.96
C ALA C 225 -0.76 -23.65 0.42
N MET C 226 0.07 -24.60 0.00
CA MET C 226 1.39 -24.25 -0.51
C MET C 226 1.31 -23.42 -1.77
N TYR C 227 0.40 -23.77 -2.69
CA TYR C 227 0.27 -23.01 -3.92
C TYR C 227 -0.33 -21.64 -3.66
N GLY C 228 -1.25 -21.53 -2.70
CA GLY C 228 -1.72 -20.21 -2.30
C GLY C 228 -0.61 -19.36 -1.70
N LEU C 229 0.28 -19.98 -0.92
CA LEU C 229 1.43 -19.27 -0.39
C LEU C 229 2.34 -18.79 -1.51
N VAL C 230 2.57 -19.65 -2.50
CA VAL C 230 3.40 -19.26 -3.66
C VAL C 230 2.78 -18.08 -4.38
N ILE C 231 1.47 -18.14 -4.64
CA ILE C 231 0.81 -17.07 -5.37
C ILE C 231 0.85 -15.78 -4.57
N GLY C 232 0.61 -15.86 -3.25
CA GLY C 232 0.67 -14.67 -2.43
C GLY C 232 2.05 -14.05 -2.38
N ASN C 233 3.08 -14.88 -2.27
CA ASN C 233 4.44 -14.37 -2.26
C ASN C 233 4.81 -13.71 -3.58
N ILE C 234 4.42 -14.34 -4.70
CA ILE C 234 4.68 -13.75 -6.01
C ILE C 234 3.93 -12.43 -6.16
N ALA C 235 2.68 -12.39 -5.72
CA ALA C 235 1.89 -11.16 -5.83
C ALA C 235 2.53 -10.04 -5.01
N SER C 236 2.93 -10.35 -3.77
CA SER C 236 3.60 -9.36 -2.94
C SER C 236 4.88 -8.86 -3.60
N LEU C 237 5.69 -9.79 -4.12
CA LEU C 237 6.94 -9.40 -4.77
C LEU C 237 6.70 -8.48 -5.96
N VAL C 238 5.76 -8.85 -6.84
CA VAL C 238 5.56 -8.09 -8.07
C VAL C 238 4.80 -6.79 -7.82
N SER C 239 4.03 -6.69 -6.74
CA SER C 239 3.31 -5.45 -6.47
C SER C 239 4.23 -4.32 -6.00
N LYS C 240 5.47 -4.63 -5.66
CA LYS C 240 6.41 -3.65 -5.12
C LYS C 240 7.50 -3.26 -6.12
N LEU C 241 7.47 -3.81 -7.34
CA LEU C 241 8.59 -3.64 -8.26
C LEU C 241 8.75 -2.19 -8.70
N ASP C 242 7.68 -1.56 -9.16
CA ASP C 242 7.73 -0.24 -9.76
C ASP C 242 7.29 0.86 -8.79
N ALA C 243 7.67 0.75 -7.51
CA ALA C 243 7.18 1.68 -6.49
C ALA C 243 7.50 3.13 -6.86
N ALA C 244 8.74 3.41 -7.25
CA ALA C 244 9.12 4.77 -7.58
C ALA C 244 8.38 5.26 -8.83
N LYS C 245 8.31 4.42 -9.86
CA LYS C 245 7.65 4.82 -11.10
C LYS C 245 6.16 5.01 -10.89
N LEU C 246 5.54 4.16 -10.08
CA LEU C 246 4.11 4.31 -9.81
C LEU C 246 3.84 5.54 -8.95
N LEU C 247 4.72 5.85 -8.00
CA LEU C 247 4.57 7.08 -7.23
C LEU C 247 4.69 8.30 -8.14
N HIS C 248 5.66 8.29 -9.06
CA HIS C 248 5.80 9.40 -9.99
C HIS C 248 4.56 9.54 -10.87
N ARG C 249 4.05 8.41 -11.36
CA ARG C 249 2.85 8.45 -12.21
C ARG C 249 1.65 8.97 -11.45
N GLU C 250 1.44 8.52 -10.21
CA GLU C 250 0.30 9.01 -9.45
C GLU C 250 0.44 10.49 -9.15
N ARG C 251 1.66 10.95 -8.88
CA ARG C 251 1.90 12.38 -8.70
C ARG C 251 1.55 13.17 -9.94
N VAL C 252 2.02 12.70 -11.11
CA VAL C 252 1.80 13.43 -12.35
C VAL C 252 0.31 13.43 -12.72
N GLU C 253 -0.37 12.30 -12.55
CA GLU C 253 -1.81 12.26 -12.80
C GLU C 253 -2.57 13.18 -11.87
N ARG C 254 -2.22 13.20 -10.58
CA ARG C 254 -2.90 14.11 -9.67
C ARG C 254 -2.72 15.56 -10.11
N VAL C 255 -1.48 15.95 -10.42
CA VAL C 255 -1.20 17.33 -10.81
C VAL C 255 -1.92 17.67 -12.11
N THR C 256 -1.88 16.76 -13.09
CA THR C 256 -2.50 17.02 -14.39
C THR C 256 -4.01 17.14 -14.27
N ALA C 257 -4.64 16.25 -13.49
CA ALA C 257 -6.08 16.34 -13.27
C ALA C 257 -6.46 17.65 -12.60
N PHE C 258 -5.70 18.03 -11.56
CA PHE C 258 -6.01 19.28 -10.88
C PHE C 258 -5.87 20.48 -11.82
N LEU C 259 -4.80 20.50 -12.62
CA LEU C 259 -4.61 21.60 -13.56
C LEU C 259 -5.69 21.60 -14.64
N SER C 260 -6.18 20.43 -15.02
CA SER C 260 -7.30 20.37 -15.95
C SER C 260 -8.56 20.96 -15.34
N TYR C 261 -8.79 20.71 -14.05
CA TYR C 261 -9.92 21.34 -13.37
C TYR C 261 -9.78 22.86 -13.37
N LYS C 262 -8.58 23.36 -13.10
CA LYS C 262 -8.33 24.80 -13.08
C LYS C 262 -8.27 25.42 -14.47
N ARG C 263 -8.52 24.65 -15.53
CA ARG C 263 -8.55 25.17 -16.90
C ARG C 263 -7.21 25.80 -17.30
N ILE C 264 -6.12 25.20 -16.84
CA ILE C 264 -4.79 25.65 -17.22
C ILE C 264 -4.57 25.41 -18.71
N SER C 265 -3.90 26.35 -19.38
CA SER C 265 -3.68 26.24 -20.80
C SER C 265 -2.74 25.06 -21.10
N PRO C 266 -2.92 24.41 -22.25
CA PRO C 266 -2.08 23.24 -22.57
C PRO C 266 -0.59 23.52 -22.71
N GLU C 267 -0.18 24.76 -23.02
CA GLU C 267 1.25 25.05 -23.09
C GLU C 267 1.91 24.92 -21.72
N LEU C 268 1.31 25.53 -20.70
CA LEU C 268 1.84 25.41 -19.35
C LEU C 268 1.78 23.98 -18.85
N GLN C 269 0.71 23.26 -19.20
CA GLN C 269 0.62 21.84 -18.85
C GLN C 269 1.74 21.05 -19.51
N ARG C 270 2.06 21.36 -20.77
CA ARG C 270 3.19 20.69 -21.43
C ARG C 270 4.51 20.99 -20.74
N ARG C 271 4.70 22.25 -20.34
CA ARG C 271 5.92 22.60 -19.63
C ARG C 271 6.02 21.87 -18.30
N ILE C 272 4.90 21.70 -17.60
CA ILE C 272 4.93 20.97 -16.33
C ILE C 272 5.18 19.49 -16.56
N ILE C 273 4.59 18.93 -17.63
CA ILE C 273 4.82 17.53 -17.95
C ILE C 273 6.28 17.28 -18.28
N GLU C 274 6.89 18.17 -19.07
CA GLU C 274 8.31 18.00 -19.39
C GLU C 274 9.19 18.23 -18.17
N TYR C 275 8.76 19.08 -17.23
CA TYR C 275 9.47 19.19 -15.97
C TYR C 275 9.45 17.88 -15.21
N PHE C 276 8.29 17.23 -15.12
CA PHE C 276 8.24 15.94 -14.43
C PHE C 276 9.03 14.88 -15.18
N ASP C 277 9.05 14.94 -16.51
CA ASP C 277 9.89 14.03 -17.28
C ASP C 277 11.36 14.22 -16.93
N TYR C 278 11.81 15.48 -16.85
CA TYR C 278 13.17 15.76 -16.41
C TYR C 278 13.43 15.23 -15.02
N LEU C 279 12.49 15.45 -14.09
CA LEU C 279 12.69 15.01 -12.71
C LEU C 279 12.83 13.50 -12.64
N TRP C 280 12.00 12.77 -13.39
CA TRP C 280 12.11 11.32 -13.45
C TRP C 280 13.43 10.87 -14.06
N GLU C 281 13.77 11.41 -15.24
CA GLU C 281 14.95 10.91 -15.94
C GLU C 281 16.23 11.27 -15.21
N THR C 282 16.21 12.30 -14.36
CA THR C 282 17.42 12.64 -13.63
C THR C 282 17.50 11.96 -12.27
N ARG C 283 16.43 12.05 -11.46
CA ARG C 283 16.55 11.63 -10.07
C ARG C 283 15.33 10.82 -9.60
N ARG C 284 14.66 10.11 -10.51
CA ARG C 284 13.56 9.20 -10.18
C ARG C 284 12.41 9.92 -9.46
N GLY C 285 12.28 11.22 -9.68
CA GLY C 285 11.18 11.97 -9.11
C GLY C 285 11.31 12.31 -7.64
N TYR C 286 12.43 12.01 -7.01
CA TYR C 286 12.62 12.28 -5.60
C TYR C 286 12.87 13.76 -5.35
N GLU C 287 12.27 14.29 -4.29
CA GLU C 287 12.44 15.68 -3.88
C GLU C 287 13.69 15.82 -3.01
N GLU C 288 14.61 16.69 -3.41
CA GLU C 288 15.80 16.95 -2.60
C GLU C 288 15.44 17.38 -1.19
N ARG C 289 14.43 18.25 -1.08
CA ARG C 289 14.00 18.75 0.21
C ARG C 289 13.56 17.63 1.14
N GLU C 290 12.95 16.58 0.59
CA GLU C 290 12.49 15.48 1.43
C GLU C 290 13.55 14.41 1.63
N VAL C 291 14.42 14.19 0.64
CA VAL C 291 15.50 13.22 0.80
C VAL C 291 16.48 13.68 1.87
N LEU C 292 16.84 14.96 1.87
CA LEU C 292 17.83 15.43 2.83
C LEU C 292 17.31 15.44 4.27
N LYS C 293 15.99 15.45 4.46
CA LYS C 293 15.44 15.36 5.81
C LYS C 293 15.60 13.97 6.42
N GLU C 294 15.85 12.96 5.58
CA GLU C 294 16.00 11.59 6.09
C GLU C 294 17.40 11.31 6.62
N LEU C 295 18.32 12.27 6.52
CA LEU C 295 19.67 12.17 7.04
C LEU C 295 19.80 12.93 8.35
N PRO C 296 20.64 12.46 9.27
CA PRO C 296 20.91 13.23 10.48
C PRO C 296 21.78 14.45 10.16
N HIS C 297 21.75 15.41 11.08
CA HIS C 297 22.44 16.69 10.88
C HIS C 297 23.91 16.56 10.49
N PRO C 298 24.75 15.74 11.13
CA PRO C 298 26.13 15.63 10.66
C PRO C 298 26.25 15.08 9.25
N LEU C 299 25.45 14.06 8.90
CA LEU C 299 25.52 13.54 7.54
C LEU C 299 24.90 14.50 6.53
N ARG C 300 23.83 15.19 6.93
CA ARG C 300 23.26 16.22 6.06
C ARG C 300 24.27 17.32 5.78
N LEU C 301 25.01 17.74 6.81
CA LEU C 301 26.04 18.75 6.62
C LEU C 301 27.16 18.24 5.74
N ALA C 302 27.58 17.00 5.92
CA ALA C 302 28.62 16.43 5.06
C ALA C 302 28.17 16.40 3.60
N VAL C 303 26.92 15.98 3.36
CA VAL C 303 26.41 15.91 1.99
C VAL C 303 26.32 17.32 1.39
N ALA C 304 25.81 18.28 2.17
CA ALA C 304 25.68 19.63 1.66
C ALA C 304 27.03 20.25 1.37
N MET C 305 28.02 19.99 2.22
CA MET C 305 29.38 20.47 1.95
C MET C 305 29.97 19.80 0.72
N GLU C 306 29.62 18.53 0.49
CA GLU C 306 30.12 17.82 -0.69
C GLU C 306 29.53 18.39 -1.96
N ILE C 307 28.21 18.60 -1.99
CA ILE C 307 27.55 19.11 -3.19
C ILE C 307 28.03 20.52 -3.51
N HIS C 308 28.00 21.40 -2.53
CA HIS C 308 28.46 22.78 -2.71
C HIS C 308 29.95 22.88 -2.38
N GLY C 309 30.74 22.15 -3.15
CA GLY C 309 32.17 22.11 -2.95
C GLY C 309 32.90 23.23 -3.66
N ASP C 310 33.36 24.21 -2.88
CA ASP C 310 34.12 25.38 -3.27
C ASP C 310 33.25 26.42 -3.98
N VAL C 311 31.97 26.12 -4.27
CA VAL C 311 31.11 27.06 -4.97
C VAL C 311 30.79 28.26 -4.09
N ILE C 312 30.63 28.04 -2.78
CA ILE C 312 30.38 29.13 -1.84
C ILE C 312 31.66 29.65 -1.22
N GLU C 313 32.74 28.86 -1.27
CA GLU C 313 34.05 29.31 -0.81
C GLU C 313 34.86 29.97 -1.90
N LYS C 314 34.29 30.17 -3.09
CA LYS C 314 34.92 30.97 -4.14
C LYS C 314 34.22 32.30 -4.38
N VAL C 315 33.16 32.59 -3.64
CA VAL C 315 32.41 33.83 -3.86
C VAL C 315 33.21 35.01 -3.34
N PRO C 316 33.42 36.07 -4.13
CA PRO C 316 34.19 37.22 -3.63
C PRO C 316 33.54 37.96 -2.48
N LEU C 317 32.23 37.80 -2.28
CA LEU C 317 31.54 38.52 -1.21
C LEU C 317 32.09 38.11 0.16
N PHE C 318 32.37 36.82 0.34
CA PHE C 318 32.81 36.30 1.64
C PHE C 318 33.98 35.33 1.51
N LYS C 319 34.91 35.60 0.59
CA LYS C 319 36.13 34.81 0.46
C LYS C 319 36.83 34.62 1.81
N GLY C 320 36.93 35.68 2.60
CA GLY C 320 37.66 35.66 3.85
C GLY C 320 36.92 35.10 5.04
N ALA C 321 35.69 34.63 4.84
CA ALA C 321 34.86 34.19 5.95
C ALA C 321 35.40 32.89 6.56
N GLY C 322 35.11 32.70 7.84
CA GLY C 322 35.46 31.48 8.52
C GLY C 322 34.59 30.31 8.09
N GLU C 323 35.11 29.10 8.30
CA GLU C 323 34.38 27.89 7.92
C GLU C 323 33.07 27.73 8.66
N GLU C 324 32.93 28.33 9.85
CA GLU C 324 31.66 28.26 10.57
C GLU C 324 30.55 28.96 9.78
N PHE C 325 30.83 30.18 9.31
CA PHE C 325 29.87 30.91 8.47
C PHE C 325 29.59 30.15 7.18
N ILE C 326 30.62 29.53 6.60
CA ILE C 326 30.44 28.74 5.39
C ILE C 326 29.47 27.60 5.64
N ARG C 327 29.65 26.87 6.75
CA ARG C 327 28.76 25.77 7.08
C ARG C 327 27.32 26.26 7.29
N ASP C 328 27.17 27.38 8.00
CA ASP C 328 25.83 27.90 8.26
C ASP C 328 25.15 28.33 6.97
N ILE C 329 25.91 28.94 6.05
CA ILE C 329 25.36 29.30 4.75
C ILE C 329 24.97 28.06 3.97
N ILE C 330 25.85 27.06 3.97
CA ILE C 330 25.65 25.85 3.18
C ILE C 330 24.39 25.11 3.62
N LEU C 331 24.11 25.10 4.92
CA LEU C 331 22.93 24.37 5.39
C LEU C 331 21.62 25.02 4.96
N HIS C 332 21.63 26.29 4.56
CA HIS C 332 20.40 27.01 4.27
C HIS C 332 20.13 27.20 2.78
N LEU C 333 20.96 26.65 1.89
CA LEU C 333 20.72 26.78 0.45
C LEU C 333 19.51 25.94 0.05
N GLU C 334 18.57 26.57 -0.69
CA GLU C 334 17.34 25.87 -1.09
C GLU C 334 17.42 25.43 -2.54
N PRO C 335 17.22 24.15 -2.84
CA PRO C 335 17.26 23.70 -4.23
C PRO C 335 16.02 24.13 -5.01
N VAL C 336 16.23 24.51 -6.26
CA VAL C 336 15.13 24.89 -7.16
C VAL C 336 15.53 24.53 -8.59
N ILE C 337 14.57 24.03 -9.36
CA ILE C 337 14.80 23.64 -10.75
C ILE C 337 14.05 24.61 -11.66
N TYR C 338 14.77 25.19 -12.61
CA TYR C 338 14.18 26.08 -13.61
C TYR C 338 14.18 25.39 -14.96
N GLY C 339 13.07 25.48 -15.68
CA GLY C 339 12.95 24.87 -16.99
C GLY C 339 13.58 25.72 -18.07
N PRO C 340 13.69 25.15 -19.26
CA PRO C 340 14.28 25.87 -20.39
C PRO C 340 13.57 27.19 -20.67
N GLY C 341 14.36 28.25 -20.78
CA GLY C 341 13.83 29.56 -21.12
C GLY C 341 13.12 30.28 -19.99
N GLU C 342 13.03 29.68 -18.80
CA GLU C 342 12.37 30.35 -17.69
C GLU C 342 13.23 31.47 -17.14
N TYR C 343 12.59 32.58 -16.78
CA TYR C 343 13.30 33.75 -16.26
C TYR C 343 13.58 33.54 -14.77
N ILE C 344 14.86 33.49 -14.41
CA ILE C 344 15.24 33.45 -13.01
C ILE C 344 15.26 34.86 -12.44
N ILE C 345 15.83 35.80 -13.17
CA ILE C 345 15.91 37.20 -12.77
C ILE C 345 15.56 38.06 -13.97
N ARG C 346 14.74 39.08 -13.74
CA ARG C 346 14.44 40.09 -14.75
C ARG C 346 14.99 41.44 -14.31
N ALA C 347 15.56 42.17 -15.26
CA ALA C 347 16.16 43.46 -14.97
C ALA C 347 15.14 44.42 -14.38
N GLY C 348 15.58 45.22 -13.42
CA GLY C 348 14.73 46.18 -12.75
C GLY C 348 13.90 45.63 -11.61
N GLU C 349 13.85 44.31 -11.44
CA GLU C 349 13.12 43.73 -10.32
C GLU C 349 13.82 44.04 -9.01
N MET C 350 13.03 44.20 -7.95
CA MET C 350 13.56 44.48 -6.62
C MET C 350 14.00 43.18 -5.94
N GLY C 351 14.94 42.49 -6.59
CA GLY C 351 15.33 41.17 -6.16
C GLY C 351 16.16 41.17 -4.89
N SER C 352 16.26 39.98 -4.28
CA SER C 352 16.96 39.85 -3.02
C SER C 352 17.71 38.53 -2.86
N ASP C 353 17.78 37.69 -3.90
CA ASP C 353 18.32 36.35 -3.78
C ASP C 353 19.55 36.19 -4.65
N VAL C 354 20.52 35.42 -4.16
CA VAL C 354 21.69 34.99 -4.92
C VAL C 354 21.48 33.54 -5.32
N TYR C 355 21.96 33.16 -6.50
CA TYR C 355 21.73 31.84 -7.05
C TYR C 355 23.06 31.17 -7.37
N PHE C 356 23.15 29.88 -7.05
CA PHE C 356 24.30 29.05 -7.37
C PHE C 356 23.88 27.97 -8.36
N ILE C 357 24.62 27.85 -9.45
CA ILE C 357 24.31 26.90 -10.51
C ILE C 357 24.95 25.56 -10.14
N ASN C 358 24.13 24.58 -9.79
CA ASN C 358 24.63 23.24 -9.55
C ASN C 358 24.67 22.39 -10.81
N ARG C 359 23.71 22.59 -11.71
CA ARG C 359 23.76 21.94 -13.01
C ARG C 359 22.94 22.76 -14.00
N GLY C 360 23.24 22.58 -15.28
CA GLY C 360 22.67 23.39 -16.33
C GLY C 360 23.42 24.69 -16.51
N SER C 361 22.86 25.57 -17.34
CA SER C 361 23.50 26.84 -17.63
C SER C 361 22.44 27.90 -17.87
N VAL C 362 22.83 29.15 -17.59
CA VAL C 362 21.94 30.29 -17.72
C VAL C 362 22.62 31.34 -18.58
N GLU C 363 21.82 32.21 -19.18
CA GLU C 363 22.31 33.35 -19.93
C GLU C 363 21.94 34.64 -19.21
N VAL C 364 22.92 35.53 -19.05
CA VAL C 364 22.72 36.86 -18.53
C VAL C 364 22.55 37.80 -19.71
N LEU C 365 21.41 38.50 -19.74
CA LEU C 365 20.92 39.25 -20.89
C LEU C 365 20.65 40.70 -20.47
N SER C 366 20.71 41.59 -21.44
CA SER C 366 20.39 43.00 -21.22
C SER C 366 18.95 43.17 -20.74
N ALA C 367 18.64 44.39 -20.30
CA ALA C 367 17.30 44.69 -19.82
C ALA C 367 16.24 44.54 -20.90
N ASP C 368 16.62 44.73 -22.16
CA ASP C 368 15.70 44.51 -23.28
C ASP C 368 15.86 43.12 -23.90
N GLU C 369 16.77 42.31 -23.38
CA GLU C 369 17.03 40.94 -23.81
C GLU C 369 17.49 40.85 -25.26
N LYS C 370 17.80 41.98 -25.90
CA LYS C 370 18.26 41.96 -27.29
C LYS C 370 19.73 41.60 -27.43
N THR C 371 20.49 41.59 -26.33
CA THR C 371 21.88 41.16 -26.37
C THR C 371 22.18 40.32 -25.14
N ARG C 372 23.16 39.43 -25.26
CA ARG C 372 23.51 38.50 -24.20
C ARG C 372 24.83 38.94 -23.59
N TYR C 373 24.80 39.35 -22.33
CA TYR C 373 26.02 39.75 -21.66
C TYR C 373 26.94 38.55 -21.42
N ALA C 374 26.38 37.43 -20.98
CA ALA C 374 27.25 36.32 -20.60
C ALA C 374 26.47 35.02 -20.58
N ILE C 375 27.21 33.92 -20.54
CA ILE C 375 26.66 32.60 -20.22
C ILE C 375 27.39 32.07 -19.00
N LEU C 376 26.63 31.63 -18.00
CA LEU C 376 27.17 31.04 -16.78
C LEU C 376 26.77 29.57 -16.72
N SER C 377 27.67 28.74 -16.21
CA SER C 377 27.49 27.30 -16.25
C SER C 377 27.69 26.70 -14.88
N GLU C 378 27.70 25.37 -14.83
CA GLU C 378 27.84 24.59 -13.61
C GLU C 378 29.02 25.08 -12.76
N GLY C 379 28.74 25.35 -11.49
CA GLY C 379 29.75 25.82 -10.56
C GLY C 379 29.88 27.32 -10.45
N GLN C 380 29.12 28.09 -11.22
CA GLN C 380 29.14 29.54 -11.14
C GLN C 380 27.91 30.06 -10.39
N PHE C 381 27.90 31.36 -10.16
CA PHE C 381 26.85 31.98 -9.34
C PHE C 381 26.54 33.36 -9.89
N PHE C 382 25.35 33.84 -9.53
CA PHE C 382 24.90 35.18 -9.94
C PHE C 382 23.90 35.69 -8.92
N GLY C 383 23.72 37.01 -8.92
CA GLY C 383 22.83 37.65 -7.98
C GLY C 383 23.46 38.04 -6.66
N GLU C 384 24.79 38.13 -6.62
CA GLU C 384 25.52 38.44 -5.36
C GLU C 384 25.19 39.86 -4.88
N MET C 385 24.93 40.78 -5.81
CA MET C 385 24.69 42.21 -5.45
C MET C 385 23.46 42.32 -4.53
N ALA C 386 22.45 41.48 -4.74
CA ALA C 386 21.19 41.58 -3.96
C ALA C 386 21.48 41.39 -2.47
N LEU C 387 22.50 40.60 -2.12
CA LEU C 387 22.78 40.29 -0.69
C LEU C 387 23.32 41.54 0.05
N ILE C 388 24.21 42.31 -0.60
CA ILE C 388 24.81 43.47 0.06
C ILE C 388 23.94 44.70 -0.12
N LEU C 389 23.57 45.01 -1.36
CA LEU C 389 22.76 46.18 -1.65
C LEU C 389 21.28 45.83 -1.51
N ARG C 390 20.42 46.78 -1.89
CA ARG C 390 18.99 46.57 -1.96
C ARG C 390 18.48 47.16 -3.28
N ALA C 391 19.38 47.26 -4.25
CA ALA C 391 19.20 47.92 -5.53
C ALA C 391 18.45 47.02 -6.51
N PRO C 392 17.89 47.60 -7.59
CA PRO C 392 17.25 46.77 -8.61
C PRO C 392 18.25 45.88 -9.34
N ARG C 393 17.73 44.78 -9.89
CA ARG C 393 18.56 43.82 -10.60
C ARG C 393 19.19 44.45 -11.82
N THR C 394 20.50 44.22 -11.99
CA THR C 394 21.24 44.87 -13.07
C THR C 394 20.91 44.29 -14.44
N ALA C 395 20.66 42.99 -14.52
CA ALA C 395 20.44 42.35 -15.81
C ALA C 395 19.53 41.15 -15.66
N THR C 396 18.93 40.75 -16.76
CA THR C 396 18.03 39.60 -16.78
C THR C 396 18.83 38.30 -16.79
N VAL C 397 18.29 37.28 -16.11
CA VAL C 397 18.89 35.94 -16.12
C VAL C 397 17.83 34.96 -16.59
N ARG C 398 18.17 34.16 -17.60
CA ARG C 398 17.22 33.23 -18.20
C ARG C 398 17.88 31.87 -18.38
N ALA C 399 17.17 30.80 -18.03
CA ALA C 399 17.75 29.46 -18.08
C ALA C 399 17.93 29.01 -19.52
N ARG C 400 19.11 28.47 -19.83
CA ARG C 400 19.33 27.88 -21.15
C ARG C 400 18.59 26.57 -21.29
N ALA C 401 18.57 25.76 -20.24
CA ALA C 401 17.85 24.50 -20.21
C ALA C 401 17.44 24.24 -18.77
N PHE C 402 17.11 22.98 -18.47
CA PHE C 402 16.78 22.63 -17.09
C PHE C 402 17.99 22.84 -16.18
N CYS C 403 17.88 23.82 -15.29
CA CYS C 403 18.95 24.19 -14.38
C CYS C 403 18.60 23.79 -12.96
N ASP C 404 19.50 23.03 -12.34
CA ASP C 404 19.44 22.78 -10.90
C ASP C 404 20.23 23.89 -10.21
N LEU C 405 19.53 24.75 -9.48
CA LEU C 405 20.10 25.94 -8.86
C LEU C 405 19.85 25.89 -7.36
N TYR C 406 20.66 26.65 -6.62
CA TYR C 406 20.45 26.82 -5.19
C TYR C 406 20.25 28.30 -4.88
N ARG C 407 19.20 28.57 -4.11
CA ARG C 407 18.74 29.92 -3.79
C ARG C 407 19.06 30.24 -2.33
N LEU C 408 19.61 31.43 -2.10
CA LEU C 408 19.82 31.96 -0.77
C LEU C 408 19.12 33.31 -0.67
N ASP C 409 18.18 33.42 0.25
CA ASP C 409 17.39 34.63 0.43
C ASP C 409 18.12 35.60 1.36
N LYS C 410 18.03 36.89 1.04
CA LYS C 410 18.67 37.91 1.87
C LYS C 410 18.12 37.89 3.29
N GLU C 411 16.87 37.49 3.47
CA GLU C 411 16.33 37.39 4.84
C GLU C 411 17.10 36.37 5.65
N THR C 412 17.37 35.21 5.05
CA THR C 412 18.16 34.17 5.72
C THR C 412 19.63 34.54 5.80
N PHE C 413 20.14 35.23 4.79
CA PHE C 413 21.51 35.72 4.84
C PHE C 413 21.71 36.70 5.99
N ASP C 414 20.74 37.60 6.20
CA ASP C 414 20.79 38.51 7.34
C ASP C 414 20.66 37.77 8.65
N ARG C 415 19.77 36.76 8.71
CA ARG C 415 19.67 35.95 9.91
C ARG C 415 21.01 35.31 10.25
N ILE C 416 21.72 34.82 9.25
CA ILE C 416 23.03 34.20 9.47
C ILE C 416 24.05 35.25 9.88
N LEU C 417 24.05 36.41 9.21
CA LEU C 417 24.99 37.48 9.56
C LEU C 417 24.78 37.97 10.98
N SER C 418 23.56 37.83 11.51
CA SER C 418 23.28 38.28 12.87
C SER C 418 24.17 37.62 13.92
N ARG C 419 24.68 36.42 13.63
CA ARG C 419 25.53 35.70 14.57
C ARG C 419 27.01 35.75 14.21
N TYR C 420 27.38 36.44 13.14
CA TYR C 420 28.78 36.64 12.76
C TYR C 420 29.04 38.12 12.56
N PRO C 421 29.21 38.88 13.65
CA PRO C 421 29.44 40.33 13.53
C PRO C 421 30.65 40.70 12.68
N GLU C 422 31.73 39.91 12.74
CA GLU C 422 32.92 40.22 11.93
C GLU C 422 32.60 40.15 10.44
N ILE C 423 31.86 39.12 10.03
CA ILE C 423 31.52 38.97 8.62
C ILE C 423 30.54 40.06 8.20
N ALA C 424 29.63 40.44 9.10
CA ALA C 424 28.72 41.54 8.81
C ALA C 424 29.49 42.84 8.60
N ALA C 425 30.51 43.10 9.43
CA ALA C 425 31.33 44.28 9.25
C ALA C 425 32.09 44.22 7.92
N GLN C 426 32.62 43.04 7.59
CA GLN C 426 33.33 42.88 6.32
C GLN C 426 32.41 43.20 5.14
N ILE C 427 31.21 42.61 5.13
CA ILE C 427 30.31 42.82 4.01
C ILE C 427 29.80 44.25 3.96
N GLN C 428 29.63 44.89 5.12
CA GLN C 428 29.23 46.30 5.13
C GLN C 428 30.33 47.19 4.59
N GLU C 429 31.58 46.86 4.90
CA GLU C 429 32.71 47.60 4.34
C GLU C 429 32.78 47.42 2.83
N LEU C 430 32.50 46.21 2.35
CA LEU C 430 32.43 45.99 0.90
C LEU C 430 31.32 46.83 0.28
N ALA C 431 30.16 46.90 0.93
CA ALA C 431 29.06 47.71 0.45
C ALA C 431 29.33 49.20 0.69
N THR D 26 10.43 8.36 -36.16
CA THR D 26 11.86 8.08 -36.25
C THR D 26 12.09 6.64 -36.69
N TYR D 27 12.98 6.47 -37.68
CA TYR D 27 13.16 5.15 -38.31
C TYR D 27 13.83 4.15 -37.37
N THR D 28 14.52 4.62 -36.33
CA THR D 28 15.15 3.68 -35.39
C THR D 28 14.11 2.85 -34.65
N LEU D 29 12.99 3.46 -34.29
CA LEU D 29 11.91 2.72 -33.66
C LEU D 29 11.34 1.67 -34.63
N VAL D 30 11.26 2.02 -35.92
CA VAL D 30 10.82 1.04 -36.91
C VAL D 30 11.82 -0.10 -37.01
N TRP D 31 13.12 0.20 -36.88
CA TRP D 31 14.12 -0.86 -36.86
C TRP D 31 13.93 -1.79 -35.66
N LYS D 32 13.64 -1.21 -34.49
CA LYS D 32 13.39 -2.02 -33.31
C LYS D 32 12.14 -2.88 -33.48
N VAL D 33 11.10 -2.35 -34.12
CA VAL D 33 9.91 -3.16 -34.39
C VAL D 33 10.24 -4.29 -35.37
N TRP D 34 11.06 -4.00 -36.37
CA TRP D 34 11.51 -5.03 -37.31
C TRP D 34 12.26 -6.14 -36.58
N ILE D 35 13.11 -5.77 -35.62
CA ILE D 35 13.85 -6.78 -34.88
C ILE D 35 12.94 -7.54 -33.91
N LEU D 36 11.89 -6.88 -33.40
CA LEU D 36 10.82 -7.59 -32.71
C LEU D 36 10.26 -8.69 -33.60
N ALA D 37 9.94 -8.33 -34.85
CA ALA D 37 9.42 -9.33 -35.78
C ALA D 37 10.41 -10.45 -36.04
N VAL D 38 11.69 -10.12 -36.16
CA VAL D 38 12.71 -11.12 -36.44
C VAL D 38 12.86 -12.09 -35.26
N THR D 39 12.90 -11.56 -34.03
CA THR D 39 13.04 -12.42 -32.87
C THR D 39 11.80 -13.27 -32.65
N LEU D 40 10.61 -12.75 -32.97
CA LEU D 40 9.42 -13.60 -32.92
C LEU D 40 9.48 -14.69 -33.97
N TYR D 41 9.96 -14.35 -35.18
CA TYR D 41 10.17 -15.34 -36.22
C TYR D 41 11.07 -16.48 -35.74
N TYR D 42 12.19 -16.13 -35.09
CA TYR D 42 13.10 -17.16 -34.61
C TYR D 42 12.49 -17.95 -33.46
N ALA D 43 11.84 -17.28 -32.51
CA ALA D 43 11.22 -17.99 -31.40
C ALA D 43 10.16 -18.97 -31.87
N ILE D 44 9.51 -18.67 -33.00
CA ILE D 44 8.57 -19.64 -33.57
C ILE D 44 9.33 -20.75 -34.29
N ARG D 45 10.28 -20.39 -35.15
CA ARG D 45 10.82 -21.35 -36.11
C ARG D 45 11.79 -22.33 -35.46
N ILE D 46 12.64 -21.87 -34.55
CA ILE D 46 13.77 -22.68 -34.08
C ILE D 46 13.29 -24.01 -33.46
N PRO D 47 12.41 -24.02 -32.47
CA PRO D 47 11.93 -25.33 -31.98
C PRO D 47 11.12 -26.09 -33.00
N LEU D 48 10.35 -25.38 -33.83
CA LEU D 48 9.54 -26.06 -34.85
C LEU D 48 10.43 -26.68 -35.91
N THR D 49 11.61 -26.10 -36.17
CA THR D 49 12.58 -26.76 -37.03
C THR D 49 13.31 -27.88 -36.30
N LEU D 50 13.52 -27.73 -34.99
CA LEU D 50 14.14 -28.81 -34.21
C LEU D 50 13.27 -30.06 -34.20
N VAL D 51 11.95 -29.89 -34.30
CA VAL D 51 11.08 -31.05 -34.37
C VAL D 51 10.79 -31.46 -35.81
N PHE D 52 10.84 -30.53 -36.75
CA PHE D 52 10.62 -30.80 -38.18
C PHE D 52 11.82 -30.28 -38.96
N PRO D 53 12.88 -31.09 -39.09
CA PRO D 53 14.07 -30.63 -39.83
C PRO D 53 13.76 -30.23 -41.26
N SER D 54 12.78 -30.87 -41.90
CA SER D 54 12.46 -30.57 -43.30
C SER D 54 12.00 -29.12 -43.48
N LEU D 55 11.60 -28.46 -42.40
CA LEU D 55 11.20 -27.05 -42.47
C LEU D 55 12.38 -26.12 -42.66
N PHE D 56 13.61 -26.60 -42.50
CA PHE D 56 14.79 -25.73 -42.54
C PHE D 56 14.94 -25.05 -43.90
N SER D 57 15.17 -25.84 -44.95
CA SER D 57 15.53 -25.30 -46.26
C SER D 57 14.44 -24.40 -46.88
N PRO D 58 13.14 -24.72 -46.78
CA PRO D 58 12.15 -23.82 -47.39
C PRO D 58 12.20 -22.41 -46.83
N LEU D 59 12.54 -22.24 -45.56
CA LEU D 59 12.61 -20.93 -44.93
C LEU D 59 14.03 -20.40 -44.84
N LEU D 60 15.00 -21.10 -45.42
CA LEU D 60 16.39 -20.65 -45.41
C LEU D 60 16.56 -19.22 -45.95
N PRO D 61 15.97 -18.82 -47.07
CA PRO D 61 16.17 -17.44 -47.54
C PRO D 61 15.68 -16.38 -46.57
N LEU D 62 14.72 -16.70 -45.70
CA LEU D 62 14.38 -15.77 -44.63
C LEU D 62 15.41 -15.82 -43.51
N ASP D 63 15.94 -17.01 -43.21
CA ASP D 63 16.87 -17.16 -42.11
C ASP D 63 18.11 -16.30 -42.30
N ILE D 64 18.75 -16.43 -43.47
CA ILE D 64 19.89 -15.57 -43.79
C ILE D 64 19.47 -14.11 -43.78
N LEU D 65 18.24 -13.82 -44.20
CA LEU D 65 17.74 -12.45 -44.12
C LEU D 65 17.61 -12.02 -42.67
N ALA D 66 17.10 -12.90 -41.81
CA ALA D 66 16.87 -12.52 -40.42
C ALA D 66 18.19 -12.41 -39.66
N SER D 67 19.07 -13.40 -39.81
CA SER D 67 20.33 -13.40 -39.07
C SER D 67 21.17 -12.19 -39.44
N LEU D 68 21.17 -11.81 -40.72
CA LEU D 68 21.86 -10.59 -41.12
C LEU D 68 21.35 -9.40 -40.33
N ALA D 69 20.03 -9.28 -40.20
CA ALA D 69 19.47 -8.18 -39.43
C ALA D 69 20.04 -8.20 -38.01
N LEU D 70 20.16 -9.39 -37.42
CA LEU D 70 20.70 -9.47 -36.07
C LEU D 70 22.15 -9.01 -36.03
N ILE D 71 22.96 -9.43 -37.00
CA ILE D 71 24.36 -8.99 -36.97
C ILE D 71 24.42 -7.50 -37.30
N ALA D 72 23.37 -6.95 -37.90
CA ALA D 72 23.30 -5.51 -38.11
C ALA D 72 23.03 -4.74 -36.82
N ASP D 73 22.48 -5.40 -35.80
CA ASP D 73 22.03 -4.65 -34.63
C ASP D 73 23.12 -4.40 -33.60
N ILE D 74 24.00 -5.37 -33.35
CA ILE D 74 24.90 -5.28 -32.20
C ILE D 74 25.88 -4.11 -32.32
N PRO D 75 26.24 -3.61 -33.52
CA PRO D 75 26.99 -2.34 -33.55
C PRO D 75 26.11 -1.10 -33.55
N LEU D 76 24.82 -1.23 -33.86
CA LEU D 76 23.97 -0.07 -34.07
C LEU D 76 23.64 0.65 -32.77
N ASP D 77 23.16 -0.08 -31.76
CA ASP D 77 22.69 0.56 -30.53
C ASP D 77 23.82 1.18 -29.71
N LEU D 78 25.08 0.90 -30.04
CA LEU D 78 26.19 1.58 -29.38
C LEU D 78 26.15 3.09 -29.62
N ALA D 79 25.53 3.53 -30.71
CA ALA D 79 25.37 4.94 -31.01
C ALA D 79 24.16 5.55 -30.32
N PHE D 80 23.39 4.76 -29.57
CA PHE D 80 22.18 5.23 -28.91
C PHE D 80 22.13 4.97 -27.42
N GLU D 81 23.05 4.18 -26.86
CA GLU D 81 22.97 3.78 -25.46
C GLU D 81 23.05 4.97 -24.49
N SER D 82 23.58 6.12 -24.93
CA SER D 82 23.62 7.31 -24.08
C SER D 82 23.16 8.56 -24.81
N ARG D 83 22.48 8.40 -25.94
CA ARG D 83 22.01 9.53 -26.73
C ARG D 83 20.82 10.21 -26.07
N PRO D 90 29.44 0.99 -25.81
CA PRO D 90 30.67 0.27 -26.13
C PRO D 90 31.19 -0.56 -24.97
N THR D 91 30.34 -0.77 -23.97
CA THR D 91 30.71 -1.59 -22.81
C THR D 91 30.49 -3.06 -23.12
N LEU D 92 31.20 -3.57 -24.14
CA LEU D 92 30.99 -4.94 -24.59
C LEU D 92 31.36 -5.96 -23.53
N LEU D 93 32.17 -5.58 -22.54
CA LEU D 93 32.59 -6.50 -21.49
C LEU D 93 31.58 -6.61 -20.35
N ALA D 94 30.50 -5.84 -20.40
CA ALA D 94 29.51 -5.81 -19.35
C ALA D 94 28.46 -6.89 -19.56
N PRO D 95 27.74 -7.28 -18.51
CA PRO D 95 26.61 -8.22 -18.70
C PRO D 95 25.54 -7.68 -19.62
N SER D 96 25.28 -6.37 -19.60
CA SER D 96 24.45 -5.77 -20.63
C SER D 96 25.16 -5.88 -21.97
N ARG D 97 24.37 -6.07 -23.02
CA ARG D 97 24.80 -6.27 -24.42
C ARG D 97 25.42 -7.65 -24.61
N LEU D 98 25.53 -8.46 -23.57
CA LEU D 98 26.01 -9.83 -23.68
C LEU D 98 24.96 -10.72 -24.35
N PRO D 99 23.67 -10.62 -24.01
CA PRO D 99 22.70 -11.48 -24.72
C PRO D 99 22.55 -11.13 -26.18
N ASP D 100 22.76 -9.85 -26.52
CA ASP D 100 22.67 -9.41 -27.94
C ASP D 100 23.75 -10.14 -28.75
N LEU D 101 25.02 -10.01 -28.33
CA LEU D 101 26.13 -10.65 -29.09
C LEU D 101 26.00 -12.17 -29.02
N LEU D 102 25.64 -12.71 -27.84
CA LEU D 102 25.52 -14.18 -27.67
C LEU D 102 24.42 -14.69 -28.61
N ALA D 103 23.41 -13.85 -28.90
CA ALA D 103 22.28 -14.30 -29.74
C ALA D 103 22.51 -13.88 -31.20
N ALA D 104 23.68 -13.31 -31.50
CA ALA D 104 23.99 -12.86 -32.88
C ALA D 104 24.81 -13.93 -33.59
N LEU D 105 25.31 -14.92 -32.84
CA LEU D 105 26.13 -16.01 -33.44
C LEU D 105 25.25 -16.86 -34.37
N PRO D 106 25.73 -17.24 -35.57
CA PRO D 106 24.94 -18.05 -36.50
C PRO D 106 24.93 -19.52 -36.11
N LEU D 107 24.67 -19.81 -34.83
CA LEU D 107 24.68 -21.22 -34.33
C LEU D 107 23.53 -22.00 -34.99
N ASP D 108 22.35 -21.39 -35.10
CA ASP D 108 21.17 -22.11 -35.66
C ASP D 108 21.50 -22.64 -37.06
N LEU D 109 22.05 -21.79 -37.92
CA LEU D 109 22.35 -22.21 -39.32
C LEU D 109 23.26 -23.44 -39.28
N LEU D 110 24.35 -23.38 -38.50
CA LEU D 110 25.31 -24.50 -38.44
C LEU D 110 24.59 -25.76 -37.92
N VAL D 111 23.86 -25.63 -36.80
CA VAL D 111 23.20 -26.81 -36.18
C VAL D 111 22.28 -27.47 -37.22
N PHE D 112 21.47 -26.68 -37.92
CA PHE D 112 20.49 -27.25 -38.88
C PHE D 112 21.24 -27.86 -40.07
N ALA D 113 22.25 -27.14 -40.58
CA ALA D 113 23.01 -27.62 -41.76
C ALA D 113 23.77 -28.90 -41.42
N LEU D 114 24.32 -28.99 -40.21
CA LEU D 114 25.14 -30.17 -39.82
C LEU D 114 24.22 -31.35 -39.45
N HIS D 115 22.92 -31.10 -39.29
CA HIS D 115 21.99 -32.17 -38.85
C HIS D 115 22.66 -32.94 -37.70
N LEU D 116 23.50 -32.24 -36.93
CA LEU D 116 24.20 -32.86 -35.82
C LEU D 116 23.21 -33.30 -34.74
N PRO D 117 23.64 -34.21 -33.85
CA PRO D 117 22.70 -34.83 -32.90
C PRO D 117 21.98 -33.83 -32.00
N SER D 118 20.76 -34.21 -31.62
CA SER D 118 19.86 -33.36 -30.84
C SER D 118 20.46 -32.81 -29.55
N PRO D 119 21.15 -33.60 -28.70
CA PRO D 119 21.70 -33.02 -27.47
C PRO D 119 22.64 -31.86 -27.72
N LEU D 120 23.36 -31.85 -28.85
CA LEU D 120 24.12 -30.68 -29.25
C LEU D 120 23.30 -29.72 -30.11
N SER D 121 22.28 -30.25 -30.81
CA SER D 121 21.40 -29.40 -31.61
C SER D 121 20.65 -28.39 -30.75
N LEU D 122 20.43 -28.71 -29.48
CA LEU D 122 19.70 -27.81 -28.59
C LEU D 122 20.39 -26.44 -28.48
N LEU D 123 21.68 -26.35 -28.79
CA LEU D 123 22.39 -25.08 -28.74
C LEU D 123 21.85 -24.08 -29.76
N SER D 124 21.06 -24.54 -30.74
CA SER D 124 20.44 -23.64 -31.69
C SER D 124 19.56 -22.60 -31.01
N LEU D 125 19.05 -22.94 -29.82
CA LEU D 125 18.16 -22.05 -29.08
C LEU D 125 18.87 -20.81 -28.53
N VAL D 126 20.21 -20.76 -28.61
CA VAL D 126 20.95 -19.64 -28.03
C VAL D 126 20.53 -18.32 -28.65
N ARG D 127 20.02 -18.35 -29.89
CA ARG D 127 19.57 -17.12 -30.53
C ARG D 127 18.39 -16.48 -29.80
N LEU D 128 17.63 -17.29 -29.07
CA LEU D 128 16.43 -16.79 -28.39
C LEU D 128 16.77 -15.85 -27.23
N LEU D 129 18.04 -15.74 -26.85
CA LEU D 129 18.43 -14.77 -25.83
C LEU D 129 18.21 -13.33 -26.28
N LYS D 130 17.97 -13.12 -27.58
CA LYS D 130 17.59 -11.79 -28.06
C LYS D 130 16.26 -11.36 -27.46
N LEU D 131 15.47 -12.30 -26.94
CA LEU D 131 14.14 -11.98 -26.44
C LEU D 131 14.20 -11.00 -25.26
N ILE D 132 15.15 -11.19 -24.34
CA ILE D 132 15.19 -10.29 -23.19
C ILE D 132 15.61 -8.88 -23.61
N SER D 133 16.54 -8.77 -24.55
CA SER D 133 16.92 -7.44 -25.05
C SER D 133 15.78 -6.78 -25.79
N VAL D 134 15.02 -7.56 -26.57
CA VAL D 134 13.87 -7.00 -27.26
C VAL D 134 12.79 -6.58 -26.28
N GLN D 135 12.62 -7.35 -25.20
CA GLN D 135 11.69 -6.97 -24.15
C GLN D 135 12.11 -5.66 -23.48
N ALA D 136 13.41 -5.51 -23.21
CA ALA D 136 13.90 -4.26 -22.63
C ALA D 136 13.67 -3.09 -23.57
N SER D 137 13.92 -3.29 -24.87
CA SER D 137 13.70 -2.22 -25.84
C SER D 137 12.23 -1.84 -25.92
N ALA D 138 11.34 -2.85 -25.98
CA ALA D 138 9.91 -2.58 -26.06
C ALA D 138 9.42 -1.89 -24.80
N THR D 139 9.95 -2.29 -23.63
CA THR D 139 9.60 -1.62 -22.39
C THR D 139 10.06 -0.17 -22.40
N ALA D 140 11.22 0.11 -22.97
CA ALA D 140 11.72 1.48 -23.00
C ALA D 140 10.98 2.36 -24.00
N ILE D 141 10.51 1.79 -25.12
CA ILE D 141 9.78 2.59 -26.10
C ILE D 141 8.29 2.62 -25.84
N LEU D 142 7.79 1.84 -24.87
CA LEU D 142 6.40 1.92 -24.43
C LEU D 142 6.30 2.23 -22.93
N SER D 143 7.35 2.79 -22.33
CA SER D 143 7.35 3.08 -20.91
C SER D 143 6.52 4.29 -20.53
N TYR D 144 6.03 5.05 -21.51
CA TYR D 144 5.35 6.32 -21.25
C TYR D 144 3.87 6.29 -21.61
N ARG D 145 3.52 5.67 -22.73
CA ARG D 145 2.12 5.60 -23.15
C ARG D 145 1.34 4.53 -22.43
N ILE D 146 2.01 3.60 -21.75
CA ILE D 146 1.37 2.41 -21.20
C ILE D 146 1.71 2.29 -19.72
N ASN D 147 0.70 1.91 -18.92
CA ASN D 147 0.91 1.68 -17.50
C ASN D 147 1.97 0.60 -17.32
N PRO D 148 3.01 0.86 -16.51
CA PRO D 148 4.08 -0.15 -16.34
C PRO D 148 3.61 -1.52 -15.88
N ALA D 149 2.63 -1.58 -14.98
CA ALA D 149 2.12 -2.88 -14.54
C ALA D 149 1.45 -3.62 -15.70
N LEU D 150 0.64 -2.91 -16.48
CA LEU D 150 0.02 -3.52 -17.65
C LEU D 150 1.06 -3.92 -18.68
N LEU D 151 2.12 -3.11 -18.82
CA LEU D 151 3.19 -3.46 -19.75
C LEU D 151 3.89 -4.75 -19.33
N ARG D 152 4.16 -4.89 -18.03
CA ARG D 152 4.78 -6.12 -17.55
C ARG D 152 3.85 -7.32 -17.74
N LEU D 153 2.56 -7.12 -17.50
CA LEU D 153 1.59 -8.20 -17.70
C LEU D 153 1.56 -8.65 -19.16
N LEU D 154 1.53 -7.68 -20.09
CA LEU D 154 1.51 -8.03 -21.51
C LEU D 154 2.80 -8.72 -21.94
N SER D 155 3.94 -8.25 -21.44
CA SER D 155 5.20 -8.92 -21.76
C SER D 155 5.22 -10.35 -21.23
N LEU D 156 4.70 -10.55 -20.01
CA LEU D 156 4.62 -11.89 -19.44
C LEU D 156 3.72 -12.78 -20.27
N VAL D 157 2.59 -12.25 -20.74
CA VAL D 157 1.67 -13.04 -21.55
C VAL D 157 2.32 -13.46 -22.86
N GLY D 158 3.03 -12.53 -23.52
CA GLY D 158 3.73 -12.88 -24.74
C GLY D 158 4.82 -13.93 -24.52
N PHE D 159 5.60 -13.74 -23.44
CA PHE D 159 6.61 -14.74 -23.09
C PHE D 159 5.97 -16.09 -22.83
N ILE D 160 4.82 -16.12 -22.17
CA ILE D 160 4.16 -17.39 -21.87
C ILE D 160 3.67 -18.06 -23.15
N LEU D 161 3.17 -17.27 -24.11
CA LEU D 161 2.76 -17.88 -25.37
C LEU D 161 3.95 -18.48 -26.12
N LEU D 162 5.07 -17.76 -26.13
CA LEU D 162 6.25 -18.29 -26.81
C LEU D 162 6.79 -19.53 -26.09
N ALA D 163 6.80 -19.50 -24.76
CA ALA D 163 7.22 -20.65 -23.97
C ALA D 163 6.30 -21.84 -24.21
N ALA D 164 4.99 -21.59 -24.34
CA ALA D 164 4.05 -22.65 -24.65
C ALA D 164 4.36 -23.28 -25.99
N HIS D 165 4.68 -22.46 -26.99
CA HIS D 165 5.10 -23.00 -28.29
C HIS D 165 6.34 -23.89 -28.12
N GLY D 166 7.34 -23.40 -27.40
CA GLY D 166 8.56 -24.18 -27.20
C GLY D 166 8.31 -25.48 -26.46
N ILE D 167 7.45 -25.44 -25.43
CA ILE D 167 7.16 -26.63 -24.64
C ILE D 167 6.36 -27.63 -25.45
N ALA D 168 5.45 -27.16 -26.31
CA ALA D 168 4.76 -28.07 -27.21
C ALA D 168 5.73 -28.73 -28.17
N CYS D 169 6.71 -27.98 -28.66
CA CYS D 169 7.73 -28.58 -29.52
C CYS D 169 8.53 -29.64 -28.77
N GLY D 170 8.90 -29.37 -27.52
CA GLY D 170 9.59 -30.38 -26.73
C GLY D 170 8.74 -31.62 -26.52
N TRP D 171 7.45 -31.43 -26.25
CA TRP D 171 6.54 -32.55 -26.07
C TRP D 171 6.46 -33.41 -27.32
N MET D 172 6.38 -32.76 -28.49
CA MET D 172 6.43 -33.52 -29.75
C MET D 172 7.76 -34.24 -29.89
N SER D 173 8.86 -33.61 -29.46
CA SER D 173 10.17 -34.22 -29.58
C SER D 173 10.29 -35.47 -28.73
N LEU D 174 9.56 -35.53 -27.61
CA LEU D 174 9.58 -36.74 -26.79
C LEU D 174 8.49 -37.74 -27.16
N GLN D 175 7.61 -37.42 -28.11
CA GLN D 175 6.53 -38.32 -28.46
C GLN D 175 7.04 -39.46 -29.36
N PRO D 176 6.45 -40.64 -29.25
CA PRO D 176 6.81 -41.74 -30.15
C PRO D 176 6.50 -41.39 -31.59
N PRO D 177 7.29 -41.89 -32.54
CA PRO D 177 7.01 -41.63 -33.97
C PRO D 177 5.64 -42.15 -34.35
N SER D 178 4.99 -41.44 -35.27
CA SER D 178 3.66 -41.83 -35.75
C SER D 178 3.44 -41.21 -37.12
N GLU D 179 2.41 -41.71 -37.81
CA GLU D 179 2.04 -41.22 -39.12
C GLU D 179 1.09 -40.03 -39.06
N ASN D 180 0.79 -39.52 -37.88
CA ASN D 180 -0.14 -38.41 -37.75
C ASN D 180 0.42 -37.17 -38.47
N PRO D 181 -0.45 -36.39 -39.12
CA PRO D 181 0.03 -35.16 -39.76
C PRO D 181 0.66 -34.21 -38.75
N ALA D 182 1.67 -33.47 -39.22
CA ALA D 182 2.40 -32.56 -38.33
C ALA D 182 1.46 -31.55 -37.68
N GLY D 183 0.43 -31.11 -38.39
CA GLY D 183 -0.49 -30.13 -37.83
C GLY D 183 -1.26 -30.69 -36.65
N THR D 184 -1.74 -31.93 -36.75
CA THR D 184 -2.48 -32.53 -35.65
C THR D 184 -1.55 -32.82 -34.47
N ARG D 185 -0.31 -33.21 -34.76
CA ARG D 185 0.67 -33.43 -33.69
C ARG D 185 0.94 -32.15 -32.93
N TYR D 186 1.17 -31.04 -33.65
CA TYR D 186 1.38 -29.76 -33.00
C TYR D 186 0.15 -29.33 -32.22
N LEU D 187 -1.03 -29.54 -32.78
CA LEU D 187 -2.26 -29.17 -32.08
C LEU D 187 -2.40 -29.94 -30.78
N SER D 188 -2.13 -31.25 -30.80
CA SER D 188 -2.22 -32.05 -29.58
C SER D 188 -1.18 -31.61 -28.55
N ALA D 189 0.05 -31.33 -28.99
CA ALA D 189 1.09 -30.91 -28.06
C ALA D 189 0.76 -29.54 -27.46
N PHE D 190 0.25 -28.62 -28.26
CA PHE D 190 -0.13 -27.31 -27.75
C PHE D 190 -1.31 -27.41 -26.81
N TYR D 191 -2.26 -28.29 -27.13
CA TYR D 191 -3.37 -28.54 -26.23
C TYR D 191 -2.88 -29.03 -24.87
N TRP D 192 -1.94 -30.00 -24.89
CA TRP D 192 -1.38 -30.50 -23.64
C TRP D 192 -0.68 -29.40 -22.86
N THR D 193 0.15 -28.60 -23.53
CA THR D 193 0.95 -27.61 -22.80
C THR D 193 0.08 -26.49 -22.26
N ILE D 194 -0.98 -26.10 -22.99
CA ILE D 194 -1.91 -25.11 -22.48
C ILE D 194 -2.69 -25.67 -21.31
N THR D 195 -3.10 -26.95 -21.41
CA THR D 195 -3.82 -27.59 -20.31
C THR D 195 -2.96 -27.64 -19.05
N THR D 196 -1.66 -27.83 -19.21
CA THR D 196 -0.76 -27.91 -18.06
C THR D 196 -0.42 -26.54 -17.48
N LEU D 197 -0.07 -25.58 -18.34
CA LEU D 197 0.34 -24.26 -17.87
C LEU D 197 -0.80 -23.54 -17.16
N THR D 198 -2.02 -23.67 -17.67
CA THR D 198 -3.18 -23.08 -17.03
C THR D 198 -3.62 -23.84 -15.79
N THR D 199 -2.95 -24.96 -15.48
CA THR D 199 -3.23 -25.80 -14.32
C THR D 199 -4.62 -26.42 -14.36
N ILE D 200 -5.27 -26.42 -15.52
CA ILE D 200 -6.59 -27.04 -15.62
C ILE D 200 -6.45 -28.56 -15.53
N GLY D 201 -5.53 -29.14 -16.30
CA GLY D 201 -5.18 -30.54 -16.13
C GLY D 201 -6.27 -31.56 -16.38
N TYR D 202 -6.87 -31.57 -17.57
CA TYR D 202 -7.83 -32.61 -17.90
C TYR D 202 -7.25 -34.01 -17.74
N GLY D 203 -5.98 -34.18 -18.10
CA GLY D 203 -5.37 -35.49 -18.00
C GLY D 203 -5.75 -36.47 -19.10
N ASP D 204 -6.35 -36.00 -20.18
CA ASP D 204 -6.61 -36.87 -21.32
C ASP D 204 -5.34 -37.15 -22.09
N ILE D 205 -4.37 -36.24 -22.05
CA ILE D 205 -3.03 -36.46 -22.55
C ILE D 205 -2.07 -36.45 -21.37
N THR D 206 -1.34 -37.54 -21.19
CA THR D 206 -0.46 -37.70 -20.03
C THR D 206 0.83 -38.37 -20.49
N PRO D 207 1.91 -38.17 -19.74
CA PRO D 207 3.18 -38.84 -20.11
C PRO D 207 3.07 -40.35 -19.95
N SER D 208 3.60 -41.08 -20.93
CA SER D 208 3.58 -42.54 -20.91
C SER D 208 4.95 -43.16 -20.66
N THR D 209 6.02 -42.37 -20.66
CA THR D 209 7.37 -42.88 -20.54
C THR D 209 8.10 -42.08 -19.46
N PRO D 210 9.14 -42.67 -18.86
CA PRO D 210 9.86 -41.93 -17.80
C PRO D 210 10.42 -40.59 -18.23
N THR D 211 10.97 -40.50 -19.45
CA THR D 211 11.46 -39.20 -19.92
C THR D 211 10.32 -38.21 -20.10
N GLN D 212 9.17 -38.67 -20.62
CA GLN D 212 8.00 -37.82 -20.69
C GLN D 212 7.51 -37.45 -19.30
N THR D 213 7.68 -38.33 -18.32
CA THR D 213 7.25 -38.02 -16.96
C THR D 213 8.13 -36.94 -16.34
N VAL D 214 9.46 -37.03 -16.54
CA VAL D 214 10.36 -35.99 -16.04
C VAL D 214 10.06 -34.66 -16.72
N TYR D 215 9.86 -34.69 -18.04
CA TYR D 215 9.51 -33.47 -18.76
C TYR D 215 8.19 -32.90 -18.24
N THR D 216 7.22 -33.77 -17.98
CA THR D 216 5.94 -33.32 -17.45
C THR D 216 6.10 -32.67 -16.08
N ILE D 217 6.92 -33.25 -15.22
CA ILE D 217 7.16 -32.65 -13.90
C ILE D 217 7.77 -31.26 -14.06
N VAL D 218 8.78 -31.13 -14.93
CA VAL D 218 9.42 -29.84 -15.13
C VAL D 218 8.41 -28.82 -15.66
N ILE D 219 7.61 -29.22 -16.65
CA ILE D 219 6.62 -28.33 -17.23
C ILE D 219 5.53 -27.99 -16.24
N GLU D 220 5.17 -28.92 -15.35
CA GLU D 220 4.18 -28.63 -14.32
C GLU D 220 4.69 -27.56 -13.37
N LEU D 221 5.95 -27.68 -12.93
CA LEU D 221 6.52 -26.64 -12.08
C LEU D 221 6.58 -25.30 -12.79
N LEU D 222 7.02 -25.32 -14.06
CA LEU D 222 7.12 -24.09 -14.83
C LEU D 222 5.75 -23.45 -15.04
N GLY D 223 4.73 -24.26 -15.33
CA GLY D 223 3.40 -23.73 -15.51
C GLY D 223 2.80 -23.18 -14.23
N ALA D 224 3.05 -23.85 -13.10
CA ALA D 224 2.61 -23.31 -11.82
C ALA D 224 3.26 -21.96 -11.55
N ALA D 225 4.56 -21.85 -11.79
CA ALA D 225 5.25 -20.58 -11.60
C ALA D 225 4.71 -19.50 -12.54
N MET D 226 4.50 -19.84 -13.81
CA MET D 226 3.99 -18.87 -14.78
C MET D 226 2.59 -18.40 -14.41
N TYR D 227 1.73 -19.32 -14.00
CA TYR D 227 0.36 -18.93 -13.64
C TYR D 227 0.34 -18.12 -12.35
N GLY D 228 1.23 -18.43 -11.40
CA GLY D 228 1.37 -17.59 -10.23
C GLY D 228 1.85 -16.20 -10.59
N LEU D 229 2.77 -16.10 -11.54
CA LEU D 229 3.21 -14.79 -12.01
C LEU D 229 2.06 -14.03 -12.64
N VAL D 230 1.25 -14.71 -13.45
CA VAL D 230 0.09 -14.07 -14.08
C VAL D 230 -0.87 -13.55 -13.02
N ILE D 231 -1.17 -14.38 -12.02
CA ILE D 231 -2.10 -13.98 -10.97
C ILE D 231 -1.55 -12.81 -10.18
N GLY D 232 -0.26 -12.85 -9.85
CA GLY D 232 0.34 -11.75 -9.11
C GLY D 232 0.34 -10.45 -9.89
N ASN D 233 0.64 -10.52 -11.20
CA ASN D 233 0.62 -9.33 -12.02
C ASN D 233 -0.79 -8.75 -12.13
N ILE D 234 -1.79 -9.62 -12.33
CA ILE D 234 -3.16 -9.15 -12.39
C ILE D 234 -3.58 -8.53 -11.07
N ALA D 235 -3.22 -9.16 -9.95
CA ALA D 235 -3.57 -8.62 -8.65
C ALA D 235 -2.95 -7.25 -8.43
N SER D 236 -1.67 -7.11 -8.76
CA SER D 236 -0.99 -5.82 -8.65
C SER D 236 -1.67 -4.78 -9.51
N LEU D 237 -1.99 -5.12 -10.76
CA LEU D 237 -2.64 -4.18 -11.67
C LEU D 237 -3.98 -3.72 -11.12
N VAL D 238 -4.82 -4.66 -10.68
CA VAL D 238 -6.18 -4.31 -10.26
C VAL D 238 -6.20 -3.66 -8.88
N SER D 239 -5.19 -3.89 -8.04
CA SER D 239 -5.18 -3.26 -6.72
C SER D 239 -4.89 -1.77 -6.78
N LYS D 240 -4.44 -1.26 -7.93
CA LYS D 240 -4.05 0.13 -8.08
C LYS D 240 -5.05 0.95 -8.88
N LEU D 241 -6.15 0.34 -9.34
CA LEU D 241 -7.03 1.00 -10.29
C LEU D 241 -7.72 2.22 -9.69
N ASP D 242 -8.34 2.05 -8.51
CA ASP D 242 -9.16 3.09 -7.91
C ASP D 242 -8.43 3.85 -6.80
N ALA D 243 -7.14 4.13 -7.00
CA ALA D 243 -6.33 4.73 -5.93
C ALA D 243 -6.94 6.04 -5.43
N ALA D 244 -7.30 6.93 -6.36
CA ALA D 244 -7.88 8.22 -5.95
C ALA D 244 -9.21 8.04 -5.25
N LYS D 245 -10.09 7.19 -5.82
CA LYS D 245 -11.39 6.98 -5.22
C LYS D 245 -11.29 6.31 -3.85
N LEU D 246 -10.37 5.36 -3.71
CA LEU D 246 -10.20 4.70 -2.42
C LEU D 246 -9.59 5.65 -1.39
N LEU D 247 -8.67 6.52 -1.82
CA LEU D 247 -8.15 7.53 -0.89
C LEU D 247 -9.26 8.47 -0.44
N HIS D 248 -10.12 8.90 -1.37
CA HIS D 248 -11.23 9.77 -1.00
C HIS D 248 -12.16 9.07 -0.04
N ARG D 249 -12.47 7.79 -0.30
CA ARG D 249 -13.35 7.04 0.57
C ARG D 249 -12.76 6.86 1.97
N GLU D 250 -11.47 6.54 2.05
CA GLU D 250 -10.87 6.37 3.37
C GLU D 250 -10.84 7.70 4.13
N ARG D 251 -10.59 8.81 3.42
CA ARG D 251 -10.66 10.12 4.04
C ARG D 251 -12.06 10.40 4.59
N VAL D 252 -13.09 10.16 3.78
CA VAL D 252 -14.45 10.46 4.19
C VAL D 252 -14.88 9.58 5.36
N GLU D 253 -14.54 8.29 5.31
CA GLU D 253 -14.85 7.40 6.43
C GLU D 253 -14.13 7.83 7.70
N ARG D 254 -12.85 8.19 7.61
CA ARG D 254 -12.15 8.67 8.79
C ARG D 254 -12.83 9.88 9.39
N VAL D 255 -13.15 10.87 8.55
CA VAL D 255 -13.78 12.10 9.03
C VAL D 255 -15.15 11.80 9.64
N THR D 256 -15.95 10.97 8.96
CA THR D 256 -17.30 10.66 9.43
C THR D 256 -17.26 9.91 10.75
N ALA D 257 -16.36 8.93 10.87
CA ALA D 257 -16.24 8.20 12.13
C ALA D 257 -15.83 9.13 13.26
N PHE D 258 -14.85 10.01 13.01
CA PHE D 258 -14.42 10.93 14.05
C PHE D 258 -15.55 11.87 14.46
N LEU D 259 -16.29 12.40 13.49
CA LEU D 259 -17.40 13.28 13.82
C LEU D 259 -18.51 12.54 14.55
N SER D 260 -18.70 11.24 14.25
CA SER D 260 -19.65 10.44 14.99
C SER D 260 -19.21 10.28 16.44
N TYR D 261 -17.91 10.10 16.67
CA TYR D 261 -17.41 10.05 18.05
C TYR D 261 -17.68 11.36 18.78
N LYS D 262 -17.45 12.50 18.12
CA LYS D 262 -17.68 13.81 18.71
C LYS D 262 -19.15 14.17 18.81
N ARG D 263 -20.07 13.27 18.44
CA ARG D 263 -21.51 13.51 18.56
C ARG D 263 -21.96 14.73 17.76
N ILE D 264 -21.35 14.93 16.59
CA ILE D 264 -21.75 16.01 15.71
C ILE D 264 -23.15 15.76 15.19
N SER D 265 -23.95 16.82 15.08
CA SER D 265 -25.32 16.68 14.61
C SER D 265 -25.36 16.23 13.16
N PRO D 266 -26.38 15.46 12.77
CA PRO D 266 -26.44 14.94 11.39
C PRO D 266 -26.57 16.01 10.32
N GLU D 267 -27.08 17.21 10.62
CA GLU D 267 -27.13 18.25 9.59
C GLU D 267 -25.73 18.69 9.18
N LEU D 268 -24.87 18.96 10.15
CA LEU D 268 -23.50 19.35 9.84
C LEU D 268 -22.75 18.20 9.16
N GLN D 269 -23.02 16.96 9.58
CA GLN D 269 -22.42 15.81 8.92
C GLN D 269 -22.86 15.73 7.47
N ARG D 270 -24.15 16.01 7.20
CA ARG D 270 -24.62 16.02 5.82
C ARG D 270 -23.95 17.11 5.01
N ARG D 271 -23.77 18.29 5.60
CA ARG D 271 -23.08 19.36 4.90
C ARG D 271 -21.64 18.99 4.58
N ILE D 272 -20.97 18.30 5.51
CA ILE D 272 -19.59 17.88 5.27
C ILE D 272 -19.53 16.78 4.20
N ILE D 273 -20.51 15.87 4.21
CA ILE D 273 -20.57 14.81 3.22
C ILE D 273 -20.77 15.41 1.83
N GLU D 274 -21.68 16.39 1.72
CA GLU D 274 -21.91 17.01 0.42
C GLU D 274 -20.71 17.86 -0.01
N TYR D 275 -19.97 18.42 0.95
CA TYR D 275 -18.71 19.07 0.61
C TYR D 275 -17.71 18.09 0.00
N PHE D 276 -17.57 16.91 0.60
CA PHE D 276 -16.66 15.92 0.03
C PHE D 276 -17.16 15.42 -1.33
N ASP D 277 -18.48 15.32 -1.49
CA ASP D 277 -19.05 14.96 -2.79
C ASP D 277 -18.66 16.00 -3.85
N TYR D 278 -18.79 17.28 -3.50
CA TYR D 278 -18.36 18.35 -4.40
C TYR D 278 -16.87 18.24 -4.72
N LEU D 279 -16.05 18.00 -3.70
CA LEU D 279 -14.62 17.93 -3.91
C LEU D 279 -14.26 16.78 -4.84
N TRP D 280 -14.91 15.63 -4.68
CA TRP D 280 -14.69 14.51 -5.58
C TRP D 280 -15.14 14.83 -7.00
N GLU D 281 -16.38 15.30 -7.15
CA GLU D 281 -16.93 15.49 -8.49
C GLU D 281 -16.22 16.61 -9.24
N THR D 282 -15.58 17.53 -8.53
CA THR D 282 -14.87 18.60 -9.23
C THR D 282 -13.41 18.25 -9.48
N ARG D 283 -12.68 17.82 -8.44
CA ARG D 283 -11.23 17.70 -8.57
C ARG D 283 -10.67 16.42 -7.96
N ARG D 284 -11.47 15.35 -7.93
CA ARG D 284 -11.02 14.03 -7.50
C ARG D 284 -10.50 14.04 -6.05
N GLY D 285 -10.96 14.99 -5.25
CA GLY D 285 -10.59 15.04 -3.86
C GLY D 285 -9.20 15.57 -3.56
N TYR D 286 -8.47 16.05 -4.57
CA TYR D 286 -7.13 16.55 -4.37
C TYR D 286 -7.14 17.93 -3.71
N GLU D 287 -6.22 18.15 -2.79
CA GLU D 287 -6.07 19.42 -2.10
C GLU D 287 -5.17 20.35 -2.92
N GLU D 288 -5.69 21.53 -3.25
CA GLU D 288 -4.89 22.52 -3.97
C GLU D 288 -3.59 22.83 -3.23
N ARG D 289 -3.70 22.99 -1.90
CA ARG D 289 -2.53 23.31 -1.08
C ARG D 289 -1.44 22.26 -1.23
N GLU D 290 -1.81 20.99 -1.38
CA GLU D 290 -0.82 19.93 -1.51
C GLU D 290 -0.38 19.71 -2.94
N VAL D 291 -1.26 19.91 -3.92
CA VAL D 291 -0.88 19.74 -5.31
C VAL D 291 0.13 20.81 -5.71
N LEU D 292 -0.09 22.07 -5.29
CA LEU D 292 0.81 23.14 -5.71
C LEU D 292 2.20 23.01 -5.08
N LYS D 293 2.34 22.29 -3.96
CA LYS D 293 3.65 22.07 -3.39
C LYS D 293 4.50 21.10 -4.19
N GLU D 294 3.88 20.32 -5.08
CA GLU D 294 4.63 19.37 -5.89
C GLU D 294 5.26 20.00 -7.12
N LEU D 295 5.03 21.30 -7.36
CA LEU D 295 5.63 22.05 -8.45
C LEU D 295 6.78 22.90 -7.94
N PRO D 296 7.80 23.12 -8.76
CA PRO D 296 8.86 24.06 -8.39
C PRO D 296 8.38 25.49 -8.47
N HIS D 297 9.10 26.38 -7.78
CA HIS D 297 8.70 27.78 -7.67
C HIS D 297 8.41 28.47 -8.99
N PRO D 298 9.23 28.35 -10.05
CA PRO D 298 8.85 29.00 -11.31
C PRO D 298 7.56 28.44 -11.90
N LEU D 299 7.36 27.12 -11.87
CA LEU D 299 6.13 26.57 -12.41
C LEU D 299 4.94 26.87 -11.51
N ARG D 300 5.15 26.87 -10.19
CA ARG D 300 4.08 27.27 -9.28
C ARG D 300 3.66 28.71 -9.52
N LEU D 301 4.62 29.59 -9.75
CA LEU D 301 4.32 30.98 -10.06
C LEU D 301 3.58 31.11 -11.39
N ALA D 302 4.01 30.35 -12.40
CA ALA D 302 3.31 30.38 -13.69
C ALA D 302 1.86 29.91 -13.53
N VAL D 303 1.64 28.83 -12.79
CA VAL D 303 0.28 28.32 -12.59
C VAL D 303 -0.56 29.33 -11.82
N ALA D 304 0.01 29.92 -10.77
CA ALA D 304 -0.75 30.87 -9.96
C ALA D 304 -1.09 32.12 -10.78
N MET D 305 -0.16 32.58 -11.61
CA MET D 305 -0.45 33.71 -12.50
C MET D 305 -1.51 33.34 -13.53
N GLU D 306 -1.53 32.09 -13.98
CA GLU D 306 -2.52 31.65 -14.94
C GLU D 306 -3.92 31.62 -14.32
N ILE D 307 -4.03 31.04 -13.13
CA ILE D 307 -5.33 30.92 -12.47
C ILE D 307 -5.89 32.30 -12.13
N HIS D 308 -5.08 33.11 -11.47
CA HIS D 308 -5.49 34.47 -11.11
C HIS D 308 -5.12 35.45 -12.22
N GLY D 309 -5.71 35.21 -13.39
CA GLY D 309 -5.43 36.02 -14.56
C GLY D 309 -6.30 37.27 -14.62
N ASP D 310 -5.69 38.42 -14.36
CA ASP D 310 -6.26 39.76 -14.38
C ASP D 310 -7.18 40.00 -13.18
N VAL D 311 -7.46 39.00 -12.35
CA VAL D 311 -8.36 39.19 -11.22
C VAL D 311 -7.73 40.08 -10.16
N ILE D 312 -6.41 39.97 -9.97
CA ILE D 312 -5.70 40.83 -9.02
C ILE D 312 -5.13 42.06 -9.71
N GLU D 313 -4.98 42.04 -11.03
CA GLU D 313 -4.55 43.20 -11.79
C GLU D 313 -5.71 44.08 -12.24
N LYS D 314 -6.94 43.76 -11.83
CA LYS D 314 -8.09 44.64 -12.05
C LYS D 314 -8.59 45.29 -10.77
N VAL D 315 -7.97 45.00 -9.63
CA VAL D 315 -8.45 45.55 -8.35
C VAL D 315 -8.10 47.04 -8.29
N PRO D 316 -9.07 47.91 -7.98
CA PRO D 316 -8.76 49.35 -7.91
C PRO D 316 -7.78 49.72 -6.80
N LEU D 317 -7.62 48.87 -5.79
CA LEU D 317 -6.73 49.19 -4.67
C LEU D 317 -5.29 49.35 -5.16
N PHE D 318 -4.86 48.47 -6.07
CA PHE D 318 -3.48 48.47 -6.54
C PHE D 318 -3.38 48.33 -8.07
N LYS D 319 -4.29 48.97 -8.80
CA LYS D 319 -4.20 49.01 -10.27
C LYS D 319 -2.82 49.43 -10.76
N GLY D 320 -2.23 50.45 -10.14
CA GLY D 320 -0.97 51.00 -10.56
C GLY D 320 0.27 50.27 -10.11
N ALA D 321 0.11 49.16 -9.39
CA ALA D 321 1.24 48.46 -8.80
C ALA D 321 2.09 47.79 -9.88
N GLY D 322 3.38 47.63 -9.56
CA GLY D 322 4.27 46.92 -10.45
C GLY D 322 4.03 45.43 -10.44
N GLU D 323 4.49 44.77 -11.50
CA GLU D 323 4.29 43.33 -11.64
C GLU D 323 4.99 42.53 -10.54
N GLU D 324 6.04 43.08 -9.94
CA GLU D 324 6.70 42.40 -8.82
C GLU D 324 5.75 42.23 -7.64
N PHE D 325 5.08 43.33 -7.27
CA PHE D 325 4.09 43.27 -6.19
C PHE D 325 2.95 42.33 -6.55
N ILE D 326 2.54 42.35 -7.82
CA ILE D 326 1.48 41.45 -8.28
C ILE D 326 1.89 39.99 -8.09
N ARG D 327 3.12 39.66 -8.49
CA ARG D 327 3.60 38.28 -8.32
C ARG D 327 3.66 37.89 -6.85
N ASP D 328 4.14 38.79 -5.99
CA ASP D 328 4.25 38.49 -4.58
C ASP D 328 2.86 38.29 -3.95
N ILE D 329 1.89 39.10 -4.36
CA ILE D 329 0.52 38.92 -3.90
C ILE D 329 -0.04 37.58 -4.39
N ILE D 330 0.18 37.28 -5.67
CA ILE D 330 -0.38 36.08 -6.28
C ILE D 330 0.13 34.83 -5.60
N LEU D 331 1.39 34.82 -5.19
CA LEU D 331 1.94 33.62 -4.57
C LEU D 331 1.34 33.33 -3.19
N HIS D 332 0.71 34.32 -2.55
CA HIS D 332 0.24 34.16 -1.18
C HIS D 332 -1.28 33.97 -1.06
N LEU D 333 -2.00 33.91 -2.18
CA LEU D 333 -3.45 33.69 -2.10
C LEU D 333 -3.75 32.27 -1.64
N GLU D 334 -4.64 32.14 -0.62
CA GLU D 334 -4.96 30.84 -0.05
C GLU D 334 -6.29 30.33 -0.57
N PRO D 335 -6.36 29.14 -1.15
CA PRO D 335 -7.65 28.64 -1.64
C PRO D 335 -8.54 28.17 -0.49
N VAL D 336 -9.84 28.45 -0.62
CA VAL D 336 -10.82 28.02 0.36
C VAL D 336 -12.16 27.78 -0.37
N ILE D 337 -12.87 26.74 0.04
CA ILE D 337 -14.15 26.37 -0.56
C ILE D 337 -15.24 26.62 0.46
N TYR D 338 -16.26 27.39 0.06
CA TYR D 338 -17.43 27.64 0.90
C TYR D 338 -18.64 26.92 0.32
N GLY D 339 -19.41 26.26 1.19
CA GLY D 339 -20.58 25.55 0.76
C GLY D 339 -21.77 26.46 0.57
N PRO D 340 -22.84 25.90 0.00
CA PRO D 340 -24.04 26.69 -0.25
C PRO D 340 -24.60 27.32 1.03
N GLY D 341 -24.86 28.62 0.96
CA GLY D 341 -25.45 29.33 2.07
C GLY D 341 -24.51 29.65 3.22
N GLU D 342 -23.24 29.26 3.12
CA GLU D 342 -22.29 29.56 4.19
C GLU D 342 -21.92 31.04 4.18
N TYR D 343 -21.80 31.61 5.37
CA TYR D 343 -21.47 33.03 5.52
C TYR D 343 -19.96 33.21 5.38
N ILE D 344 -19.54 33.94 4.35
CA ILE D 344 -18.13 34.30 4.22
C ILE D 344 -17.82 35.53 5.06
N ILE D 345 -18.69 36.53 5.01
CA ILE D 345 -18.54 37.76 5.77
C ILE D 345 -19.89 38.11 6.38
N ARG D 346 -19.90 38.50 7.65
CA ARG D 346 -21.07 39.01 8.32
C ARG D 346 -20.86 40.48 8.68
N ALA D 347 -21.91 41.29 8.49
CA ALA D 347 -21.82 42.71 8.75
C ALA D 347 -21.48 42.97 10.20
N GLY D 348 -20.65 44.00 10.42
CA GLY D 348 -20.21 44.36 11.74
C GLY D 348 -19.02 43.59 12.29
N GLU D 349 -18.63 42.51 11.61
CA GLU D 349 -17.45 41.76 12.04
C GLU D 349 -16.18 42.58 11.83
N MET D 350 -15.21 42.38 12.70
CA MET D 350 -13.92 43.08 12.63
C MET D 350 -13.00 42.37 11.63
N GLY D 351 -13.48 42.26 10.39
CA GLY D 351 -12.80 41.47 9.39
C GLY D 351 -11.51 42.11 8.88
N SER D 352 -10.69 41.26 8.23
CA SER D 352 -9.38 41.71 7.76
C SER D 352 -8.97 41.09 6.43
N ASP D 353 -9.84 40.32 5.78
CA ASP D 353 -9.44 39.56 4.58
C ASP D 353 -10.22 40.02 3.37
N VAL D 354 -9.55 40.01 2.22
CA VAL D 354 -10.18 40.24 0.92
C VAL D 354 -10.31 38.89 0.23
N TYR D 355 -11.38 38.72 -0.54
CA TYR D 355 -11.70 37.45 -1.16
C TYR D 355 -11.83 37.61 -2.68
N PHE D 356 -11.27 36.66 -3.42
CA PHE D 356 -11.39 36.61 -4.87
C PHE D 356 -12.18 35.37 -5.26
N ILE D 357 -13.21 35.57 -6.08
CA ILE D 357 -14.08 34.48 -6.51
C ILE D 357 -13.45 33.81 -7.73
N ASN D 358 -12.96 32.58 -7.56
CA ASN D 358 -12.45 31.82 -8.68
C ASN D 358 -13.54 31.00 -9.36
N ARG D 359 -14.51 30.50 -8.59
CA ARG D 359 -15.67 29.83 -9.17
C ARG D 359 -16.82 29.92 -8.18
N GLY D 360 -18.03 29.77 -8.70
CA GLY D 360 -19.23 29.98 -7.93
C GLY D 360 -19.61 31.45 -7.84
N SER D 361 -20.61 31.73 -7.02
CA SER D 361 -21.10 33.09 -6.88
C SER D 361 -21.57 33.31 -5.45
N VAL D 362 -21.51 34.58 -5.04
CA VAL D 362 -21.89 34.98 -3.69
C VAL D 362 -22.88 36.13 -3.79
N GLU D 363 -23.67 36.30 -2.72
CA GLU D 363 -24.59 37.41 -2.60
C GLU D 363 -24.13 38.33 -1.49
N VAL D 364 -24.10 39.63 -1.77
CA VAL D 364 -23.84 40.67 -0.79
C VAL D 364 -25.18 41.18 -0.30
N LEU D 365 -25.39 41.10 1.02
CA LEU D 365 -26.67 41.29 1.69
C LEU D 365 -26.53 42.35 2.76
N SER D 366 -27.65 42.99 3.08
CA SER D 366 -27.70 43.98 4.15
C SER D 366 -27.33 43.34 5.50
N ALA D 367 -27.12 44.21 6.49
CA ALA D 367 -26.76 43.75 7.82
C ALA D 367 -27.85 42.90 8.47
N ASP D 368 -29.11 43.11 8.09
CA ASP D 368 -30.20 42.27 8.54
C ASP D 368 -30.55 41.16 7.56
N GLU D 369 -29.86 41.08 6.44
CA GLU D 369 -30.02 40.06 5.40
C GLU D 369 -31.41 40.07 4.77
N LYS D 370 -32.23 41.09 5.06
CA LYS D 370 -33.57 41.17 4.48
C LYS D 370 -33.56 41.70 3.05
N THR D 371 -32.45 42.25 2.58
CA THR D 371 -32.35 42.70 1.19
C THR D 371 -30.98 42.35 0.66
N ARG D 372 -30.90 42.17 -0.66
CA ARG D 372 -29.67 41.74 -1.32
C ARG D 372 -29.10 42.93 -2.08
N TYR D 373 -27.93 43.39 -1.63
CA TYR D 373 -27.29 44.51 -2.33
C TYR D 373 -26.80 44.09 -3.70
N ALA D 374 -26.18 42.91 -3.81
CA ALA D 374 -25.57 42.56 -5.09
C ALA D 374 -25.35 41.06 -5.17
N ILE D 375 -25.08 40.58 -6.38
CA ILE D 375 -24.55 39.25 -6.62
C ILE D 375 -23.22 39.39 -7.35
N LEU D 376 -22.19 38.72 -6.82
CA LEU D 376 -20.87 38.70 -7.42
C LEU D 376 -20.56 37.29 -7.91
N SER D 377 -19.87 37.20 -9.03
CA SER D 377 -19.66 35.91 -9.70
C SER D 377 -18.19 35.71 -10.00
N GLU D 378 -17.90 34.64 -10.75
CA GLU D 378 -16.55 34.25 -11.12
C GLU D 378 -15.76 35.41 -11.70
N GLY D 379 -14.56 35.64 -11.14
CA GLY D 379 -13.70 36.71 -11.58
C GLY D 379 -13.85 38.01 -10.83
N GLN D 380 -14.78 38.11 -9.88
CA GLN D 380 -14.96 39.31 -9.08
C GLN D 380 -14.38 39.12 -7.69
N PHE D 381 -14.39 40.20 -6.91
CA PHE D 381 -13.74 40.21 -5.61
C PHE D 381 -14.53 41.08 -4.65
N PHE D 382 -14.34 40.84 -3.35
CA PHE D 382 -15.00 41.60 -2.31
C PHE D 382 -14.13 41.58 -1.06
N GLY D 383 -14.38 42.54 -0.17
CA GLY D 383 -13.60 42.67 1.04
C GLY D 383 -12.35 43.51 0.91
N GLU D 384 -12.28 44.36 -0.11
CA GLU D 384 -11.06 45.16 -0.36
C GLU D 384 -10.86 46.20 0.76
N MET D 385 -11.96 46.68 1.36
CA MET D 385 -11.86 47.75 2.39
C MET D 385 -11.03 47.25 3.59
N ALA D 386 -11.14 45.96 3.94
CA ALA D 386 -10.44 45.42 5.13
C ALA D 386 -8.92 45.61 4.99
N LEU D 387 -8.40 45.61 3.76
CA LEU D 387 -6.93 45.69 3.57
C LEU D 387 -6.42 47.10 3.92
N ILE D 388 -7.14 48.15 3.53
CA ILE D 388 -6.67 49.51 3.77
C ILE D 388 -7.12 50.00 5.14
N LEU D 389 -8.40 49.88 5.44
CA LEU D 389 -8.94 50.34 6.72
C LEU D 389 -8.81 49.23 7.76
N ARG D 390 -9.39 49.45 8.93
CA ARG D 390 -9.49 48.45 9.99
C ARG D 390 -10.90 48.47 10.54
N ALA D 391 -11.84 48.96 9.72
CA ALA D 391 -13.23 49.23 10.06
C ALA D 391 -14.06 47.95 10.04
N PRO D 392 -15.25 47.97 10.66
CA PRO D 392 -16.13 46.80 10.59
C PRO D 392 -16.64 46.56 9.17
N ARG D 393 -17.01 45.30 8.92
CA ARG D 393 -17.49 44.91 7.60
C ARG D 393 -18.79 45.64 7.26
N THR D 394 -18.85 46.17 6.03
CA THR D 394 -19.99 46.99 5.64
C THR D 394 -21.25 46.16 5.39
N ALA D 395 -21.10 44.94 4.88
CA ALA D 395 -22.26 44.15 4.51
C ALA D 395 -21.93 42.67 4.61
N THR D 396 -22.98 41.87 4.73
CA THR D 396 -22.83 40.42 4.83
C THR D 396 -22.55 39.83 3.44
N VAL D 397 -21.74 38.78 3.41
CA VAL D 397 -21.48 38.03 2.18
C VAL D 397 -21.80 36.56 2.43
N ARG D 398 -22.64 35.98 1.57
CA ARG D 398 -23.09 34.61 1.74
C ARG D 398 -23.00 33.86 0.42
N ALA D 399 -22.49 32.64 0.46
CA ALA D 399 -22.28 31.88 -0.76
C ALA D 399 -23.61 31.43 -1.36
N ARG D 400 -23.76 31.63 -2.68
CA ARG D 400 -24.93 31.13 -3.37
C ARG D 400 -24.87 29.61 -3.51
N ALA D 401 -23.68 29.08 -3.81
CA ALA D 401 -23.46 27.64 -3.90
C ALA D 401 -22.01 27.37 -3.51
N PHE D 402 -21.51 26.20 -3.89
CA PHE D 402 -20.10 25.90 -3.64
C PHE D 402 -19.21 26.87 -4.38
N CYS D 403 -18.51 27.72 -3.62
CA CYS D 403 -17.64 28.75 -4.17
C CYS D 403 -16.18 28.39 -3.90
N ASP D 404 -15.38 28.37 -4.97
CA ASP D 404 -13.94 28.31 -4.86
C ASP D 404 -13.42 29.74 -4.80
N LEU D 405 -12.90 30.14 -3.65
CA LEU D 405 -12.48 31.49 -3.36
C LEU D 405 -11.00 31.51 -2.98
N TYR D 406 -10.38 32.67 -3.11
CA TYR D 406 -9.02 32.87 -2.65
C TYR D 406 -8.97 33.99 -1.61
N ARG D 407 -8.32 33.71 -0.49
CA ARG D 407 -8.27 34.58 0.66
C ARG D 407 -6.89 35.19 0.79
N LEU D 408 -6.86 36.50 1.04
CA LEU D 408 -5.63 37.24 1.34
C LEU D 408 -5.81 37.93 2.68
N ASP D 409 -4.96 37.59 3.65
CA ASP D 409 -5.04 38.15 4.98
C ASP D 409 -4.28 39.47 5.06
N LYS D 410 -4.83 40.42 5.81
CA LYS D 410 -4.17 41.72 5.96
C LYS D 410 -2.79 41.57 6.60
N GLU D 411 -2.58 40.56 7.43
CA GLU D 411 -1.27 40.33 8.01
C GLU D 411 -0.24 40.04 6.92
N THR D 412 -0.61 39.17 5.96
CA THR D 412 0.28 38.86 4.85
C THR D 412 0.35 40.02 3.85
N PHE D 413 -0.75 40.75 3.68
CA PHE D 413 -0.72 41.94 2.83
C PHE D 413 0.24 42.99 3.38
N ASP D 414 0.23 43.19 4.70
CA ASP D 414 1.19 44.10 5.33
C ASP D 414 2.62 43.58 5.21
N ARG D 415 2.80 42.27 5.39
CA ARG D 415 4.13 41.70 5.18
C ARG D 415 4.64 41.99 3.78
N ILE D 416 3.77 41.87 2.77
CA ILE D 416 4.17 42.14 1.39
C ILE D 416 4.42 43.63 1.19
N LEU D 417 3.56 44.50 1.75
CA LEU D 417 3.75 45.93 1.62
C LEU D 417 5.05 46.39 2.26
N SER D 418 5.54 45.64 3.25
CA SER D 418 6.77 46.01 3.93
C SER D 418 7.96 46.12 2.98
N ARG D 419 7.93 45.41 1.85
CA ARG D 419 9.02 45.43 0.89
C ARG D 419 8.73 46.27 -0.35
N TYR D 420 7.56 46.91 -0.42
CA TYR D 420 7.21 47.83 -1.51
C TYR D 420 6.76 49.15 -0.92
N PRO D 421 7.71 49.99 -0.49
CA PRO D 421 7.32 51.28 0.12
C PRO D 421 6.48 52.17 -0.80
N GLU D 422 6.73 52.15 -2.11
CA GLU D 422 5.93 52.98 -3.01
C GLU D 422 4.48 52.56 -3.01
N ILE D 423 4.22 51.25 -3.04
CA ILE D 423 2.85 50.76 -3.04
C ILE D 423 2.19 51.03 -1.68
N ALA D 424 2.97 50.93 -0.60
CA ALA D 424 2.44 51.27 0.72
C ALA D 424 2.03 52.74 0.78
N ALA D 425 2.85 53.62 0.21
CA ALA D 425 2.49 55.04 0.16
C ALA D 425 1.23 55.26 -0.68
N GLN D 426 1.14 54.56 -1.81
CA GLN D 426 -0.04 54.68 -2.67
C GLN D 426 -1.30 54.27 -1.90
N ILE D 427 -1.26 53.11 -1.25
CA ILE D 427 -2.44 52.62 -0.54
C ILE D 427 -2.77 53.48 0.67
N GLN D 428 -1.74 54.06 1.33
CA GLN D 428 -2.01 54.97 2.44
C GLN D 428 -2.66 56.25 1.95
N GLU D 429 -2.24 56.74 0.78
CA GLU D 429 -2.87 57.92 0.19
C GLU D 429 -4.32 57.62 -0.17
N LEU D 430 -4.59 56.42 -0.69
CA LEU D 430 -5.97 56.02 -0.95
C LEU D 430 -6.78 55.99 0.33
N ALA D 431 -6.20 55.47 1.41
CA ALA D 431 -6.87 55.44 2.71
C ALA D 431 -6.89 56.83 3.34
#